data_1WQ8
# 
_entry.id   1WQ8 
# 
_audit_conform.dict_name       mmcif_pdbx.dic 
_audit_conform.dict_version    5.397 
_audit_conform.dict_location   http://mmcif.pdb.org/dictionaries/ascii/mmcif_pdbx.dic 
# 
loop_
_database_2.database_id 
_database_2.database_code 
_database_2.pdbx_database_accession 
_database_2.pdbx_DOI 
PDB   1WQ8         pdb_00001wq8 10.2210/pdb1wq8/pdb 
RCSB  RCSB023875   ?            ?                   
WWPDB D_1000023875 ?            ?                   
# 
loop_
_pdbx_audit_revision_history.ordinal 
_pdbx_audit_revision_history.data_content_type 
_pdbx_audit_revision_history.major_revision 
_pdbx_audit_revision_history.minor_revision 
_pdbx_audit_revision_history.revision_date 
1 'Structure model' 1 0 2004-12-07 
2 'Structure model' 1 1 2008-04-30 
3 'Structure model' 1 2 2011-07-13 
4 'Structure model' 2 0 2019-12-25 
5 'Structure model' 2 1 2024-04-03 
6 'Structure model' 2 2 2024-10-23 
# 
_pdbx_audit_revision_details.ordinal             1 
_pdbx_audit_revision_details.revision_ordinal    1 
_pdbx_audit_revision_details.data_content_type   'Structure model' 
_pdbx_audit_revision_details.provider            repository 
_pdbx_audit_revision_details.type                'Initial release' 
_pdbx_audit_revision_details.description         ? 
_pdbx_audit_revision_details.details             ? 
# 
loop_
_pdbx_audit_revision_group.ordinal 
_pdbx_audit_revision_group.revision_ordinal 
_pdbx_audit_revision_group.data_content_type 
_pdbx_audit_revision_group.group 
1  2 'Structure model' 'Version format compliance' 
2  3 'Structure model' 'Derived calculations'      
3  3 'Structure model' 'Version format compliance' 
4  4 'Structure model' 'Derived calculations'      
5  4 'Structure model' 'Polymer sequence'          
6  5 'Structure model' 'Data collection'           
7  5 'Structure model' 'Database references'       
8  5 'Structure model' 'Derived calculations'      
9  5 'Structure model' 'Refinement description'    
10 6 'Structure model' 'Structure summary'         
# 
loop_
_pdbx_audit_revision_category.ordinal 
_pdbx_audit_revision_category.revision_ordinal 
_pdbx_audit_revision_category.data_content_type 
_pdbx_audit_revision_category.category 
1  4 'Structure model' entity_poly                   
2  4 'Structure model' pdbx_struct_mod_residue       
3  4 'Structure model' struct_conn                   
4  5 'Structure model' chem_comp_atom                
5  5 'Structure model' chem_comp_bond                
6  5 'Structure model' database_2                    
7  5 'Structure model' pdbx_initial_refinement_model 
8  5 'Structure model' struct_site                   
9  6 'Structure model' pdbx_entry_details            
10 6 'Structure model' pdbx_modification_feature     
# 
loop_
_pdbx_audit_revision_item.ordinal 
_pdbx_audit_revision_item.revision_ordinal 
_pdbx_audit_revision_item.data_content_type 
_pdbx_audit_revision_item.item 
1 4 'Structure model' '_entity_poly.pdbx_seq_one_letter_code_can' 
2 4 'Structure model' '_pdbx_struct_mod_residue.parent_comp_id'   
3 4 'Structure model' '_struct_conn.pdbx_leaving_atom_flag'       
4 5 'Structure model' '_database_2.pdbx_DOI'                      
5 5 'Structure model' '_database_2.pdbx_database_accession'       
6 5 'Structure model' '_struct_site.pdbx_auth_asym_id'            
7 5 'Structure model' '_struct_site.pdbx_auth_comp_id'            
8 5 'Structure model' '_struct_site.pdbx_auth_seq_id'             
# 
_pdbx_database_status.status_code                     REL 
_pdbx_database_status.entry_id                        1WQ8 
_pdbx_database_status.recvd_initial_deposition_date   2004-09-23 
_pdbx_database_status.deposit_site                    PDBJ 
_pdbx_database_status.process_site                    PDBJ 
_pdbx_database_status.status_code_sf                  REL 
_pdbx_database_status.SG_entry                        . 
_pdbx_database_status.pdb_format_compatible           Y 
_pdbx_database_status.status_code_mr                  ? 
_pdbx_database_status.status_code_cs                  ? 
_pdbx_database_status.methods_development_category    ? 
_pdbx_database_status.status_code_nmr_data            ? 
# 
_pdbx_database_related.db_name        PDB 
_pdbx_database_related.db_id          1WQ9 
_pdbx_database_related.details        'VR-1, a VEGF-F from a snake venom' 
_pdbx_database_related.content_type   unspecified 
# 
loop_
_audit_author.name 
_audit_author.pdbx_ordinal 
'Suto, K.'     1 
'Yamazaki, Y.' 2 
'Morita, T.'   3 
'Mizuno, H.'   4 
# 
loop_
_citation.id 
_citation.title 
_citation.journal_abbrev 
_citation.journal_volume 
_citation.page_first 
_citation.page_last 
_citation.year 
_citation.journal_id_ASTM 
_citation.country 
_citation.journal_id_ISSN 
_citation.journal_id_CSD 
_citation.book_publisher 
_citation.pdbx_database_id_PubMed 
_citation.pdbx_database_id_DOI 
primary 
;Crystal structures of novel vascular endothelial growth factors (VEGF) from snake venoms: insight into selective VEGF binding to kinase insert domain-containing receptor but not to fms-like tyrosine kinase-1.
;
J.Biol.Chem. 280 2126  2131  2005 JBCHA3 US 0021-9258 0071 ? 15542594 10.1074/jbc.M411395200 
1       
;Snake venom vascular endothelial growth factors (VEGFs) exhibit potent activity through their specific recognition of KDR (VEGF receptor 2)
;
J.Biol.Chem. 278 51985 51988 2003 JBCHA3 US 0021-9258 0071 ? 14600159 10.1074/jbc.C300454200 
# 
loop_
_citation_author.citation_id 
_citation_author.name 
_citation_author.ordinal 
_citation_author.identifier_ORCID 
primary 'Suto, K.'     1 ? 
primary 'Yamazaki, Y.' 2 ? 
primary 'Morita, T.'   3 ? 
primary 'Mizuno, H.'   4 ? 
1       'Yamazaki, Y.' 5 ? 
1       'Takani, K.'   6 ? 
1       'Atoda, H.'    7 ? 
1       'Morita, T.'   8 ? 
# 
loop_
_entity.id 
_entity.type 
_entity.src_method 
_entity.pdbx_description 
_entity.formula_weight 
_entity.pdbx_number_of_molecules 
_entity.pdbx_ec 
_entity.pdbx_mutation 
_entity.pdbx_fragment 
_entity.details 
1 polymer     nat 'Vascular endothelial growth factor toxin' 12575.499 1   ? ? ? ? 
2 non-polymer syn 2-AMINO-2-HYDROXYMETHYL-PROPANE-1,3-DIOL   122.143   1   ? ? ? ? 
3 water       nat water                                      18.015    172 ? ? ? ? 
# 
_entity_name_com.entity_id   1 
_entity_name_com.name        'VR-1, VEGF-F' 
# 
_entity_poly.entity_id                      1 
_entity_poly.type                           'polypeptide(L)' 
_entity_poly.nstd_linkage                   no 
_entity_poly.nstd_monomer                   yes 
_entity_poly.pdbx_seq_one_letter_code       
;(PCA)VRPFLEVHERSACQARETLVPILQEYPDEISDIFRPSCVAVLRCSGCCTDESLKCTPVGKHTVDIQIMRVNPRTQ
SSKMEVMKFTEHTACECRPRRKQGEPDGPKEKPR
;
_entity_poly.pdbx_seq_one_letter_code_can   
;QVRPFLEVHERSACQARETLVPILQEYPDEISDIFRPSCVAVLRCSGCCTDESLKCTPVGKHTVDIQIMRVNPRTQSSKM
EVMKFTEHTACECRPRRKQGEPDGPKEKPR
;
_entity_poly.pdbx_strand_id                 A 
_entity_poly.pdbx_target_identifier         ? 
# 
loop_
_pdbx_entity_nonpoly.entity_id 
_pdbx_entity_nonpoly.name 
_pdbx_entity_nonpoly.comp_id 
2 2-AMINO-2-HYDROXYMETHYL-PROPANE-1,3-DIOL TRS 
3 water                                    HOH 
# 
loop_
_entity_poly_seq.entity_id 
_entity_poly_seq.num 
_entity_poly_seq.mon_id 
_entity_poly_seq.hetero 
1 1   PCA n 
1 2   VAL n 
1 3   ARG n 
1 4   PRO n 
1 5   PHE n 
1 6   LEU n 
1 7   GLU n 
1 8   VAL n 
1 9   HIS n 
1 10  GLU n 
1 11  ARG n 
1 12  SER n 
1 13  ALA n 
1 14  CYS n 
1 15  GLN n 
1 16  ALA n 
1 17  ARG n 
1 18  GLU n 
1 19  THR n 
1 20  LEU n 
1 21  VAL n 
1 22  PRO n 
1 23  ILE n 
1 24  LEU n 
1 25  GLN n 
1 26  GLU n 
1 27  TYR n 
1 28  PRO n 
1 29  ASP n 
1 30  GLU n 
1 31  ILE n 
1 32  SER n 
1 33  ASP n 
1 34  ILE n 
1 35  PHE n 
1 36  ARG n 
1 37  PRO n 
1 38  SER n 
1 39  CYS n 
1 40  VAL n 
1 41  ALA n 
1 42  VAL n 
1 43  LEU n 
1 44  ARG n 
1 45  CYS n 
1 46  SER n 
1 47  GLY n 
1 48  CYS n 
1 49  CYS n 
1 50  THR n 
1 51  ASP n 
1 52  GLU n 
1 53  SER n 
1 54  LEU n 
1 55  LYS n 
1 56  CYS n 
1 57  THR n 
1 58  PRO n 
1 59  VAL n 
1 60  GLY n 
1 61  LYS n 
1 62  HIS n 
1 63  THR n 
1 64  VAL n 
1 65  ASP n 
1 66  ILE n 
1 67  GLN n 
1 68  ILE n 
1 69  MET n 
1 70  ARG n 
1 71  VAL n 
1 72  ASN n 
1 73  PRO n 
1 74  ARG n 
1 75  THR n 
1 76  GLN n 
1 77  SER n 
1 78  SER n 
1 79  LYS n 
1 80  MET n 
1 81  GLU n 
1 82  VAL n 
1 83  MET n 
1 84  LYS n 
1 85  PHE n 
1 86  THR n 
1 87  GLU n 
1 88  HIS n 
1 89  THR n 
1 90  ALA n 
1 91  CYS n 
1 92  GLU n 
1 93  CYS n 
1 94  ARG n 
1 95  PRO n 
1 96  ARG n 
1 97  ARG n 
1 98  LYS n 
1 99  GLN n 
1 100 GLY n 
1 101 GLU n 
1 102 PRO n 
1 103 ASP n 
1 104 GLY n 
1 105 PRO n 
1 106 LYS n 
1 107 GLU n 
1 108 LYS n 
1 109 PRO n 
1 110 ARG n 
# 
_entity_src_nat.entity_id                  1 
_entity_src_nat.pdbx_src_id                1 
_entity_src_nat.pdbx_alt_source_flag       sample 
_entity_src_nat.pdbx_beg_seq_num           ? 
_entity_src_nat.pdbx_end_seq_num           ? 
_entity_src_nat.common_name                ? 
_entity_src_nat.pdbx_organism_scientific   'Vipera aspis aspis' 
_entity_src_nat.pdbx_ncbi_taxonomy_id      194601 
_entity_src_nat.genus                      Vipera 
_entity_src_nat.species                    'Vipera aspis' 
_entity_src_nat.strain                     aspis 
_entity_src_nat.tissue                     ? 
_entity_src_nat.tissue_fraction            ? 
_entity_src_nat.pdbx_secretion             venom 
_entity_src_nat.pdbx_fragment              ? 
_entity_src_nat.pdbx_variant               ? 
_entity_src_nat.pdbx_cell_line             ? 
_entity_src_nat.pdbx_atcc                  ? 
_entity_src_nat.pdbx_cellular_location     ? 
_entity_src_nat.pdbx_organ                 ? 
_entity_src_nat.pdbx_organelle             ? 
_entity_src_nat.pdbx_cell                  ? 
_entity_src_nat.pdbx_plasmid_name          ? 
_entity_src_nat.pdbx_plasmid_details       ? 
_entity_src_nat.details                    ? 
# 
loop_
_chem_comp.id 
_chem_comp.type 
_chem_comp.mon_nstd_flag 
_chem_comp.name 
_chem_comp.pdbx_synonyms 
_chem_comp.formula 
_chem_comp.formula_weight 
ALA 'L-peptide linking' y ALANINE                                  ?             'C3 H7 N O2'     89.093  
ARG 'L-peptide linking' y ARGININE                                 ?             'C6 H15 N4 O2 1' 175.209 
ASN 'L-peptide linking' y ASPARAGINE                               ?             'C4 H8 N2 O3'    132.118 
ASP 'L-peptide linking' y 'ASPARTIC ACID'                          ?             'C4 H7 N O4'     133.103 
CYS 'L-peptide linking' y CYSTEINE                                 ?             'C3 H7 N O2 S'   121.158 
GLN 'L-peptide linking' y GLUTAMINE                                ?             'C5 H10 N2 O3'   146.144 
GLU 'L-peptide linking' y 'GLUTAMIC ACID'                          ?             'C5 H9 N O4'     147.129 
GLY 'peptide linking'   y GLYCINE                                  ?             'C2 H5 N O2'     75.067  
HIS 'L-peptide linking' y HISTIDINE                                ?             'C6 H10 N3 O2 1' 156.162 
HOH non-polymer         . WATER                                    ?             'H2 O'           18.015  
ILE 'L-peptide linking' y ISOLEUCINE                               ?             'C6 H13 N O2'    131.173 
LEU 'L-peptide linking' y LEUCINE                                  ?             'C6 H13 N O2'    131.173 
LYS 'L-peptide linking' y LYSINE                                   ?             'C6 H15 N2 O2 1' 147.195 
MET 'L-peptide linking' y METHIONINE                               ?             'C5 H11 N O2 S'  149.211 
PCA 'L-peptide linking' n 'PYROGLUTAMIC ACID'                      ?             'C5 H7 N O3'     129.114 
PHE 'L-peptide linking' y PHENYLALANINE                            ?             'C9 H11 N O2'    165.189 
PRO 'L-peptide linking' y PROLINE                                  ?             'C5 H9 N O2'     115.130 
SER 'L-peptide linking' y SERINE                                   ?             'C3 H7 N O3'     105.093 
THR 'L-peptide linking' y THREONINE                                ?             'C4 H9 N O3'     119.119 
TRS non-polymer         . 2-AMINO-2-HYDROXYMETHYL-PROPANE-1,3-DIOL 'TRIS BUFFER' 'C4 H12 N O3 1'  122.143 
TYR 'L-peptide linking' y TYROSINE                                 ?             'C9 H11 N O3'    181.189 
VAL 'L-peptide linking' y VALINE                                   ?             'C5 H11 N O2'    117.146 
# 
loop_
_pdbx_poly_seq_scheme.asym_id 
_pdbx_poly_seq_scheme.entity_id 
_pdbx_poly_seq_scheme.seq_id 
_pdbx_poly_seq_scheme.mon_id 
_pdbx_poly_seq_scheme.ndb_seq_num 
_pdbx_poly_seq_scheme.pdb_seq_num 
_pdbx_poly_seq_scheme.auth_seq_num 
_pdbx_poly_seq_scheme.pdb_mon_id 
_pdbx_poly_seq_scheme.auth_mon_id 
_pdbx_poly_seq_scheme.pdb_strand_id 
_pdbx_poly_seq_scheme.pdb_ins_code 
_pdbx_poly_seq_scheme.hetero 
A 1 1   PCA 1   1   1   PCA PCA A . n 
A 1 2   VAL 2   2   2   VAL VAL A . n 
A 1 3   ARG 3   3   3   ARG ARG A . n 
A 1 4   PRO 4   4   4   PRO PRO A . n 
A 1 5   PHE 5   5   5   PHE PHE A . n 
A 1 6   LEU 6   6   6   LEU LEU A . n 
A 1 7   GLU 7   7   7   GLU GLU A . n 
A 1 8   VAL 8   8   8   VAL VAL A . n 
A 1 9   HIS 9   9   9   HIS HIS A . n 
A 1 10  GLU 10  10  10  GLU GLU A . n 
A 1 11  ARG 11  11  11  ARG ARG A . n 
A 1 12  SER 12  12  12  SER SER A . n 
A 1 13  ALA 13  13  13  ALA ALA A . n 
A 1 14  CYS 14  14  14  CYS CYS A . n 
A 1 15  GLN 15  15  15  GLN GLN A . n 
A 1 16  ALA 16  16  16  ALA ALA A . n 
A 1 17  ARG 17  17  17  ARG ARG A . n 
A 1 18  GLU 18  18  18  GLU GLU A . n 
A 1 19  THR 19  19  19  THR THR A . n 
A 1 20  LEU 20  20  20  LEU LEU A . n 
A 1 21  VAL 21  21  21  VAL VAL A . n 
A 1 22  PRO 22  22  22  PRO PRO A . n 
A 1 23  ILE 23  23  23  ILE ILE A . n 
A 1 24  LEU 24  24  24  LEU LEU A . n 
A 1 25  GLN 25  25  25  GLN GLN A . n 
A 1 26  GLU 26  26  26  GLU GLU A . n 
A 1 27  TYR 27  27  27  TYR TYR A . n 
A 1 28  PRO 28  28  28  PRO PRO A . n 
A 1 29  ASP 29  29  29  ASP ASP A . n 
A 1 30  GLU 30  30  30  GLU GLU A . n 
A 1 31  ILE 31  31  31  ILE ILE A . n 
A 1 32  SER 32  32  32  SER SER A . n 
A 1 33  ASP 33  33  33  ASP ASP A . n 
A 1 34  ILE 34  34  34  ILE ILE A . n 
A 1 35  PHE 35  35  35  PHE PHE A . n 
A 1 36  ARG 36  36  36  ARG ARG A . n 
A 1 37  PRO 37  37  37  PRO PRO A . n 
A 1 38  SER 38  38  38  SER SER A . n 
A 1 39  CYS 39  39  39  CYS CYS A . n 
A 1 40  VAL 40  40  40  VAL VAL A . n 
A 1 41  ALA 41  41  41  ALA ALA A . n 
A 1 42  VAL 42  42  42  VAL VAL A . n 
A 1 43  LEU 43  43  43  LEU LEU A . n 
A 1 44  ARG 44  44  44  ARG ARG A . n 
A 1 45  CYS 45  45  45  CYS CYS A . n 
A 1 46  SER 46  46  46  SER SER A . n 
A 1 47  GLY 47  47  47  GLY GLY A . n 
A 1 48  CYS 48  48  48  CYS CYS A . n 
A 1 49  CYS 49  49  49  CYS CYS A . n 
A 1 50  THR 50  50  50  THR THR A . n 
A 1 51  ASP 51  51  51  ASP ASP A . n 
A 1 52  GLU 52  52  52  GLU GLU A . n 
A 1 53  SER 53  53  53  SER SER A . n 
A 1 54  LEU 54  54  54  LEU LEU A . n 
A 1 55  LYS 55  55  55  LYS LYS A . n 
A 1 56  CYS 56  56  56  CYS CYS A . n 
A 1 57  THR 57  57  57  THR THR A . n 
A 1 58  PRO 58  58  58  PRO PRO A . n 
A 1 59  VAL 59  59  59  VAL VAL A . n 
A 1 60  GLY 60  60  60  GLY GLY A . n 
A 1 61  LYS 61  61  61  LYS LYS A . n 
A 1 62  HIS 62  62  62  HIS HIS A . n 
A 1 63  THR 63  63  63  THR THR A . n 
A 1 64  VAL 64  64  64  VAL VAL A . n 
A 1 65  ASP 65  65  65  ASP ASP A . n 
A 1 66  ILE 66  66  66  ILE ILE A . n 
A 1 67  GLN 67  67  67  GLN GLN A . n 
A 1 68  ILE 68  68  68  ILE ILE A . n 
A 1 69  MET 69  69  69  MET MET A . n 
A 1 70  ARG 70  70  70  ARG ARG A . n 
A 1 71  VAL 71  71  71  VAL VAL A . n 
A 1 72  ASN 72  72  72  ASN ASN A . n 
A 1 73  PRO 73  73  73  PRO PRO A . n 
A 1 74  ARG 74  74  74  ARG ARG A . n 
A 1 75  THR 75  75  75  THR THR A . n 
A 1 76  GLN 76  76  76  GLN GLN A . n 
A 1 77  SER 77  77  77  SER SER A . n 
A 1 78  SER 78  78  78  SER SER A . n 
A 1 79  LYS 79  79  79  LYS LYS A . n 
A 1 80  MET 80  80  80  MET MET A . n 
A 1 81  GLU 81  81  81  GLU GLU A . n 
A 1 82  VAL 82  82  82  VAL VAL A . n 
A 1 83  MET 83  83  83  MET MET A . n 
A 1 84  LYS 84  84  84  LYS LYS A . n 
A 1 85  PHE 85  85  85  PHE PHE A . n 
A 1 86  THR 86  86  86  THR THR A . n 
A 1 87  GLU 87  87  87  GLU GLU A . n 
A 1 88  HIS 88  88  88  HIS HIS A . n 
A 1 89  THR 89  89  89  THR THR A . n 
A 1 90  ALA 90  90  90  ALA ALA A . n 
A 1 91  CYS 91  91  91  CYS CYS A . n 
A 1 92  GLU 92  92  92  GLU GLU A . n 
A 1 93  CYS 93  93  93  CYS CYS A . n 
A 1 94  ARG 94  94  94  ARG ARG A . n 
A 1 95  PRO 95  95  95  PRO PRO A . n 
A 1 96  ARG 96  96  96  ARG ARG A . n 
A 1 97  ARG 97  97  97  ARG ARG A . n 
A 1 98  LYS 98  98  98  LYS LYS A . n 
A 1 99  GLN 99  99  99  GLN GLN A . n 
A 1 100 GLY 100 100 100 GLY GLY A . n 
A 1 101 GLU 101 101 ?   ?   ?   A . n 
A 1 102 PRO 102 102 ?   ?   ?   A . n 
A 1 103 ASP 103 103 ?   ?   ?   A . n 
A 1 104 GLY 104 104 ?   ?   ?   A . n 
A 1 105 PRO 105 105 ?   ?   ?   A . n 
A 1 106 LYS 106 106 ?   ?   ?   A . n 
A 1 107 GLU 107 107 ?   ?   ?   A . n 
A 1 108 LYS 108 108 ?   ?   ?   A . n 
A 1 109 PRO 109 109 ?   ?   ?   A . n 
A 1 110 ARG 110 110 ?   ?   ?   A . n 
# 
loop_
_pdbx_nonpoly_scheme.asym_id 
_pdbx_nonpoly_scheme.entity_id 
_pdbx_nonpoly_scheme.mon_id 
_pdbx_nonpoly_scheme.ndb_seq_num 
_pdbx_nonpoly_scheme.pdb_seq_num 
_pdbx_nonpoly_scheme.auth_seq_num 
_pdbx_nonpoly_scheme.pdb_mon_id 
_pdbx_nonpoly_scheme.auth_mon_id 
_pdbx_nonpoly_scheme.pdb_strand_id 
_pdbx_nonpoly_scheme.pdb_ins_code 
B 2 TRS 1   1173 1173 TRS TMN A . 
C 3 HOH 1   1001 1001 HOH HOH A . 
C 3 HOH 2   1002 1002 HOH HOH A . 
C 3 HOH 3   1003 1003 HOH HOH A . 
C 3 HOH 4   1004 1004 HOH HOH A . 
C 3 HOH 5   1005 1005 HOH HOH A . 
C 3 HOH 6   1006 1006 HOH HOH A . 
C 3 HOH 7   1007 1007 HOH HOH A . 
C 3 HOH 8   1008 1008 HOH HOH A . 
C 3 HOH 9   1009 1009 HOH HOH A . 
C 3 HOH 10  1010 1010 HOH HOH A . 
C 3 HOH 11  1011 1011 HOH HOH A . 
C 3 HOH 12  1012 1012 HOH HOH A . 
C 3 HOH 13  1013 1013 HOH HOH A . 
C 3 HOH 14  1014 1014 HOH HOH A . 
C 3 HOH 15  1015 1015 HOH HOH A . 
C 3 HOH 16  1016 1016 HOH HOH A . 
C 3 HOH 17  1017 1017 HOH HOH A . 
C 3 HOH 18  1018 1018 HOH HOH A . 
C 3 HOH 19  1019 1019 HOH HOH A . 
C 3 HOH 20  1020 1020 HOH HOH A . 
C 3 HOH 21  1021 1021 HOH HOH A . 
C 3 HOH 22  1022 1022 HOH HOH A . 
C 3 HOH 23  1023 1023 HOH HOH A . 
C 3 HOH 24  1024 1024 HOH HOH A . 
C 3 HOH 25  1025 1025 HOH HOH A . 
C 3 HOH 26  1026 1026 HOH HOH A . 
C 3 HOH 27  1027 1027 HOH HOH A . 
C 3 HOH 28  1028 1028 HOH HOH A . 
C 3 HOH 29  1029 1029 HOH HOH A . 
C 3 HOH 30  1030 1030 HOH HOH A . 
C 3 HOH 31  1031 1031 HOH HOH A . 
C 3 HOH 32  1032 1032 HOH HOH A . 
C 3 HOH 33  1033 1033 HOH HOH A . 
C 3 HOH 34  1034 1034 HOH HOH A . 
C 3 HOH 35  1035 1035 HOH HOH A . 
C 3 HOH 36  1036 1036 HOH HOH A . 
C 3 HOH 37  1037 1037 HOH HOH A . 
C 3 HOH 38  1038 1038 HOH HOH A . 
C 3 HOH 39  1039 1039 HOH HOH A . 
C 3 HOH 40  1040 1040 HOH HOH A . 
C 3 HOH 41  1041 1041 HOH HOH A . 
C 3 HOH 42  1042 1042 HOH HOH A . 
C 3 HOH 43  1043 1043 HOH HOH A . 
C 3 HOH 44  1044 1044 HOH HOH A . 
C 3 HOH 45  1045 1045 HOH HOH A . 
C 3 HOH 46  1046 1046 HOH HOH A . 
C 3 HOH 47  1047 1047 HOH HOH A . 
C 3 HOH 48  1048 1048 HOH HOH A . 
C 3 HOH 49  1049 1049 HOH HOH A . 
C 3 HOH 50  1050 1050 HOH HOH A . 
C 3 HOH 51  1051 1051 HOH HOH A . 
C 3 HOH 52  1052 1052 HOH HOH A . 
C 3 HOH 53  1053 1053 HOH HOH A . 
C 3 HOH 54  1054 1054 HOH HOH A . 
C 3 HOH 55  1055 1055 HOH HOH A . 
C 3 HOH 56  1056 1056 HOH HOH A . 
C 3 HOH 57  1057 1057 HOH HOH A . 
C 3 HOH 58  1058 1058 HOH HOH A . 
C 3 HOH 59  1059 1059 HOH HOH A . 
C 3 HOH 60  1060 1060 HOH HOH A . 
C 3 HOH 61  1061 1061 HOH HOH A . 
C 3 HOH 62  1062 1062 HOH HOH A . 
C 3 HOH 63  1063 1063 HOH HOH A . 
C 3 HOH 64  1064 1064 HOH HOH A . 
C 3 HOH 65  1065 1065 HOH HOH A . 
C 3 HOH 66  1066 1066 HOH HOH A . 
C 3 HOH 67  1067 1067 HOH HOH A . 
C 3 HOH 68  1068 1068 HOH HOH A . 
C 3 HOH 69  1069 1069 HOH HOH A . 
C 3 HOH 70  1070 1070 HOH HOH A . 
C 3 HOH 71  1071 1071 HOH HOH A . 
C 3 HOH 72  1072 1072 HOH HOH A . 
C 3 HOH 73  1073 1073 HOH HOH A . 
C 3 HOH 74  1074 1074 HOH HOH A . 
C 3 HOH 75  1075 1075 HOH HOH A . 
C 3 HOH 76  1076 1076 HOH HOH A . 
C 3 HOH 77  1077 1077 HOH HOH A . 
C 3 HOH 78  1078 1078 HOH HOH A . 
C 3 HOH 79  1079 1079 HOH HOH A . 
C 3 HOH 80  1080 1080 HOH HOH A . 
C 3 HOH 81  1081 1081 HOH HOH A . 
C 3 HOH 82  1082 1082 HOH HOH A . 
C 3 HOH 83  1083 1083 HOH HOH A . 
C 3 HOH 84  1084 1084 HOH HOH A . 
C 3 HOH 85  1085 1085 HOH HOH A . 
C 3 HOH 86  1086 1086 HOH HOH A . 
C 3 HOH 87  1087 1087 HOH HOH A . 
C 3 HOH 88  1088 1088 HOH HOH A . 
C 3 HOH 89  1089 1089 HOH HOH A . 
C 3 HOH 90  1090 1090 HOH HOH A . 
C 3 HOH 91  1091 1091 HOH HOH A . 
C 3 HOH 92  1092 1092 HOH HOH A . 
C 3 HOH 93  1093 1093 HOH HOH A . 
C 3 HOH 94  1094 1094 HOH HOH A . 
C 3 HOH 95  1095 1095 HOH HOH A . 
C 3 HOH 96  1096 1096 HOH HOH A . 
C 3 HOH 97  1097 1097 HOH HOH A . 
C 3 HOH 98  1098 1098 HOH HOH A . 
C 3 HOH 99  1099 1099 HOH HOH A . 
C 3 HOH 100 1100 1100 HOH HOH A . 
C 3 HOH 101 1101 1101 HOH HOH A . 
C 3 HOH 102 1102 1102 HOH HOH A . 
C 3 HOH 103 1103 1103 HOH HOH A . 
C 3 HOH 104 1104 1104 HOH HOH A . 
C 3 HOH 105 1105 1105 HOH HOH A . 
C 3 HOH 106 1106 1106 HOH HOH A . 
C 3 HOH 107 1107 1107 HOH HOH A . 
C 3 HOH 108 1108 1108 HOH HOH A . 
C 3 HOH 109 1109 1109 HOH HOH A . 
C 3 HOH 110 1110 1110 HOH HOH A . 
C 3 HOH 111 1111 1111 HOH HOH A . 
C 3 HOH 112 1112 1112 HOH HOH A . 
C 3 HOH 113 1113 1113 HOH HOH A . 
C 3 HOH 114 1114 1114 HOH HOH A . 
C 3 HOH 115 1115 1115 HOH HOH A . 
C 3 HOH 116 1116 1116 HOH HOH A . 
C 3 HOH 117 1117 1117 HOH HOH A . 
C 3 HOH 118 1118 1118 HOH HOH A . 
C 3 HOH 119 1119 1119 HOH HOH A . 
C 3 HOH 120 1120 1120 HOH HOH A . 
C 3 HOH 121 1121 1121 HOH HOH A . 
C 3 HOH 122 1122 1122 HOH HOH A . 
C 3 HOH 123 1123 1123 HOH HOH A . 
C 3 HOH 124 1124 1124 HOH HOH A . 
C 3 HOH 125 1125 1125 HOH HOH A . 
C 3 HOH 126 1126 1126 HOH HOH A . 
C 3 HOH 127 1127 1127 HOH HOH A . 
C 3 HOH 128 1128 1128 HOH HOH A . 
C 3 HOH 129 1129 1129 HOH HOH A . 
C 3 HOH 130 1130 1130 HOH HOH A . 
C 3 HOH 131 1131 1131 HOH HOH A . 
C 3 HOH 132 1132 1132 HOH HOH A . 
C 3 HOH 133 1133 1133 HOH HOH A . 
C 3 HOH 134 1134 1134 HOH HOH A . 
C 3 HOH 135 1135 1135 HOH HOH A . 
C 3 HOH 136 1136 1136 HOH HOH A . 
C 3 HOH 137 1137 1137 HOH HOH A . 
C 3 HOH 138 1138 1138 HOH HOH A . 
C 3 HOH 139 1139 1139 HOH HOH A . 
C 3 HOH 140 1140 1140 HOH HOH A . 
C 3 HOH 141 1141 1141 HOH HOH A . 
C 3 HOH 142 1142 1142 HOH HOH A . 
C 3 HOH 143 1143 1143 HOH HOH A . 
C 3 HOH 144 1144 1144 HOH HOH A . 
C 3 HOH 145 1145 1145 HOH HOH A . 
C 3 HOH 146 1146 1146 HOH HOH A . 
C 3 HOH 147 1147 1147 HOH HOH A . 
C 3 HOH 148 1148 1148 HOH HOH A . 
C 3 HOH 149 1149 1149 HOH HOH A . 
C 3 HOH 150 1150 1150 HOH HOH A . 
C 3 HOH 151 1151 1151 HOH HOH A . 
C 3 HOH 152 1152 1152 HOH HOH A . 
C 3 HOH 153 1153 1153 HOH HOH A . 
C 3 HOH 154 1154 1154 HOH HOH A . 
C 3 HOH 155 1155 1155 HOH HOH A . 
C 3 HOH 156 1156 1156 HOH HOH A . 
C 3 HOH 157 1157 1157 HOH HOH A . 
C 3 HOH 158 1158 1158 HOH HOH A . 
C 3 HOH 159 1159 1159 HOH HOH A . 
C 3 HOH 160 1160 1160 HOH HOH A . 
C 3 HOH 161 1161 1161 HOH HOH A . 
C 3 HOH 162 1162 1162 HOH HOH A . 
C 3 HOH 163 1163 1163 HOH HOH A . 
C 3 HOH 164 1164 1164 HOH HOH A . 
C 3 HOH 165 1165 1165 HOH HOH A . 
C 3 HOH 166 1166 1166 HOH HOH A . 
C 3 HOH 167 1167 1167 HOH HOH A . 
C 3 HOH 168 1168 1168 HOH HOH A . 
C 3 HOH 169 1169 1169 HOH HOH A . 
C 3 HOH 170 1170 1170 HOH HOH A . 
C 3 HOH 171 1171 1171 HOH HOH A . 
C 3 HOH 172 1172 1172 HOH HOH A . 
# 
loop_
_software.name 
_software.classification 
_software.version 
_software.citation_id 
_software.pdbx_ordinal 
CNS       refinement       1.1 ? 1 
HKL-2000  'data reduction' .   ? 2 
SCALEPACK 'data scaling'   .   ? 3 
CNS       phasing          .   ? 4 
# 
_cell.entry_id           1WQ8 
_cell.length_a           85.526 
_cell.length_b           85.526 
_cell.length_c           86.365 
_cell.angle_alpha        90.00 
_cell.angle_beta         90.00 
_cell.angle_gamma        90.00 
_cell.Z_PDB              16 
_cell.pdbx_unique_axis   ? 
# 
_symmetry.entry_id                         1WQ8 
_symmetry.space_group_name_H-M             'I 4 2 2' 
_symmetry.pdbx_full_space_group_name_H-M   ? 
_symmetry.cell_setting                     ? 
_symmetry.Int_Tables_number                97 
_symmetry.space_group_name_Hall            ? 
# 
_exptl.entry_id          1WQ8 
_exptl.method            'X-RAY DIFFRACTION' 
_exptl.crystals_number   1 
# 
_exptl_crystal.id                    1 
_exptl_crystal.density_meas          ? 
_exptl_crystal.density_Matthews      3.2 
_exptl_crystal.density_percent_sol   62 
_exptl_crystal.description           ? 
_exptl_crystal.F_000                 ? 
_exptl_crystal.preparation           ? 
# 
_exptl_crystal_grow.crystal_id      1 
_exptl_crystal_grow.method          'VAPOR DIFFUSION, SITTING DROP' 
_exptl_crystal_grow.temp            293 
_exptl_crystal_grow.temp_details    ? 
_exptl_crystal_grow.pH              9.0 
_exptl_crystal_grow.pdbx_details    'PEG 6000, Tris-HCl, glycerol, pH 9.0, VAPOR DIFFUSION, SITTING DROP, temperature 293K' 
_exptl_crystal_grow.pdbx_pH_range   . 
# 
_diffrn.id                     1 
_diffrn.ambient_temp           100 
_diffrn.ambient_temp_details   ? 
_diffrn.crystal_id             1 
# 
_diffrn_detector.diffrn_id              1 
_diffrn_detector.detector               CCD 
_diffrn_detector.type                   'ADSC QUANTUM 210' 
_diffrn_detector.pdbx_collection_date   2003-06-13 
_diffrn_detector.details                ? 
# 
_diffrn_radiation.diffrn_id                        1 
_diffrn_radiation.wavelength_id                    1 
_diffrn_radiation.pdbx_monochromatic_or_laue_m_l   M 
_diffrn_radiation.monochromator                    SILICON 
_diffrn_radiation.pdbx_diffrn_protocol             'SINGLE WAVELENGTH' 
_diffrn_radiation.pdbx_scattering_type             x-ray 
# 
_diffrn_radiation_wavelength.id           1 
_diffrn_radiation_wavelength.wavelength   1.0000 
_diffrn_radiation_wavelength.wt           1.0 
# 
_diffrn_source.diffrn_id                   1 
_diffrn_source.source                      SYNCHROTRON 
_diffrn_source.type                        'PHOTON FACTORY BEAMLINE AR-NW12A' 
_diffrn_source.pdbx_synchrotron_site       'Photon Factory' 
_diffrn_source.pdbx_synchrotron_beamline   AR-NW12A 
_diffrn_source.pdbx_wavelength             ? 
_diffrn_source.pdbx_wavelength_list        1.0000 
# 
_reflns.entry_id                     1WQ8 
_reflns.observed_criterion_sigma_I   -3 
_reflns.observed_criterion_sigma_F   0 
_reflns.d_resolution_low             50 
_reflns.d_resolution_high            1.9 
_reflns.number_obs                   12903 
_reflns.number_all                   13068 
_reflns.percent_possible_obs         99.7 
_reflns.pdbx_Rmerge_I_obs            0.048 
_reflns.pdbx_Rsym_value              ? 
_reflns.pdbx_netI_over_sigmaI        ? 
_reflns.B_iso_Wilson_estimate        16.7 
_reflns.pdbx_redundancy              ? 
_reflns.R_free_details               ? 
_reflns.limit_h_max                  ? 
_reflns.limit_h_min                  ? 
_reflns.limit_k_max                  ? 
_reflns.limit_k_min                  ? 
_reflns.limit_l_max                  ? 
_reflns.limit_l_min                  ? 
_reflns.observed_criterion_F_max     ? 
_reflns.observed_criterion_F_min     ? 
_reflns.pdbx_chi_squared             ? 
_reflns.pdbx_scaling_rejects         ? 
_reflns.pdbx_ordinal                 1 
_reflns.pdbx_diffrn_id               1 
# 
_reflns_shell.d_res_high             1.90 
_reflns_shell.d_res_low              1.97 
_reflns_shell.percent_possible_all   100.0 
_reflns_shell.Rmerge_I_obs           0.218 
_reflns_shell.pdbx_Rsym_value        ? 
_reflns_shell.meanI_over_sigI_obs    ? 
_reflns_shell.pdbx_redundancy        ? 
_reflns_shell.percent_possible_obs   ? 
_reflns_shell.number_unique_all      ? 
_reflns_shell.number_measured_all    ? 
_reflns_shell.number_measured_obs    ? 
_reflns_shell.number_unique_obs      ? 
_reflns_shell.pdbx_chi_squared       ? 
_reflns_shell.pdbx_ordinal           1 
_reflns_shell.pdbx_diffrn_id         1 
# 
_refine.entry_id                                 1WQ8 
_refine.ls_number_reflns_obs                     12885 
_refine.ls_number_reflns_all                     12927 
_refine.pdbx_ls_sigma_I                          ? 
_refine.pdbx_ls_sigma_F                          0.0 
_refine.pdbx_data_cutoff_high_absF               1706273.81 
_refine.pdbx_data_cutoff_low_absF                0.000000 
_refine.pdbx_data_cutoff_high_rms_absF           ? 
_refine.ls_d_res_low                             23.00 
_refine.ls_d_res_high                            1.90 
_refine.ls_percent_reflns_obs                    99.5 
_refine.ls_R_factor_obs                          0.192 
_refine.ls_R_factor_all                          ? 
_refine.ls_R_factor_R_work                       0.192 
_refine.ls_R_factor_R_free                       0.233 
_refine.ls_R_factor_R_free_error                 0.009 
_refine.ls_R_factor_R_free_error_details         ? 
_refine.ls_percent_reflns_R_free                 5.0 
_refine.ls_number_reflns_R_free                  648 
_refine.ls_number_parameters                     ? 
_refine.ls_number_restraints                     ? 
_refine.occupancy_min                            ? 
_refine.occupancy_max                            ? 
_refine.correlation_coeff_Fo_to_Fc               ? 
_refine.correlation_coeff_Fo_to_Fc_free          ? 
_refine.B_iso_mean                               29.1 
_refine.aniso_B[1][1]                            0.58 
_refine.aniso_B[2][2]                            0.63 
_refine.aniso_B[3][3]                            -1.21 
_refine.aniso_B[1][2]                            0.00 
_refine.aniso_B[1][3]                            0.00 
_refine.aniso_B[2][3]                            0.00 
_refine.solvent_model_details                    'FLAT MODEL' 
_refine.solvent_model_param_ksol                 0.377209 
_refine.solvent_model_param_bsol                 51.5954 
_refine.pdbx_solvent_vdw_probe_radii             ? 
_refine.pdbx_solvent_ion_probe_radii             ? 
_refine.pdbx_solvent_shrinkage_radii             ? 
_refine.pdbx_ls_cross_valid_method               THROUGHOUT 
_refine.details                                  ? 
_refine.pdbx_starting_model                      VR-1 
_refine.pdbx_method_to_determine_struct          'MOLECULAR REPLACEMENT' 
_refine.pdbx_isotropic_thermal_model             RESTRAINED 
_refine.pdbx_stereochemistry_target_values       'Engh & Huber' 
_refine.pdbx_stereochem_target_val_spec_case     ? 
_refine.pdbx_R_Free_selection_details            RANDOM 
_refine.pdbx_overall_ESU_R                       ? 
_refine.pdbx_overall_ESU_R_Free                  ? 
_refine.overall_SU_ML                            ? 
_refine.overall_SU_B                             ? 
_refine.ls_redundancy_reflns_obs                 ? 
_refine.B_iso_min                                ? 
_refine.B_iso_max                                ? 
_refine.overall_SU_R_Cruickshank_DPI             ? 
_refine.overall_SU_R_free                        ? 
_refine.ls_wR_factor_R_free                      ? 
_refine.ls_wR_factor_R_work                      ? 
_refine.overall_FOM_free_R_set                   ? 
_refine.overall_FOM_work_R_set                   ? 
_refine.pdbx_refine_id                           'X-RAY DIFFRACTION' 
_refine.pdbx_diffrn_id                           1 
_refine.pdbx_TLS_residual_ADP_flag               ? 
_refine.pdbx_overall_phase_error                 ? 
_refine.pdbx_overall_SU_R_free_Cruickshank_DPI   ? 
_refine.pdbx_overall_SU_R_Blow_DPI               ? 
_refine.pdbx_overall_SU_R_free_Blow_DPI          ? 
# 
_refine_analyze.entry_id                        1WQ8 
_refine_analyze.Luzzati_coordinate_error_obs    0.20 
_refine_analyze.Luzzati_sigma_a_obs             0.10 
_refine_analyze.Luzzati_d_res_low_obs           5.00 
_refine_analyze.Luzzati_coordinate_error_free   0.25 
_refine_analyze.Luzzati_sigma_a_free            0.15 
_refine_analyze.Luzzati_d_res_low_free          ? 
_refine_analyze.number_disordered_residues      ? 
_refine_analyze.occupancy_sum_hydrogen          ? 
_refine_analyze.occupancy_sum_non_hydrogen      ? 
_refine_analyze.pdbx_Luzzati_d_res_high_obs     ? 
_refine_analyze.pdbx_refine_id                  'X-RAY DIFFRACTION' 
# 
_refine_hist.pdbx_refine_id                   'X-RAY DIFFRACTION' 
_refine_hist.cycle_id                         LAST 
_refine_hist.pdbx_number_atoms_protein        791 
_refine_hist.pdbx_number_atoms_nucleic_acid   0 
_refine_hist.pdbx_number_atoms_ligand         8 
_refine_hist.number_atoms_solvent             172 
_refine_hist.number_atoms_total               971 
_refine_hist.d_res_high                       1.90 
_refine_hist.d_res_low                        23.00 
# 
loop_
_refine_ls_restr.type 
_refine_ls_restr.dev_ideal 
_refine_ls_restr.dev_ideal_target 
_refine_ls_restr.weight 
_refine_ls_restr.number 
_refine_ls_restr.pdbx_refine_id 
_refine_ls_restr.pdbx_restraint_function 
c_bond_d                0.007 ?    ? ? 'X-RAY DIFFRACTION' ? 
c_bond_d_na             ?     ?    ? ? 'X-RAY DIFFRACTION' ? 
c_bond_d_prot           ?     ?    ? ? 'X-RAY DIFFRACTION' ? 
c_angle_d               ?     ?    ? ? 'X-RAY DIFFRACTION' ? 
c_angle_d_na            ?     ?    ? ? 'X-RAY DIFFRACTION' ? 
c_angle_d_prot          ?     ?    ? ? 'X-RAY DIFFRACTION' ? 
c_angle_deg             1.3   ?    ? ? 'X-RAY DIFFRACTION' ? 
c_angle_deg_na          ?     ?    ? ? 'X-RAY DIFFRACTION' ? 
c_angle_deg_prot        ?     ?    ? ? 'X-RAY DIFFRACTION' ? 
c_dihedral_angle_d      24.5  ?    ? ? 'X-RAY DIFFRACTION' ? 
c_dihedral_angle_d_na   ?     ?    ? ? 'X-RAY DIFFRACTION' ? 
c_dihedral_angle_d_prot ?     ?    ? ? 'X-RAY DIFFRACTION' ? 
c_improper_angle_d      0.79  ?    ? ? 'X-RAY DIFFRACTION' ? 
c_improper_angle_d_na   ?     ?    ? ? 'X-RAY DIFFRACTION' ? 
c_improper_angle_d_prot ?     ?    ? ? 'X-RAY DIFFRACTION' ? 
c_mcbond_it             1.37  1.50 ? ? 'X-RAY DIFFRACTION' ? 
c_mcangle_it            2.05  2.00 ? ? 'X-RAY DIFFRACTION' ? 
c_scbond_it             2.69  2.00 ? ? 'X-RAY DIFFRACTION' ? 
c_scangle_it            3.96  2.50 ? ? 'X-RAY DIFFRACTION' ? 
# 
_refine_ls_shell.pdbx_total_number_of_bins_used   6 
_refine_ls_shell.d_res_high                       1.90 
_refine_ls_shell.d_res_low                        2.02 
_refine_ls_shell.number_reflns_R_work             1961 
_refine_ls_shell.R_factor_R_work                  0.196 
_refine_ls_shell.percent_reflns_obs               98.8 
_refine_ls_shell.R_factor_R_free                  0.249 
_refine_ls_shell.R_factor_R_free_error            0.023 
_refine_ls_shell.percent_reflns_R_free            5.9 
_refine_ls_shell.number_reflns_R_free             122 
_refine_ls_shell.number_reflns_obs                ? 
_refine_ls_shell.redundancy_reflns_obs            ? 
_refine_ls_shell.number_reflns_all                ? 
_refine_ls_shell.pdbx_refine_id                   'X-RAY DIFFRACTION' 
_refine_ls_shell.R_factor_all                     ? 
# 
loop_
_pdbx_xplor_file.serial_no 
_pdbx_xplor_file.param_file 
_pdbx_xplor_file.topol_file 
_pdbx_xplor_file.pdbx_refine_id 
1 PROTEIN_REP.PARAM PROTEIN.TOP 'X-RAY DIFFRACTION' 
2 BUFFER.PARAM      BUFFER.TOP  'X-RAY DIFFRACTION' 
3 WATER_REP.PARAM   WATER.TOP   'X-RAY DIFFRACTION' 
4 ION.PARAM         ION.TOP     'X-RAY DIFFRACTION' 
# 
_struct.entry_id                  1WQ8 
_struct.title                     'Crystal structure of Vammin, a VEGF-F from a snake venom' 
_struct.pdbx_model_details        ? 
_struct.pdbx_CASP_flag            ? 
_struct.pdbx_model_type_details   ? 
# 
_struct_keywords.entry_id        1WQ8 
_struct_keywords.pdbx_keywords   TOXIN 
_struct_keywords.text            'snake venom, Vascular endothelial growth factor, VEGF, VEGF-F, TOXIN' 
# 
loop_
_struct_asym.id 
_struct_asym.pdbx_blank_PDB_chainid_flag 
_struct_asym.pdbx_modified 
_struct_asym.entity_id 
_struct_asym.details 
A N N 1 ? 
B N N 2 ? 
C N N 3 ? 
# 
_struct_ref.id                         1 
_struct_ref.entity_id                  1 
_struct_ref.db_name                    UNP 
_struct_ref.db_code                    TXVE_VIPAP 
_struct_ref.pdbx_db_accession          P83942 
_struct_ref.pdbx_db_isoform            ? 
_struct_ref.pdbx_seq_one_letter_code   ? 
_struct_ref.pdbx_align_begin           ? 
# 
_struct_ref_seq.align_id                      1 
_struct_ref_seq.ref_id                        1 
_struct_ref_seq.pdbx_PDB_id_code              1WQ8 
_struct_ref_seq.pdbx_strand_id                A 
_struct_ref_seq.seq_align_beg                 2 
_struct_ref_seq.pdbx_seq_align_beg_ins_code   ? 
_struct_ref_seq.seq_align_end                 110 
_struct_ref_seq.pdbx_seq_align_end_ins_code   ? 
_struct_ref_seq.pdbx_db_accession             P83942 
_struct_ref_seq.db_align_beg                  2 
_struct_ref_seq.pdbx_db_align_beg_ins_code    ? 
_struct_ref_seq.db_align_end                  110 
_struct_ref_seq.pdbx_db_align_end_ins_code    ? 
_struct_ref_seq.pdbx_auth_seq_align_beg       2 
_struct_ref_seq.pdbx_auth_seq_align_end       110 
# 
loop_
_pdbx_struct_assembly.id 
_pdbx_struct_assembly.details 
_pdbx_struct_assembly.method_details 
_pdbx_struct_assembly.oligomeric_details 
_pdbx_struct_assembly.oligomeric_count 
1 author_and_software_defined_assembly PISA     dimeric   2 
2 software_defined_assembly            PISA,PQS octameric 8 
# 
loop_
_pdbx_struct_assembly_prop.biol_id 
_pdbx_struct_assembly_prop.type 
_pdbx_struct_assembly_prop.value 
_pdbx_struct_assembly_prop.details 
1 'ABSA (A^2)' 3370  ? 
1 MORE         -11   ? 
1 'SSA (A^2)'  12220 ? 
2 'ABSA (A^2)' 20430 ? 
2 MORE         -60   ? 
2 'SSA (A^2)'  41940 ? 
# 
loop_
_pdbx_struct_assembly_gen.assembly_id 
_pdbx_struct_assembly_gen.oper_expression 
_pdbx_struct_assembly_gen.asym_id_list 
1 1,2             A,B,C 
2 1,3,4,5,6,7,2,8 A,B,C 
# 
loop_
_pdbx_struct_oper_list.id 
_pdbx_struct_oper_list.type 
_pdbx_struct_oper_list.name 
_pdbx_struct_oper_list.symmetry_operation 
_pdbx_struct_oper_list.matrix[1][1] 
_pdbx_struct_oper_list.matrix[1][2] 
_pdbx_struct_oper_list.matrix[1][3] 
_pdbx_struct_oper_list.vector[1] 
_pdbx_struct_oper_list.matrix[2][1] 
_pdbx_struct_oper_list.matrix[2][2] 
_pdbx_struct_oper_list.matrix[2][3] 
_pdbx_struct_oper_list.vector[2] 
_pdbx_struct_oper_list.matrix[3][1] 
_pdbx_struct_oper_list.matrix[3][2] 
_pdbx_struct_oper_list.matrix[3][3] 
_pdbx_struct_oper_list.vector[3] 
1 'identity operation'         1_555 x,y,z        1.0000000000  0.0000000000  0.0000000000  0.0000000000   0.0000000000  1.0000000000  0.0000000000  0.0000000000   0.0000000000  0.0000000000  1.0000000000  0.0000000000   
2 'crystal symmetry operation' 7_555 y,x,-z       -0.9585194499 -0.2254206698 -0.1744304614 -14.8016888810 -0.2254206698 0.2250193934  0.9479197193  -5.6869129691  -0.1744304614 0.9479197193  -0.2664999436 3.8294087369   
3 'crystal symmetry operation' 2_665 -x+1,-y+1,z  -0.6764745853 -0.4125423458 0.6100745433  -7.7165335075  -0.4125423458 -0.4739480136 -0.7779345045 -43.9689891411 0.6100745433  -0.7779345045 0.1504225989  -25.6404326156 
4 'crystal symmetry operation' 3_655 -y+1,x,z     0.1617627073  -0.9646980312 -0.2078233266 -27.1068817081 0.5521556855  0.2630259932  -0.7911646010 -24.2145384472 0.8178978699  0.0132300965  0.5752112995  -1.9993578826  
5 'crystal symmetry operation' 4_565 y,-x+1,z     0.1617627073  0.5521556855  0.8178978699  19.3903482006  -0.9646980312 0.2630259932  0.0132300965  -19.7544506939 -0.2078233266 -0.7911646010 0.5752112995  -23.6410747330 
6 'crystal symmetry operation' 5_655 -x+1,y,-z    0.0986608938  -0.4505402531 -0.8872877258 -24.8109296921 -0.4505402531 -0.8152418815 0.3638600762  -36.9128736849 -0.8872877258 0.3638600762  -0.2834190123 -11.9781469201 
7 'crystal symmetry operation' 6_565 x,-y+1,-z    -0.4221863085 0.8630825988  0.2772131825  16.9879908541  0.8630825988  0.2891898951  0.4140744283  -6.9204330564  0.2772131825  0.4140744283  -0.8670035866 -13.8629351051 
8 'crystal symmetry operation' 8_665 -y+1,-x+1,-z 0.6349940352  0.6379630155  -0.4356440819 6.9787500430   0.6379630155  -0.7510713798 -0.1699852148 -38.1463937722 -0.4356440819 -0.1699852148 -0.8839226554 -29.6704907622 
# 
_struct_biol.id                    1 
_struct_biol.details               
;The second part of the biological assembly is generated 
by the two fold axis:y, x, -z
;
_struct_biol.pdbx_parent_biol_id   ? 
# 
loop_
_struct_conf.conf_type_id 
_struct_conf.id 
_struct_conf.pdbx_PDB_helix_id 
_struct_conf.beg_label_comp_id 
_struct_conf.beg_label_asym_id 
_struct_conf.beg_label_seq_id 
_struct_conf.pdbx_beg_PDB_ins_code 
_struct_conf.end_label_comp_id 
_struct_conf.end_label_asym_id 
_struct_conf.end_label_seq_id 
_struct_conf.pdbx_end_PDB_ins_code 
_struct_conf.beg_auth_comp_id 
_struct_conf.beg_auth_asym_id 
_struct_conf.beg_auth_seq_id 
_struct_conf.end_auth_comp_id 
_struct_conf.end_auth_asym_id 
_struct_conf.end_auth_seq_id 
_struct_conf.pdbx_PDB_helix_class 
_struct_conf.details 
_struct_conf.pdbx_PDB_helix_length 
HELX_P HELX_P1 1 PRO A 4  ? ALA A 13 ? PRO A 4  ALA A 13 1 ? 10 
HELX_P HELX_P2 2 ILE A 23 ? TYR A 27 ? ILE A 23 TYR A 27 1 ? 5  
# 
_struct_conf_type.id          HELX_P 
_struct_conf_type.criteria    ? 
_struct_conf_type.reference   ? 
# 
loop_
_struct_conn.id 
_struct_conn.conn_type_id 
_struct_conn.pdbx_leaving_atom_flag 
_struct_conn.pdbx_PDB_id 
_struct_conn.ptnr1_label_asym_id 
_struct_conn.ptnr1_label_comp_id 
_struct_conn.ptnr1_label_seq_id 
_struct_conn.ptnr1_label_atom_id 
_struct_conn.pdbx_ptnr1_label_alt_id 
_struct_conn.pdbx_ptnr1_PDB_ins_code 
_struct_conn.pdbx_ptnr1_standard_comp_id 
_struct_conn.ptnr1_symmetry 
_struct_conn.ptnr2_label_asym_id 
_struct_conn.ptnr2_label_comp_id 
_struct_conn.ptnr2_label_seq_id 
_struct_conn.ptnr2_label_atom_id 
_struct_conn.pdbx_ptnr2_label_alt_id 
_struct_conn.pdbx_ptnr2_PDB_ins_code 
_struct_conn.ptnr1_auth_asym_id 
_struct_conn.ptnr1_auth_comp_id 
_struct_conn.ptnr1_auth_seq_id 
_struct_conn.ptnr2_auth_asym_id 
_struct_conn.ptnr2_auth_comp_id 
_struct_conn.ptnr2_auth_seq_id 
_struct_conn.ptnr2_symmetry 
_struct_conn.pdbx_ptnr3_label_atom_id 
_struct_conn.pdbx_ptnr3_label_seq_id 
_struct_conn.pdbx_ptnr3_label_comp_id 
_struct_conn.pdbx_ptnr3_label_asym_id 
_struct_conn.pdbx_ptnr3_label_alt_id 
_struct_conn.pdbx_ptnr3_PDB_ins_code 
_struct_conn.details 
_struct_conn.pdbx_dist_value 
_struct_conn.pdbx_value_order 
_struct_conn.pdbx_role 
disulf1 disulf ?    ? A CYS 14 SG ? ? ? 1_555 A CYS 56 SG ? ? A CYS 14 A CYS 56 1_555 ? ? ? ? ? ? ? 2.047 ? ? 
disulf2 disulf ?    ? A CYS 39 SG ? ? ? 1_555 A CYS 48 SG ? ? A CYS 39 A CYS 48 7_555 ? ? ? ? ? ? ? 2.363 ? ? 
disulf3 disulf ?    ? A CYS 45 SG ? ? ? 1_555 A CYS 91 SG ? ? A CYS 45 A CYS 91 1_555 ? ? ? ? ? ? ? 2.021 ? ? 
disulf4 disulf ?    ? A CYS 49 SG ? ? ? 1_555 A CYS 93 SG ? ? A CYS 49 A CYS 93 1_555 ? ? ? ? ? ? ? 2.031 ? ? 
covale1 covale both ? A PCA 1  C  ? ? ? 1_555 A VAL 2  N  ? ? A PCA 1  A VAL 2  1_555 ? ? ? ? ? ? ? 1.329 ? ? 
# 
loop_
_struct_conn_type.id 
_struct_conn_type.criteria 
_struct_conn_type.reference 
disulf ? ? 
covale ? ? 
# 
loop_
_pdbx_modification_feature.ordinal 
_pdbx_modification_feature.label_comp_id 
_pdbx_modification_feature.label_asym_id 
_pdbx_modification_feature.label_seq_id 
_pdbx_modification_feature.label_alt_id 
_pdbx_modification_feature.modified_residue_label_comp_id 
_pdbx_modification_feature.modified_residue_label_asym_id 
_pdbx_modification_feature.modified_residue_label_seq_id 
_pdbx_modification_feature.modified_residue_label_alt_id 
_pdbx_modification_feature.auth_comp_id 
_pdbx_modification_feature.auth_asym_id 
_pdbx_modification_feature.auth_seq_id 
_pdbx_modification_feature.PDB_ins_code 
_pdbx_modification_feature.symmetry 
_pdbx_modification_feature.modified_residue_auth_comp_id 
_pdbx_modification_feature.modified_residue_auth_asym_id 
_pdbx_modification_feature.modified_residue_auth_seq_id 
_pdbx_modification_feature.modified_residue_PDB_ins_code 
_pdbx_modification_feature.modified_residue_symmetry 
_pdbx_modification_feature.comp_id_linking_atom 
_pdbx_modification_feature.modified_residue_id_linking_atom 
_pdbx_modification_feature.modified_residue_id 
_pdbx_modification_feature.ref_pcm_id 
_pdbx_modification_feature.ref_comp_id 
_pdbx_modification_feature.type 
_pdbx_modification_feature.category 
1 PCA A 1  ? .   . .  . PCA A 1  ? 1_555 .   . .  . .     .  .  GLN 1 PCA 'Pyrrolidone carboxylic acid' 
'Named protein modification' 
2 CYS A 14 ? CYS A 56 ? CYS A 14 ? 1_555 CYS A 56 ? 1_555 SG SG .   . .   None                          'Disulfide bridge' 
3 CYS A 39 ? CYS A 48 ? CYS A 39 ? 1_555 CYS A 48 ? 7_555 SG SG .   . .   None                          'Disulfide bridge' 
4 CYS A 45 ? CYS A 91 ? CYS A 45 ? 1_555 CYS A 91 ? 1_555 SG SG .   . .   None                          'Disulfide bridge' 
5 CYS A 49 ? CYS A 93 ? CYS A 49 ? 1_555 CYS A 93 ? 1_555 SG SG .   . .   None                          'Disulfide bridge' 
# 
_struct_mon_prot_cis.pdbx_id                1 
_struct_mon_prot_cis.label_comp_id          ARG 
_struct_mon_prot_cis.label_seq_id           36 
_struct_mon_prot_cis.label_asym_id          A 
_struct_mon_prot_cis.label_alt_id           . 
_struct_mon_prot_cis.pdbx_PDB_ins_code      ? 
_struct_mon_prot_cis.auth_comp_id           ARG 
_struct_mon_prot_cis.auth_seq_id            36 
_struct_mon_prot_cis.auth_asym_id           A 
_struct_mon_prot_cis.pdbx_label_comp_id_2   PRO 
_struct_mon_prot_cis.pdbx_label_seq_id_2    37 
_struct_mon_prot_cis.pdbx_label_asym_id_2   A 
_struct_mon_prot_cis.pdbx_PDB_ins_code_2    ? 
_struct_mon_prot_cis.pdbx_auth_comp_id_2    PRO 
_struct_mon_prot_cis.pdbx_auth_seq_id_2     37 
_struct_mon_prot_cis.pdbx_auth_asym_id_2    A 
_struct_mon_prot_cis.pdbx_PDB_model_num     1 
_struct_mon_prot_cis.pdbx_omega_angle       -6.29 
# 
loop_
_struct_sheet.id 
_struct_sheet.type 
_struct_sheet.number_strands 
_struct_sheet.details 
A ? 2 ? 
B ? 3 ? 
# 
loop_
_struct_sheet_order.sheet_id 
_struct_sheet_order.range_id_1 
_struct_sheet_order.range_id_2 
_struct_sheet_order.offset 
_struct_sheet_order.sense 
A 1 2 ? anti-parallel 
B 1 2 ? anti-parallel 
B 2 3 ? anti-parallel 
# 
loop_
_struct_sheet_range.sheet_id 
_struct_sheet_range.id 
_struct_sheet_range.beg_label_comp_id 
_struct_sheet_range.beg_label_asym_id 
_struct_sheet_range.beg_label_seq_id 
_struct_sheet_range.pdbx_beg_PDB_ins_code 
_struct_sheet_range.end_label_comp_id 
_struct_sheet_range.end_label_asym_id 
_struct_sheet_range.end_label_seq_id 
_struct_sheet_range.pdbx_end_PDB_ins_code 
_struct_sheet_range.beg_auth_comp_id 
_struct_sheet_range.beg_auth_asym_id 
_struct_sheet_range.beg_auth_seq_id 
_struct_sheet_range.end_auth_comp_id 
_struct_sheet_range.end_auth_asym_id 
_struct_sheet_range.end_auth_seq_id 
A 1 GLN A 15 ? PRO A 22 ? GLN A 15 PRO A 22 
A 2 CYS A 39 ? SER A 46 ? CYS A 39 SER A 46 
B 1 ILE A 34 ? ARG A 36 ? ILE A 34 ARG A 36 
B 2 LYS A 55 ? VAL A 71 ? LYS A 55 VAL A 71 
B 3 SER A 78 ? ARG A 94 ? SER A 78 ARG A 94 
# 
loop_
_pdbx_struct_sheet_hbond.sheet_id 
_pdbx_struct_sheet_hbond.range_id_1 
_pdbx_struct_sheet_hbond.range_id_2 
_pdbx_struct_sheet_hbond.range_1_label_atom_id 
_pdbx_struct_sheet_hbond.range_1_label_comp_id 
_pdbx_struct_sheet_hbond.range_1_label_asym_id 
_pdbx_struct_sheet_hbond.range_1_label_seq_id 
_pdbx_struct_sheet_hbond.range_1_PDB_ins_code 
_pdbx_struct_sheet_hbond.range_1_auth_atom_id 
_pdbx_struct_sheet_hbond.range_1_auth_comp_id 
_pdbx_struct_sheet_hbond.range_1_auth_asym_id 
_pdbx_struct_sheet_hbond.range_1_auth_seq_id 
_pdbx_struct_sheet_hbond.range_2_label_atom_id 
_pdbx_struct_sheet_hbond.range_2_label_comp_id 
_pdbx_struct_sheet_hbond.range_2_label_asym_id 
_pdbx_struct_sheet_hbond.range_2_label_seq_id 
_pdbx_struct_sheet_hbond.range_2_PDB_ins_code 
_pdbx_struct_sheet_hbond.range_2_auth_atom_id 
_pdbx_struct_sheet_hbond.range_2_auth_comp_id 
_pdbx_struct_sheet_hbond.range_2_auth_asym_id 
_pdbx_struct_sheet_hbond.range_2_auth_seq_id 
A 1 2 N VAL A 21 ? N VAL A 21 O VAL A 40 ? O VAL A 40 
B 1 2 N ILE A 34 ? N ILE A 34 O VAL A 71 ? O VAL A 71 
B 2 3 N THR A 57 ? N THR A 57 O GLU A 92 ? O GLU A 92 
# 
_struct_site.id                   AC1 
_struct_site.pdbx_evidence_code   Software 
_struct_site.pdbx_auth_asym_id    A 
_struct_site.pdbx_auth_comp_id    TRS 
_struct_site.pdbx_auth_seq_id     1173 
_struct_site.pdbx_auth_ins_code   ? 
_struct_site.pdbx_num_residues    9 
_struct_site.details              'BINDING SITE FOR RESIDUE TRS A 1173' 
# 
loop_
_struct_site_gen.id 
_struct_site_gen.site_id 
_struct_site_gen.pdbx_num_res 
_struct_site_gen.label_comp_id 
_struct_site_gen.label_asym_id 
_struct_site_gen.label_seq_id 
_struct_site_gen.pdbx_auth_ins_code 
_struct_site_gen.auth_comp_id 
_struct_site_gen.auth_asym_id 
_struct_site_gen.auth_seq_id 
_struct_site_gen.label_atom_id 
_struct_site_gen.label_alt_id 
_struct_site_gen.symmetry 
_struct_site_gen.details 
1 AC1 9 LEU A 20 ? LEU A 20   . ? 7_555 ? 
2 AC1 9 PRO A 22 ? PRO A 22   . ? 7_555 ? 
3 AC1 9 GLY A 47 ? GLY A 47   . ? 1_555 ? 
4 AC1 9 CYS A 48 ? CYS A 48   . ? 1_555 ? 
5 AC1 9 HOH C .  ? HOH A 1008 . ? 1_555 ? 
6 AC1 9 HOH C .  ? HOH A 1045 . ? 7_555 ? 
7 AC1 9 HOH C .  ? HOH A 1071 . ? 7_555 ? 
8 AC1 9 HOH C .  ? HOH A 1081 . ? 1_555 ? 
9 AC1 9 HOH C .  ? HOH A 1118 . ? 7_555 ? 
# 
_pdbx_entry_details.entry_id                   1WQ8 
_pdbx_entry_details.compound_details           ? 
_pdbx_entry_details.source_details             ? 
_pdbx_entry_details.nonpolymer_details         ? 
_pdbx_entry_details.sequence_details           ? 
_pdbx_entry_details.has_ligand_of_interest     ? 
_pdbx_entry_details.has_protein_modification   Y 
# 
_pdbx_validate_close_contact.id               1 
_pdbx_validate_close_contact.PDB_model_num    1 
_pdbx_validate_close_contact.auth_atom_id_1   OG 
_pdbx_validate_close_contact.auth_asym_id_1   A 
_pdbx_validate_close_contact.auth_comp_id_1   SER 
_pdbx_validate_close_contact.auth_seq_id_1    12 
_pdbx_validate_close_contact.PDB_ins_code_1   ? 
_pdbx_validate_close_contact.label_alt_id_1   ? 
_pdbx_validate_close_contact.auth_atom_id_2   O 
_pdbx_validate_close_contact.auth_asym_id_2   A 
_pdbx_validate_close_contact.auth_comp_id_2   HOH 
_pdbx_validate_close_contact.auth_seq_id_2    1169 
_pdbx_validate_close_contact.PDB_ins_code_2   ? 
_pdbx_validate_close_contact.label_alt_id_2   ? 
_pdbx_validate_close_contact.dist             2.15 
# 
_pdbx_struct_mod_residue.id               1 
_pdbx_struct_mod_residue.label_asym_id    A 
_pdbx_struct_mod_residue.label_comp_id    PCA 
_pdbx_struct_mod_residue.label_seq_id     1 
_pdbx_struct_mod_residue.auth_asym_id     A 
_pdbx_struct_mod_residue.auth_comp_id     PCA 
_pdbx_struct_mod_residue.auth_seq_id      1 
_pdbx_struct_mod_residue.PDB_ins_code     ? 
_pdbx_struct_mod_residue.parent_comp_id   GLN 
_pdbx_struct_mod_residue.details          'PYROGLUTAMIC ACID' 
# 
loop_
_pdbx_struct_special_symmetry.id 
_pdbx_struct_special_symmetry.PDB_model_num 
_pdbx_struct_special_symmetry.auth_asym_id 
_pdbx_struct_special_symmetry.auth_comp_id 
_pdbx_struct_special_symmetry.auth_seq_id 
_pdbx_struct_special_symmetry.PDB_ins_code 
_pdbx_struct_special_symmetry.label_asym_id 
_pdbx_struct_special_symmetry.label_comp_id 
_pdbx_struct_special_symmetry.label_seq_id 
1 1 A HOH 1021 ? C HOH . 
2 1 A HOH 1069 ? C HOH . 
3 1 A HOH 1168 ? C HOH . 
# 
loop_
_pdbx_unobs_or_zero_occ_residues.id 
_pdbx_unobs_or_zero_occ_residues.PDB_model_num 
_pdbx_unobs_or_zero_occ_residues.polymer_flag 
_pdbx_unobs_or_zero_occ_residues.occupancy_flag 
_pdbx_unobs_or_zero_occ_residues.auth_asym_id 
_pdbx_unobs_or_zero_occ_residues.auth_comp_id 
_pdbx_unobs_or_zero_occ_residues.auth_seq_id 
_pdbx_unobs_or_zero_occ_residues.PDB_ins_code 
_pdbx_unobs_or_zero_occ_residues.label_asym_id 
_pdbx_unobs_or_zero_occ_residues.label_comp_id 
_pdbx_unobs_or_zero_occ_residues.label_seq_id 
1  1 Y 1 A GLU 101 ? A GLU 101 
2  1 Y 1 A PRO 102 ? A PRO 102 
3  1 Y 1 A ASP 103 ? A ASP 103 
4  1 Y 1 A GLY 104 ? A GLY 104 
5  1 Y 1 A PRO 105 ? A PRO 105 
6  1 Y 1 A LYS 106 ? A LYS 106 
7  1 Y 1 A GLU 107 ? A GLU 107 
8  1 Y 1 A LYS 108 ? A LYS 108 
9  1 Y 1 A PRO 109 ? A PRO 109 
10 1 Y 1 A ARG 110 ? A ARG 110 
# 
loop_
_chem_comp_atom.comp_id 
_chem_comp_atom.atom_id 
_chem_comp_atom.type_symbol 
_chem_comp_atom.pdbx_aromatic_flag 
_chem_comp_atom.pdbx_stereo_config 
_chem_comp_atom.pdbx_ordinal 
ALA N    N N N 1   
ALA CA   C N S 2   
ALA C    C N N 3   
ALA O    O N N 4   
ALA CB   C N N 5   
ALA OXT  O N N 6   
ALA H    H N N 7   
ALA H2   H N N 8   
ALA HA   H N N 9   
ALA HB1  H N N 10  
ALA HB2  H N N 11  
ALA HB3  H N N 12  
ALA HXT  H N N 13  
ARG N    N N N 14  
ARG CA   C N S 15  
ARG C    C N N 16  
ARG O    O N N 17  
ARG CB   C N N 18  
ARG CG   C N N 19  
ARG CD   C N N 20  
ARG NE   N N N 21  
ARG CZ   C N N 22  
ARG NH1  N N N 23  
ARG NH2  N N N 24  
ARG OXT  O N N 25  
ARG H    H N N 26  
ARG H2   H N N 27  
ARG HA   H N N 28  
ARG HB2  H N N 29  
ARG HB3  H N N 30  
ARG HG2  H N N 31  
ARG HG3  H N N 32  
ARG HD2  H N N 33  
ARG HD3  H N N 34  
ARG HE   H N N 35  
ARG HH11 H N N 36  
ARG HH12 H N N 37  
ARG HH21 H N N 38  
ARG HH22 H N N 39  
ARG HXT  H N N 40  
ASN N    N N N 41  
ASN CA   C N S 42  
ASN C    C N N 43  
ASN O    O N N 44  
ASN CB   C N N 45  
ASN CG   C N N 46  
ASN OD1  O N N 47  
ASN ND2  N N N 48  
ASN OXT  O N N 49  
ASN H    H N N 50  
ASN H2   H N N 51  
ASN HA   H N N 52  
ASN HB2  H N N 53  
ASN HB3  H N N 54  
ASN HD21 H N N 55  
ASN HD22 H N N 56  
ASN HXT  H N N 57  
ASP N    N N N 58  
ASP CA   C N S 59  
ASP C    C N N 60  
ASP O    O N N 61  
ASP CB   C N N 62  
ASP CG   C N N 63  
ASP OD1  O N N 64  
ASP OD2  O N N 65  
ASP OXT  O N N 66  
ASP H    H N N 67  
ASP H2   H N N 68  
ASP HA   H N N 69  
ASP HB2  H N N 70  
ASP HB3  H N N 71  
ASP HD2  H N N 72  
ASP HXT  H N N 73  
CYS N    N N N 74  
CYS CA   C N R 75  
CYS C    C N N 76  
CYS O    O N N 77  
CYS CB   C N N 78  
CYS SG   S N N 79  
CYS OXT  O N N 80  
CYS H    H N N 81  
CYS H2   H N N 82  
CYS HA   H N N 83  
CYS HB2  H N N 84  
CYS HB3  H N N 85  
CYS HG   H N N 86  
CYS HXT  H N N 87  
GLN N    N N N 88  
GLN CA   C N S 89  
GLN C    C N N 90  
GLN O    O N N 91  
GLN CB   C N N 92  
GLN CG   C N N 93  
GLN CD   C N N 94  
GLN OE1  O N N 95  
GLN NE2  N N N 96  
GLN OXT  O N N 97  
GLN H    H N N 98  
GLN H2   H N N 99  
GLN HA   H N N 100 
GLN HB2  H N N 101 
GLN HB3  H N N 102 
GLN HG2  H N N 103 
GLN HG3  H N N 104 
GLN HE21 H N N 105 
GLN HE22 H N N 106 
GLN HXT  H N N 107 
GLU N    N N N 108 
GLU CA   C N S 109 
GLU C    C N N 110 
GLU O    O N N 111 
GLU CB   C N N 112 
GLU CG   C N N 113 
GLU CD   C N N 114 
GLU OE1  O N N 115 
GLU OE2  O N N 116 
GLU OXT  O N N 117 
GLU H    H N N 118 
GLU H2   H N N 119 
GLU HA   H N N 120 
GLU HB2  H N N 121 
GLU HB3  H N N 122 
GLU HG2  H N N 123 
GLU HG3  H N N 124 
GLU HE2  H N N 125 
GLU HXT  H N N 126 
GLY N    N N N 127 
GLY CA   C N N 128 
GLY C    C N N 129 
GLY O    O N N 130 
GLY OXT  O N N 131 
GLY H    H N N 132 
GLY H2   H N N 133 
GLY HA2  H N N 134 
GLY HA3  H N N 135 
GLY HXT  H N N 136 
HIS N    N N N 137 
HIS CA   C N S 138 
HIS C    C N N 139 
HIS O    O N N 140 
HIS CB   C N N 141 
HIS CG   C Y N 142 
HIS ND1  N Y N 143 
HIS CD2  C Y N 144 
HIS CE1  C Y N 145 
HIS NE2  N Y N 146 
HIS OXT  O N N 147 
HIS H    H N N 148 
HIS H2   H N N 149 
HIS HA   H N N 150 
HIS HB2  H N N 151 
HIS HB3  H N N 152 
HIS HD1  H N N 153 
HIS HD2  H N N 154 
HIS HE1  H N N 155 
HIS HE2  H N N 156 
HIS HXT  H N N 157 
HOH O    O N N 158 
HOH H1   H N N 159 
HOH H2   H N N 160 
ILE N    N N N 161 
ILE CA   C N S 162 
ILE C    C N N 163 
ILE O    O N N 164 
ILE CB   C N S 165 
ILE CG1  C N N 166 
ILE CG2  C N N 167 
ILE CD1  C N N 168 
ILE OXT  O N N 169 
ILE H    H N N 170 
ILE H2   H N N 171 
ILE HA   H N N 172 
ILE HB   H N N 173 
ILE HG12 H N N 174 
ILE HG13 H N N 175 
ILE HG21 H N N 176 
ILE HG22 H N N 177 
ILE HG23 H N N 178 
ILE HD11 H N N 179 
ILE HD12 H N N 180 
ILE HD13 H N N 181 
ILE HXT  H N N 182 
LEU N    N N N 183 
LEU CA   C N S 184 
LEU C    C N N 185 
LEU O    O N N 186 
LEU CB   C N N 187 
LEU CG   C N N 188 
LEU CD1  C N N 189 
LEU CD2  C N N 190 
LEU OXT  O N N 191 
LEU H    H N N 192 
LEU H2   H N N 193 
LEU HA   H N N 194 
LEU HB2  H N N 195 
LEU HB3  H N N 196 
LEU HG   H N N 197 
LEU HD11 H N N 198 
LEU HD12 H N N 199 
LEU HD13 H N N 200 
LEU HD21 H N N 201 
LEU HD22 H N N 202 
LEU HD23 H N N 203 
LEU HXT  H N N 204 
LYS N    N N N 205 
LYS CA   C N S 206 
LYS C    C N N 207 
LYS O    O N N 208 
LYS CB   C N N 209 
LYS CG   C N N 210 
LYS CD   C N N 211 
LYS CE   C N N 212 
LYS NZ   N N N 213 
LYS OXT  O N N 214 
LYS H    H N N 215 
LYS H2   H N N 216 
LYS HA   H N N 217 
LYS HB2  H N N 218 
LYS HB3  H N N 219 
LYS HG2  H N N 220 
LYS HG3  H N N 221 
LYS HD2  H N N 222 
LYS HD3  H N N 223 
LYS HE2  H N N 224 
LYS HE3  H N N 225 
LYS HZ1  H N N 226 
LYS HZ2  H N N 227 
LYS HZ3  H N N 228 
LYS HXT  H N N 229 
MET N    N N N 230 
MET CA   C N S 231 
MET C    C N N 232 
MET O    O N N 233 
MET CB   C N N 234 
MET CG   C N N 235 
MET SD   S N N 236 
MET CE   C N N 237 
MET OXT  O N N 238 
MET H    H N N 239 
MET H2   H N N 240 
MET HA   H N N 241 
MET HB2  H N N 242 
MET HB3  H N N 243 
MET HG2  H N N 244 
MET HG3  H N N 245 
MET HE1  H N N 246 
MET HE2  H N N 247 
MET HE3  H N N 248 
MET HXT  H N N 249 
PCA N    N N N 250 
PCA CA   C N S 251 
PCA CB   C N N 252 
PCA CG   C N N 253 
PCA CD   C N N 254 
PCA OE   O N N 255 
PCA C    C N N 256 
PCA O    O N N 257 
PCA OXT  O N N 258 
PCA H    H N N 259 
PCA HA   H N N 260 
PCA HB2  H N N 261 
PCA HB3  H N N 262 
PCA HG2  H N N 263 
PCA HG3  H N N 264 
PCA HXT  H N N 265 
PHE N    N N N 266 
PHE CA   C N S 267 
PHE C    C N N 268 
PHE O    O N N 269 
PHE CB   C N N 270 
PHE CG   C Y N 271 
PHE CD1  C Y N 272 
PHE CD2  C Y N 273 
PHE CE1  C Y N 274 
PHE CE2  C Y N 275 
PHE CZ   C Y N 276 
PHE OXT  O N N 277 
PHE H    H N N 278 
PHE H2   H N N 279 
PHE HA   H N N 280 
PHE HB2  H N N 281 
PHE HB3  H N N 282 
PHE HD1  H N N 283 
PHE HD2  H N N 284 
PHE HE1  H N N 285 
PHE HE2  H N N 286 
PHE HZ   H N N 287 
PHE HXT  H N N 288 
PRO N    N N N 289 
PRO CA   C N S 290 
PRO C    C N N 291 
PRO O    O N N 292 
PRO CB   C N N 293 
PRO CG   C N N 294 
PRO CD   C N N 295 
PRO OXT  O N N 296 
PRO H    H N N 297 
PRO HA   H N N 298 
PRO HB2  H N N 299 
PRO HB3  H N N 300 
PRO HG2  H N N 301 
PRO HG3  H N N 302 
PRO HD2  H N N 303 
PRO HD3  H N N 304 
PRO HXT  H N N 305 
SER N    N N N 306 
SER CA   C N S 307 
SER C    C N N 308 
SER O    O N N 309 
SER CB   C N N 310 
SER OG   O N N 311 
SER OXT  O N N 312 
SER H    H N N 313 
SER H2   H N N 314 
SER HA   H N N 315 
SER HB2  H N N 316 
SER HB3  H N N 317 
SER HG   H N N 318 
SER HXT  H N N 319 
THR N    N N N 320 
THR CA   C N S 321 
THR C    C N N 322 
THR O    O N N 323 
THR CB   C N R 324 
THR OG1  O N N 325 
THR CG2  C N N 326 
THR OXT  O N N 327 
THR H    H N N 328 
THR H2   H N N 329 
THR HA   H N N 330 
THR HB   H N N 331 
THR HG1  H N N 332 
THR HG21 H N N 333 
THR HG22 H N N 334 
THR HG23 H N N 335 
THR HXT  H N N 336 
TRS C    C N N 337 
TRS C1   C N N 338 
TRS C2   C N N 339 
TRS C3   C N N 340 
TRS N    N N N 341 
TRS O1   O N N 342 
TRS O2   O N N 343 
TRS O3   O N N 344 
TRS H11  H N N 345 
TRS H12  H N N 346 
TRS H21  H N N 347 
TRS H22  H N N 348 
TRS H31  H N N 349 
TRS H32  H N N 350 
TRS HN1  H N N 351 
TRS HN2  H N N 352 
TRS HN3  H N N 353 
TRS HO1  H N N 354 
TRS HO2  H N N 355 
TRS HO3  H N N 356 
TYR N    N N N 357 
TYR CA   C N S 358 
TYR C    C N N 359 
TYR O    O N N 360 
TYR CB   C N N 361 
TYR CG   C Y N 362 
TYR CD1  C Y N 363 
TYR CD2  C Y N 364 
TYR CE1  C Y N 365 
TYR CE2  C Y N 366 
TYR CZ   C Y N 367 
TYR OH   O N N 368 
TYR OXT  O N N 369 
TYR H    H N N 370 
TYR H2   H N N 371 
TYR HA   H N N 372 
TYR HB2  H N N 373 
TYR HB3  H N N 374 
TYR HD1  H N N 375 
TYR HD2  H N N 376 
TYR HE1  H N N 377 
TYR HE2  H N N 378 
TYR HH   H N N 379 
TYR HXT  H N N 380 
VAL N    N N N 381 
VAL CA   C N S 382 
VAL C    C N N 383 
VAL O    O N N 384 
VAL CB   C N N 385 
VAL CG1  C N N 386 
VAL CG2  C N N 387 
VAL OXT  O N N 388 
VAL H    H N N 389 
VAL H2   H N N 390 
VAL HA   H N N 391 
VAL HB   H N N 392 
VAL HG11 H N N 393 
VAL HG12 H N N 394 
VAL HG13 H N N 395 
VAL HG21 H N N 396 
VAL HG22 H N N 397 
VAL HG23 H N N 398 
VAL HXT  H N N 399 
# 
loop_
_chem_comp_bond.comp_id 
_chem_comp_bond.atom_id_1 
_chem_comp_bond.atom_id_2 
_chem_comp_bond.value_order 
_chem_comp_bond.pdbx_aromatic_flag 
_chem_comp_bond.pdbx_stereo_config 
_chem_comp_bond.pdbx_ordinal 
ALA N   CA   sing N N 1   
ALA N   H    sing N N 2   
ALA N   H2   sing N N 3   
ALA CA  C    sing N N 4   
ALA CA  CB   sing N N 5   
ALA CA  HA   sing N N 6   
ALA C   O    doub N N 7   
ALA C   OXT  sing N N 8   
ALA CB  HB1  sing N N 9   
ALA CB  HB2  sing N N 10  
ALA CB  HB3  sing N N 11  
ALA OXT HXT  sing N N 12  
ARG N   CA   sing N N 13  
ARG N   H    sing N N 14  
ARG N   H2   sing N N 15  
ARG CA  C    sing N N 16  
ARG CA  CB   sing N N 17  
ARG CA  HA   sing N N 18  
ARG C   O    doub N N 19  
ARG C   OXT  sing N N 20  
ARG CB  CG   sing N N 21  
ARG CB  HB2  sing N N 22  
ARG CB  HB3  sing N N 23  
ARG CG  CD   sing N N 24  
ARG CG  HG2  sing N N 25  
ARG CG  HG3  sing N N 26  
ARG CD  NE   sing N N 27  
ARG CD  HD2  sing N N 28  
ARG CD  HD3  sing N N 29  
ARG NE  CZ   sing N N 30  
ARG NE  HE   sing N N 31  
ARG CZ  NH1  sing N N 32  
ARG CZ  NH2  doub N N 33  
ARG NH1 HH11 sing N N 34  
ARG NH1 HH12 sing N N 35  
ARG NH2 HH21 sing N N 36  
ARG NH2 HH22 sing N N 37  
ARG OXT HXT  sing N N 38  
ASN N   CA   sing N N 39  
ASN N   H    sing N N 40  
ASN N   H2   sing N N 41  
ASN CA  C    sing N N 42  
ASN CA  CB   sing N N 43  
ASN CA  HA   sing N N 44  
ASN C   O    doub N N 45  
ASN C   OXT  sing N N 46  
ASN CB  CG   sing N N 47  
ASN CB  HB2  sing N N 48  
ASN CB  HB3  sing N N 49  
ASN CG  OD1  doub N N 50  
ASN CG  ND2  sing N N 51  
ASN ND2 HD21 sing N N 52  
ASN ND2 HD22 sing N N 53  
ASN OXT HXT  sing N N 54  
ASP N   CA   sing N N 55  
ASP N   H    sing N N 56  
ASP N   H2   sing N N 57  
ASP CA  C    sing N N 58  
ASP CA  CB   sing N N 59  
ASP CA  HA   sing N N 60  
ASP C   O    doub N N 61  
ASP C   OXT  sing N N 62  
ASP CB  CG   sing N N 63  
ASP CB  HB2  sing N N 64  
ASP CB  HB3  sing N N 65  
ASP CG  OD1  doub N N 66  
ASP CG  OD2  sing N N 67  
ASP OD2 HD2  sing N N 68  
ASP OXT HXT  sing N N 69  
CYS N   CA   sing N N 70  
CYS N   H    sing N N 71  
CYS N   H2   sing N N 72  
CYS CA  C    sing N N 73  
CYS CA  CB   sing N N 74  
CYS CA  HA   sing N N 75  
CYS C   O    doub N N 76  
CYS C   OXT  sing N N 77  
CYS CB  SG   sing N N 78  
CYS CB  HB2  sing N N 79  
CYS CB  HB3  sing N N 80  
CYS SG  HG   sing N N 81  
CYS OXT HXT  sing N N 82  
GLN N   CA   sing N N 83  
GLN N   H    sing N N 84  
GLN N   H2   sing N N 85  
GLN CA  C    sing N N 86  
GLN CA  CB   sing N N 87  
GLN CA  HA   sing N N 88  
GLN C   O    doub N N 89  
GLN C   OXT  sing N N 90  
GLN CB  CG   sing N N 91  
GLN CB  HB2  sing N N 92  
GLN CB  HB3  sing N N 93  
GLN CG  CD   sing N N 94  
GLN CG  HG2  sing N N 95  
GLN CG  HG3  sing N N 96  
GLN CD  OE1  doub N N 97  
GLN CD  NE2  sing N N 98  
GLN NE2 HE21 sing N N 99  
GLN NE2 HE22 sing N N 100 
GLN OXT HXT  sing N N 101 
GLU N   CA   sing N N 102 
GLU N   H    sing N N 103 
GLU N   H2   sing N N 104 
GLU CA  C    sing N N 105 
GLU CA  CB   sing N N 106 
GLU CA  HA   sing N N 107 
GLU C   O    doub N N 108 
GLU C   OXT  sing N N 109 
GLU CB  CG   sing N N 110 
GLU CB  HB2  sing N N 111 
GLU CB  HB3  sing N N 112 
GLU CG  CD   sing N N 113 
GLU CG  HG2  sing N N 114 
GLU CG  HG3  sing N N 115 
GLU CD  OE1  doub N N 116 
GLU CD  OE2  sing N N 117 
GLU OE2 HE2  sing N N 118 
GLU OXT HXT  sing N N 119 
GLY N   CA   sing N N 120 
GLY N   H    sing N N 121 
GLY N   H2   sing N N 122 
GLY CA  C    sing N N 123 
GLY CA  HA2  sing N N 124 
GLY CA  HA3  sing N N 125 
GLY C   O    doub N N 126 
GLY C   OXT  sing N N 127 
GLY OXT HXT  sing N N 128 
HIS N   CA   sing N N 129 
HIS N   H    sing N N 130 
HIS N   H2   sing N N 131 
HIS CA  C    sing N N 132 
HIS CA  CB   sing N N 133 
HIS CA  HA   sing N N 134 
HIS C   O    doub N N 135 
HIS C   OXT  sing N N 136 
HIS CB  CG   sing N N 137 
HIS CB  HB2  sing N N 138 
HIS CB  HB3  sing N N 139 
HIS CG  ND1  sing Y N 140 
HIS CG  CD2  doub Y N 141 
HIS ND1 CE1  doub Y N 142 
HIS ND1 HD1  sing N N 143 
HIS CD2 NE2  sing Y N 144 
HIS CD2 HD2  sing N N 145 
HIS CE1 NE2  sing Y N 146 
HIS CE1 HE1  sing N N 147 
HIS NE2 HE2  sing N N 148 
HIS OXT HXT  sing N N 149 
HOH O   H1   sing N N 150 
HOH O   H2   sing N N 151 
ILE N   CA   sing N N 152 
ILE N   H    sing N N 153 
ILE N   H2   sing N N 154 
ILE CA  C    sing N N 155 
ILE CA  CB   sing N N 156 
ILE CA  HA   sing N N 157 
ILE C   O    doub N N 158 
ILE C   OXT  sing N N 159 
ILE CB  CG1  sing N N 160 
ILE CB  CG2  sing N N 161 
ILE CB  HB   sing N N 162 
ILE CG1 CD1  sing N N 163 
ILE CG1 HG12 sing N N 164 
ILE CG1 HG13 sing N N 165 
ILE CG2 HG21 sing N N 166 
ILE CG2 HG22 sing N N 167 
ILE CG2 HG23 sing N N 168 
ILE CD1 HD11 sing N N 169 
ILE CD1 HD12 sing N N 170 
ILE CD1 HD13 sing N N 171 
ILE OXT HXT  sing N N 172 
LEU N   CA   sing N N 173 
LEU N   H    sing N N 174 
LEU N   H2   sing N N 175 
LEU CA  C    sing N N 176 
LEU CA  CB   sing N N 177 
LEU CA  HA   sing N N 178 
LEU C   O    doub N N 179 
LEU C   OXT  sing N N 180 
LEU CB  CG   sing N N 181 
LEU CB  HB2  sing N N 182 
LEU CB  HB3  sing N N 183 
LEU CG  CD1  sing N N 184 
LEU CG  CD2  sing N N 185 
LEU CG  HG   sing N N 186 
LEU CD1 HD11 sing N N 187 
LEU CD1 HD12 sing N N 188 
LEU CD1 HD13 sing N N 189 
LEU CD2 HD21 sing N N 190 
LEU CD2 HD22 sing N N 191 
LEU CD2 HD23 sing N N 192 
LEU OXT HXT  sing N N 193 
LYS N   CA   sing N N 194 
LYS N   H    sing N N 195 
LYS N   H2   sing N N 196 
LYS CA  C    sing N N 197 
LYS CA  CB   sing N N 198 
LYS CA  HA   sing N N 199 
LYS C   O    doub N N 200 
LYS C   OXT  sing N N 201 
LYS CB  CG   sing N N 202 
LYS CB  HB2  sing N N 203 
LYS CB  HB3  sing N N 204 
LYS CG  CD   sing N N 205 
LYS CG  HG2  sing N N 206 
LYS CG  HG3  sing N N 207 
LYS CD  CE   sing N N 208 
LYS CD  HD2  sing N N 209 
LYS CD  HD3  sing N N 210 
LYS CE  NZ   sing N N 211 
LYS CE  HE2  sing N N 212 
LYS CE  HE3  sing N N 213 
LYS NZ  HZ1  sing N N 214 
LYS NZ  HZ2  sing N N 215 
LYS NZ  HZ3  sing N N 216 
LYS OXT HXT  sing N N 217 
MET N   CA   sing N N 218 
MET N   H    sing N N 219 
MET N   H2   sing N N 220 
MET CA  C    sing N N 221 
MET CA  CB   sing N N 222 
MET CA  HA   sing N N 223 
MET C   O    doub N N 224 
MET C   OXT  sing N N 225 
MET CB  CG   sing N N 226 
MET CB  HB2  sing N N 227 
MET CB  HB3  sing N N 228 
MET CG  SD   sing N N 229 
MET CG  HG2  sing N N 230 
MET CG  HG3  sing N N 231 
MET SD  CE   sing N N 232 
MET CE  HE1  sing N N 233 
MET CE  HE2  sing N N 234 
MET CE  HE3  sing N N 235 
MET OXT HXT  sing N N 236 
PCA N   CA   sing N N 237 
PCA N   CD   sing N N 238 
PCA N   H    sing N N 239 
PCA CA  CB   sing N N 240 
PCA CA  C    sing N N 241 
PCA CA  HA   sing N N 242 
PCA CB  CG   sing N N 243 
PCA CB  HB2  sing N N 244 
PCA CB  HB3  sing N N 245 
PCA CG  CD   sing N N 246 
PCA CG  HG2  sing N N 247 
PCA CG  HG3  sing N N 248 
PCA CD  OE   doub N N 249 
PCA C   O    doub N N 250 
PCA C   OXT  sing N N 251 
PCA OXT HXT  sing N N 252 
PHE N   CA   sing N N 253 
PHE N   H    sing N N 254 
PHE N   H2   sing N N 255 
PHE CA  C    sing N N 256 
PHE CA  CB   sing N N 257 
PHE CA  HA   sing N N 258 
PHE C   O    doub N N 259 
PHE C   OXT  sing N N 260 
PHE CB  CG   sing N N 261 
PHE CB  HB2  sing N N 262 
PHE CB  HB3  sing N N 263 
PHE CG  CD1  doub Y N 264 
PHE CG  CD2  sing Y N 265 
PHE CD1 CE1  sing Y N 266 
PHE CD1 HD1  sing N N 267 
PHE CD2 CE2  doub Y N 268 
PHE CD2 HD2  sing N N 269 
PHE CE1 CZ   doub Y N 270 
PHE CE1 HE1  sing N N 271 
PHE CE2 CZ   sing Y N 272 
PHE CE2 HE2  sing N N 273 
PHE CZ  HZ   sing N N 274 
PHE OXT HXT  sing N N 275 
PRO N   CA   sing N N 276 
PRO N   CD   sing N N 277 
PRO N   H    sing N N 278 
PRO CA  C    sing N N 279 
PRO CA  CB   sing N N 280 
PRO CA  HA   sing N N 281 
PRO C   O    doub N N 282 
PRO C   OXT  sing N N 283 
PRO CB  CG   sing N N 284 
PRO CB  HB2  sing N N 285 
PRO CB  HB3  sing N N 286 
PRO CG  CD   sing N N 287 
PRO CG  HG2  sing N N 288 
PRO CG  HG3  sing N N 289 
PRO CD  HD2  sing N N 290 
PRO CD  HD3  sing N N 291 
PRO OXT HXT  sing N N 292 
SER N   CA   sing N N 293 
SER N   H    sing N N 294 
SER N   H2   sing N N 295 
SER CA  C    sing N N 296 
SER CA  CB   sing N N 297 
SER CA  HA   sing N N 298 
SER C   O    doub N N 299 
SER C   OXT  sing N N 300 
SER CB  OG   sing N N 301 
SER CB  HB2  sing N N 302 
SER CB  HB3  sing N N 303 
SER OG  HG   sing N N 304 
SER OXT HXT  sing N N 305 
THR N   CA   sing N N 306 
THR N   H    sing N N 307 
THR N   H2   sing N N 308 
THR CA  C    sing N N 309 
THR CA  CB   sing N N 310 
THR CA  HA   sing N N 311 
THR C   O    doub N N 312 
THR C   OXT  sing N N 313 
THR CB  OG1  sing N N 314 
THR CB  CG2  sing N N 315 
THR CB  HB   sing N N 316 
THR OG1 HG1  sing N N 317 
THR CG2 HG21 sing N N 318 
THR CG2 HG22 sing N N 319 
THR CG2 HG23 sing N N 320 
THR OXT HXT  sing N N 321 
TRS C   C1   sing N N 322 
TRS C   C2   sing N N 323 
TRS C   C3   sing N N 324 
TRS C   N    sing N N 325 
TRS C1  O1   sing N N 326 
TRS C1  H11  sing N N 327 
TRS C1  H12  sing N N 328 
TRS C2  O2   sing N N 329 
TRS C2  H21  sing N N 330 
TRS C2  H22  sing N N 331 
TRS C3  O3   sing N N 332 
TRS C3  H31  sing N N 333 
TRS C3  H32  sing N N 334 
TRS N   HN1  sing N N 335 
TRS N   HN2  sing N N 336 
TRS N   HN3  sing N N 337 
TRS O1  HO1  sing N N 338 
TRS O2  HO2  sing N N 339 
TRS O3  HO3  sing N N 340 
TYR N   CA   sing N N 341 
TYR N   H    sing N N 342 
TYR N   H2   sing N N 343 
TYR CA  C    sing N N 344 
TYR CA  CB   sing N N 345 
TYR CA  HA   sing N N 346 
TYR C   O    doub N N 347 
TYR C   OXT  sing N N 348 
TYR CB  CG   sing N N 349 
TYR CB  HB2  sing N N 350 
TYR CB  HB3  sing N N 351 
TYR CG  CD1  doub Y N 352 
TYR CG  CD2  sing Y N 353 
TYR CD1 CE1  sing Y N 354 
TYR CD1 HD1  sing N N 355 
TYR CD2 CE2  doub Y N 356 
TYR CD2 HD2  sing N N 357 
TYR CE1 CZ   doub Y N 358 
TYR CE1 HE1  sing N N 359 
TYR CE2 CZ   sing Y N 360 
TYR CE2 HE2  sing N N 361 
TYR CZ  OH   sing N N 362 
TYR OH  HH   sing N N 363 
TYR OXT HXT  sing N N 364 
VAL N   CA   sing N N 365 
VAL N   H    sing N N 366 
VAL N   H2   sing N N 367 
VAL CA  C    sing N N 368 
VAL CA  CB   sing N N 369 
VAL CA  HA   sing N N 370 
VAL C   O    doub N N 371 
VAL C   OXT  sing N N 372 
VAL CB  CG1  sing N N 373 
VAL CB  CG2  sing N N 374 
VAL CB  HB   sing N N 375 
VAL CG1 HG11 sing N N 376 
VAL CG1 HG12 sing N N 377 
VAL CG1 HG13 sing N N 378 
VAL CG2 HG21 sing N N 379 
VAL CG2 HG22 sing N N 380 
VAL CG2 HG23 sing N N 381 
VAL OXT HXT  sing N N 382 
# 
_pdbx_initial_refinement_model.accession_code   1WQ9 
_pdbx_initial_refinement_model.id               1 
_pdbx_initial_refinement_model.entity_id_list   ? 
_pdbx_initial_refinement_model.type             'experimental model' 
_pdbx_initial_refinement_model.source_name      PDB 
_pdbx_initial_refinement_model.details          VR-1 
# 
_atom_sites.entry_id                    1WQ8 
_atom_sites.fract_transf_matrix[1][1]   -0.00628446 
_atom_sites.fract_transf_matrix[1][2]   -0.00938712 
_atom_sites.fract_transf_matrix[1][3]   -0.00301504 
_atom_sites.fract_transf_matrix[2][1]   0.00866574 
_atom_sites.fract_transf_matrix[2][2]   -0.00355366 
_atom_sites.fract_transf_matrix[2][3]   -0.00699852 
_atom_sites.fract_transf_matrix[3][1]   0.00465704 
_atom_sites.fract_transf_matrix[3][2]   -0.00593841 
_atom_sites.fract_transf_matrix[3][3]   0.00878182 
_atom_sites.fract_transf_vector[1]      0.230713 
_atom_sites.fract_transf_vector[2]      0.365572 
_atom_sites.fract_transf_vector[3]      0.000766 
# 
loop_
_atom_type.symbol 
C 
N 
O 
S 
# 
loop_
_atom_site.group_PDB 
_atom_site.id 
_atom_site.type_symbol 
_atom_site.label_atom_id 
_atom_site.label_alt_id 
_atom_site.label_comp_id 
_atom_site.label_asym_id 
_atom_site.label_entity_id 
_atom_site.label_seq_id 
_atom_site.pdbx_PDB_ins_code 
_atom_site.Cartn_x 
_atom_site.Cartn_y 
_atom_site.Cartn_z 
_atom_site.occupancy 
_atom_site.B_iso_or_equiv 
_atom_site.pdbx_formal_charge 
_atom_site.auth_seq_id 
_atom_site.auth_comp_id 
_atom_site.auth_asym_id 
_atom_site.auth_atom_id 
_atom_site.pdbx_PDB_model_num 
HETATM 1   N N   . PCA A 1 1   ? -29.701 3.252   11.131  1.00 41.84 ? 1    PCA A N   1 
HETATM 2   C CA  . PCA A 1 1   ? -29.630 4.369   10.221  1.00 39.66 ? 1    PCA A CA  1 
HETATM 3   C CB  . PCA A 1 1   ? -28.740 5.378   10.941  1.00 40.53 ? 1    PCA A CB  1 
HETATM 4   C CG  . PCA A 1 1   ? -28.474 4.756   12.298  1.00 44.10 ? 1    PCA A CG  1 
HETATM 5   C CD  . PCA A 1 1   ? -29.096 3.406   12.266  1.00 44.65 ? 1    PCA A CD  1 
HETATM 6   O OE  . PCA A 1 1   ? -29.058 2.543   13.164  1.00 47.87 ? 1    PCA A OE  1 
HETATM 7   C C   . PCA A 1 1   ? -29.054 3.901   8.895   1.00 36.45 ? 1    PCA A C   1 
HETATM 8   O O   . PCA A 1 1   ? -28.060 3.172   8.861   1.00 38.26 ? 1    PCA A O   1 
ATOM   9   N N   . VAL A 1 2   ? -29.688 4.312   7.801   1.00 31.57 ? 2    VAL A N   1 
ATOM   10  C CA  . VAL A 1 2   ? -29.197 3.992   6.470   1.00 26.73 ? 2    VAL A CA  1 
ATOM   11  C C   . VAL A 1 2   ? -28.158 5.028   6.068   1.00 24.31 ? 2    VAL A C   1 
ATOM   12  O O   . VAL A 1 2   ? -28.421 6.223   6.107   1.00 24.44 ? 2    VAL A O   1 
ATOM   13  C CB  . VAL A 1 2   ? -30.341 4.005   5.435   1.00 26.93 ? 2    VAL A CB  1 
ATOM   14  C CG1 . VAL A 1 2   ? -29.793 3.691   4.050   1.00 25.24 ? 2    VAL A CG1 1 
ATOM   15  C CG2 . VAL A 1 2   ? -31.405 3.002   5.826   1.00 24.72 ? 2    VAL A CG2 1 
ATOM   16  N N   . ARG A 1 3   ? -26.969 4.571   5.695   1.00 22.86 ? 3    ARG A N   1 
ATOM   17  C CA  . ARG A 1 3   ? -25.920 5.489   5.280   1.00 22.44 ? 3    ARG A CA  1 
ATOM   18  C C   . ARG A 1 3   ? -26.328 6.101   3.934   1.00 22.04 ? 3    ARG A C   1 
ATOM   19  O O   . ARG A 1 3   ? -26.635 5.378   2.990   1.00 20.68 ? 3    ARG A O   1 
ATOM   20  C CB  . ARG A 1 3   ? -24.603 4.729   5.144   1.00 25.22 ? 3    ARG A CB  1 
ATOM   21  C CG  . ARG A 1 3   ? -23.387 5.596   4.933   1.00 27.98 ? 3    ARG A CG  1 
ATOM   22  C CD  . ARG A 1 3   ? -22.130 4.759   5.186   1.00 32.28 ? 3    ARG A CD  1 
ATOM   23  N NE  . ARG A 1 3   ? -22.135 4.225   6.549   1.00 35.08 ? 3    ARG A NE  1 
ATOM   24  C CZ  . ARG A 1 3   ? -21.282 3.315   7.015   1.00 38.17 ? 3    ARG A CZ  1 
ATOM   25  N NH1 . ARG A 1 3   ? -20.336 2.818   6.228   1.00 34.69 ? 3    ARG A NH1 1 
ATOM   26  N NH2 . ARG A 1 3   ? -21.377 2.904   8.277   1.00 39.82 ? 3    ARG A NH2 1 
ATOM   27  N N   . PRO A 1 4   ? -26.337 7.441   3.839   1.00 21.05 ? 4    PRO A N   1 
ATOM   28  C CA  . PRO A 1 4   ? -26.769 8.154   2.631   1.00 21.20 ? 4    PRO A CA  1 
ATOM   29  C C   . PRO A 1 4   ? -25.874 7.829   1.442   1.00 21.06 ? 4    PRO A C   1 
ATOM   30  O O   . PRO A 1 4   ? -24.669 7.659   1.602   1.00 19.37 ? 4    PRO A O   1 
ATOM   31  C CB  . PRO A 1 4   ? -26.646 9.626   3.019   1.00 23.23 ? 4    PRO A CB  1 
ATOM   32  C CG  . PRO A 1 4   ? -26.663 9.613   4.528   1.00 26.11 ? 4    PRO A CG  1 
ATOM   33  C CD  . PRO A 1 4   ? -25.883 8.389   4.871   1.00 23.53 ? 4    PRO A CD  1 
ATOM   34  N N   . PHE A 1 5   ? -26.470 7.774   0.255   1.00 20.31 ? 5    PHE A N   1 
ATOM   35  C CA  . PHE A 1 5   ? -25.741 7.477   -0.978  1.00 20.57 ? 5    PHE A CA  1 
ATOM   36  C C   . PHE A 1 5   ? -24.480 8.327   -1.176  1.00 20.38 ? 5    PHE A C   1 
ATOM   37  O O   . PHE A 1 5   ? -23.418 7.801   -1.510  1.00 21.20 ? 5    PHE A O   1 
ATOM   38  C CB  . PHE A 1 5   ? -26.670 7.687   -2.176  1.00 20.86 ? 5    PHE A CB  1 
ATOM   39  C CG  . PHE A 1 5   ? -26.005 7.479   -3.506  1.00 19.66 ? 5    PHE A CG  1 
ATOM   40  C CD1 . PHE A 1 5   ? -25.581 6.221   -3.894  1.00 19.70 ? 5    PHE A CD1 1 
ATOM   41  C CD2 . PHE A 1 5   ? -25.811 8.548   -4.371  1.00 20.82 ? 5    PHE A CD2 1 
ATOM   42  C CE1 . PHE A 1 5   ? -24.971 6.024   -5.127  1.00 20.46 ? 5    PHE A CE1 1 
ATOM   43  C CE2 . PHE A 1 5   ? -25.201 8.362   -5.606  1.00 20.94 ? 5    PHE A CE2 1 
ATOM   44  C CZ  . PHE A 1 5   ? -24.783 7.094   -5.980  1.00 20.95 ? 5    PHE A CZ  1 
ATOM   45  N N   . LEU A 1 6   ? -24.592 9.638   -0.984  1.00 19.26 ? 6    LEU A N   1 
ATOM   46  C CA  . LEU A 1 6   ? -23.444 10.514  -1.185  1.00 21.22 ? 6    LEU A CA  1 
ATOM   47  C C   . LEU A 1 6   ? -22.244 10.137  -0.315  1.00 18.41 ? 6    LEU A C   1 
ATOM   48  O O   . LEU A 1 6   ? -21.096 10.177  -0.765  1.00 18.04 ? 6    LEU A O   1 
ATOM   49  C CB  . LEU A 1 6   ? -23.852 11.975  -0.956  1.00 25.89 ? 6    LEU A CB  1 
ATOM   50  C CG  . LEU A 1 6   ? -24.956 12.445  -1.919  1.00 30.01 ? 6    LEU A CG  1 
ATOM   51  C CD1 . LEU A 1 6   ? -25.328 13.905  -1.647  1.00 34.51 ? 6    LEU A CD1 1 
ATOM   52  C CD2 . LEU A 1 6   ? -24.483 12.282  -3.361  1.00 34.48 ? 6    LEU A CD2 1 
ATOM   53  N N   . GLU A 1 7   ? -22.519 9.771   0.927   1.00 18.16 ? 7    GLU A N   1 
ATOM   54  C CA  . GLU A 1 7   ? -21.481 9.368   1.871   1.00 18.96 ? 7    GLU A CA  1 
ATOM   55  C C   . GLU A 1 7   ? -20.876 8.028   1.440   1.00 18.50 ? 7    GLU A C   1 
ATOM   56  O O   . GLU A 1 7   ? -19.660 7.825   1.486   1.00 16.56 ? 7    GLU A O   1 
ATOM   57  C CB  . GLU A 1 7   ? -22.086 9.252   3.276   1.00 22.85 ? 7    GLU A CB  1 
ATOM   58  C CG  . GLU A 1 7   ? -21.160 8.636   4.302   1.00 30.12 ? 7    GLU A CG  1 
ATOM   59  C CD  . GLU A 1 7   ? -21.718 8.687   5.715   1.00 34.92 ? 7    GLU A CD  1 
ATOM   60  O OE1 . GLU A 1 7   ? -21.130 8.026   6.606   1.00 37.28 ? 7    GLU A OE1 1 
ATOM   61  O OE2 . GLU A 1 7   ? -22.732 9.392   5.934   1.00 34.68 ? 7    GLU A OE2 1 
ATOM   62  N N   . VAL A 1 8   ? -21.742 7.120   1.010   1.00 18.51 ? 8    VAL A N   1 
ATOM   63  C CA  . VAL A 1 8   ? -21.312 5.800   0.559   1.00 19.12 ? 8    VAL A CA  1 
ATOM   64  C C   . VAL A 1 8   ? -20.372 5.948   -0.638  1.00 18.23 ? 8    VAL A C   1 
ATOM   65  O O   . VAL A 1 8   ? -19.262 5.398   -0.656  1.00 17.68 ? 8    VAL A O   1 
ATOM   66  C CB  . VAL A 1 8   ? -22.539 4.959   0.138   1.00 17.90 ? 8    VAL A CB  1 
ATOM   67  C CG1 . VAL A 1 8   ? -22.090 3.657   -0.548  1.00 18.06 ? 8    VAL A CG1 1 
ATOM   68  C CG2 . VAL A 1 8   ? -23.394 4.650   1.376   1.00 18.81 ? 8    VAL A CG2 1 
ATOM   69  N N   . HIS A 1 9   ? -20.830 6.706   -1.626  1.00 18.12 ? 9    HIS A N   1 
ATOM   70  C CA  . HIS A 1 9   ? -20.087 6.928   -2.853  1.00 20.67 ? 9    HIS A CA  1 
ATOM   71  C C   . HIS A 1 9   ? -18.746 7.609   -2.571  1.00 20.90 ? 9    HIS A C   1 
ATOM   72  O O   . HIS A 1 9   ? -17.713 7.233   -3.128  1.00 20.20 ? 9    HIS A O   1 
ATOM   73  C CB  . HIS A 1 9   ? -20.942 7.767   -3.817  1.00 23.89 ? 9    HIS A CB  1 
ATOM   74  C CG  . HIS A 1 9   ? -20.609 7.551   -5.259  1.00 28.13 ? 9    HIS A CG  1 
ATOM   75  N ND1 . HIS A 1 9   ? -19.570 8.197   -5.889  1.00 29.25 ? 9    HIS A ND1 1 
ATOM   76  C CD2 . HIS A 1 9   ? -21.142 6.708   -6.179  1.00 30.07 ? 9    HIS A CD2 1 
ATOM   77  C CE1 . HIS A 1 9   ? -19.472 7.761   -7.132  1.00 31.36 ? 9    HIS A CE1 1 
ATOM   78  N NE2 . HIS A 1 9   ? -20.414 6.857   -7.333  1.00 32.33 ? 9    HIS A NE2 1 
ATOM   79  N N   . GLU A 1 10  ? -18.761 8.581   -1.673  1.00 22.29 ? 10   GLU A N   1 
ATOM   80  C CA  . GLU A 1 10  ? -17.555 9.321   -1.328  1.00 23.38 ? 10   GLU A CA  1 
ATOM   81  C C   . GLU A 1 10  ? -16.445 8.439   -0.733  1.00 22.08 ? 10   GLU A C   1 
ATOM   82  O O   . GLU A 1 10  ? -15.272 8.611   -1.052  1.00 21.27 ? 10   GLU A O   1 
ATOM   83  C CB  . GLU A 1 10  ? -17.920 10.452  -0.355  1.00 26.90 ? 10   GLU A CB  1 
ATOM   84  C CG  . GLU A 1 10  ? -16.757 11.315  0.086   1.00 35.73 ? 10   GLU A CG  1 
ATOM   85  C CD  . GLU A 1 10  ? -17.162 12.375  1.114   1.00 42.15 ? 10   GLU A CD  1 
ATOM   86  O OE1 . GLU A 1 10  ? -16.255 13.073  1.632   1.00 46.40 ? 10   GLU A OE1 1 
ATOM   87  O OE2 . GLU A 1 10  ? -18.376 12.513  1.406   1.00 43.06 ? 10   GLU A OE2 1 
ATOM   88  N N   . ARG A 1 11  ? -16.805 7.491   0.124   1.00 19.61 ? 11   ARG A N   1 
ATOM   89  C CA  . ARG A 1 11  ? -15.787 6.642   0.732   1.00 19.32 ? 11   ARG A CA  1 
ATOM   90  C C   . ARG A 1 11  ? -15.273 5.546   -0.195  1.00 18.76 ? 11   ARG A C   1 
ATOM   91  O O   . ARG A 1 11  ? -14.130 5.135   -0.088  1.00 20.63 ? 11   ARG A O   1 
ATOM   92  C CB  . ARG A 1 11  ? -16.298 5.997   2.027   1.00 22.06 ? 11   ARG A CB  1 
ATOM   93  C CG  . ARG A 1 11  ? -16.471 6.976   3.203   1.00 27.22 ? 11   ARG A CG  1 
ATOM   94  C CD  . ARG A 1 11  ? -15.270 7.924   3.338   1.00 27.02 ? 11   ARG A CD  1 
ATOM   95  N NE  . ARG A 1 11  ? -14.010 7.208   3.466   1.00 30.95 ? 11   ARG A NE  1 
ATOM   96  C CZ  . ARG A 1 11  ? -12.819 7.733   3.192   1.00 32.70 ? 11   ARG A CZ  1 
ATOM   97  N NH1 . ARG A 1 11  ? -12.729 8.993   2.771   1.00 34.03 ? 11   ARG A NH1 1 
ATOM   98  N NH2 . ARG A 1 11  ? -11.720 6.999   3.328   1.00 30.71 ? 11   ARG A NH2 1 
ATOM   99  N N   . SER A 1 12  ? -16.106 5.058   -1.102  1.00 19.17 ? 12   SER A N   1 
ATOM   100 C CA  . SER A 1 12  ? -15.611 4.003   -1.975  1.00 21.04 ? 12   SER A CA  1 
ATOM   101 C C   . SER A 1 12  ? -14.837 4.551   -3.174  1.00 19.28 ? 12   SER A C   1 
ATOM   102 O O   . SER A 1 12  ? -14.178 3.798   -3.892  1.00 19.41 ? 12   SER A O   1 
ATOM   103 C CB  . SER A 1 12  ? -16.761 3.121   -2.446  1.00 22.34 ? 12   SER A CB  1 
ATOM   104 O OG  . SER A 1 12  ? -17.700 3.869   -3.164  1.00 25.83 ? 12   SER A OG  1 
ATOM   105 N N   . ALA A 1 13  ? -14.890 5.862   -3.375  1.00 18.18 ? 13   ALA A N   1 
ATOM   106 C CA  . ALA A 1 13  ? -14.196 6.476   -4.504  1.00 19.09 ? 13   ALA A CA  1 
ATOM   107 C C   . ALA A 1 13  ? -12.675 6.333   -4.446  1.00 17.59 ? 13   ALA A C   1 
ATOM   108 O O   . ALA A 1 13  ? -12.069 6.254   -3.376  1.00 17.28 ? 13   ALA A O   1 
ATOM   109 C CB  . ALA A 1 13  ? -14.570 7.960   -4.608  1.00 20.14 ? 13   ALA A CB  1 
ATOM   110 N N   . CYS A 1 14  ? -12.071 6.316   -5.627  1.00 18.62 ? 14   CYS A N   1 
ATOM   111 C CA  . CYS A 1 14  ? -10.626 6.221   -5.765  1.00 17.87 ? 14   CYS A CA  1 
ATOM   112 C C   . CYS A 1 14  ? -9.956  7.341   -4.980  1.00 19.05 ? 14   CYS A C   1 
ATOM   113 O O   . CYS A 1 14  ? -10.195 8.515   -5.248  1.00 19.77 ? 14   CYS A O   1 
ATOM   114 C CB  . CYS A 1 14  ? -10.261 6.332   -7.239  1.00 19.77 ? 14   CYS A CB  1 
ATOM   115 S SG  . CYS A 1 14  ? -8.480  6.406   -7.568  1.00 22.15 ? 14   CYS A SG  1 
ATOM   116 N N   . GLN A 1 15  ? -9.118  6.974   -4.016  1.00 18.59 ? 15   GLN A N   1 
ATOM   117 C CA  . GLN A 1 15  ? -8.420  7.944   -3.173  1.00 19.38 ? 15   GLN A CA  1 
ATOM   118 C C   . GLN A 1 15  ? -7.376  7.200   -2.349  1.00 18.89 ? 15   GLN A C   1 
ATOM   119 O O   . GLN A 1 15  ? -7.360  5.975   -2.314  1.00 17.74 ? 15   GLN A O   1 
ATOM   120 C CB  . GLN A 1 15  ? -9.410  8.633   -2.223  1.00 17.41 ? 15   GLN A CB  1 
ATOM   121 C CG  . GLN A 1 15  ? -10.030 7.678   -1.212  1.00 18.63 ? 15   GLN A CG  1 
ATOM   122 C CD  . GLN A 1 15  ? -11.252 8.254   -0.530  1.00 21.68 ? 15   GLN A CD  1 
ATOM   123 O OE1 . GLN A 1 15  ? -11.135 9.063   0.387   1.00 23.82 ? 15   GLN A OE1 1 
ATOM   124 N NE2 . GLN A 1 15  ? -12.443 7.846   -0.987  1.00 20.17 ? 15   GLN A NE2 1 
ATOM   125 N N   . ALA A 1 16  ? -6.512  7.945   -1.675  1.00 18.48 ? 16   ALA A N   1 
ATOM   126 C CA  . ALA A 1 16  ? -5.485  7.328   -0.855  1.00 19.29 ? 16   ALA A CA  1 
ATOM   127 C C   . ALA A 1 16  ? -6.102  6.928   0.470   1.00 19.62 ? 16   ALA A C   1 
ATOM   128 O O   . ALA A 1 16  ? -6.813  7.713   1.090   1.00 19.96 ? 16   ALA A O   1 
ATOM   129 C CB  . ALA A 1 16  ? -4.334  8.304   -0.624  1.00 21.83 ? 16   ALA A CB  1 
ATOM   130 N N   . ARG A 1 17  ? -5.857  5.694   0.892   1.00 18.91 ? 17   ARG A N   1 
ATOM   131 C CA  . ARG A 1 17  ? -6.389  5.225   2.169   1.00 19.19 ? 17   ARG A CA  1 
ATOM   132 C C   . ARG A 1 17  ? -5.418  4.228   2.782   1.00 19.12 ? 17   ARG A C   1 
ATOM   133 O O   . ARG A 1 17  ? -4.536  3.692   2.093   1.00 16.98 ? 17   ARG A O   1 
ATOM   134 C CB  . ARG A 1 17  ? -7.785  4.599   1.988   1.00 21.28 ? 17   ARG A CB  1 
ATOM   135 C CG  . ARG A 1 17  ? -7.799  3.194   1.416   1.00 20.91 ? 17   ARG A CG  1 
ATOM   136 C CD  . ARG A 1 17  ? -9.232  2.725   1.160   1.00 18.92 ? 17   ARG A CD  1 
ATOM   137 N NE  . ARG A 1 17  ? -9.806  3.299   -0.060  1.00 17.22 ? 17   ARG A NE  1 
ATOM   138 C CZ  . ARG A 1 17  ? -10.977 3.931   -0.116  1.00 16.22 ? 17   ARG A CZ  1 
ATOM   139 N NH1 . ARG A 1 17  ? -11.704 4.089   0.990   1.00 17.56 ? 17   ARG A NH1 1 
ATOM   140 N NH2 . ARG A 1 17  ? -11.454 4.353   -1.288  1.00 16.99 ? 17   ARG A NH2 1 
ATOM   141 N N   . GLU A 1 18  ? -5.567  3.982   4.082   1.00 18.59 ? 18   GLU A N   1 
ATOM   142 C CA  . GLU A 1 18  ? -4.669  3.063   4.772   1.00 17.89 ? 18   GLU A CA  1 
ATOM   143 C C   . GLU A 1 18  ? -4.709  1.682   4.129   1.00 18.33 ? 18   GLU A C   1 
ATOM   144 O O   . GLU A 1 18  ? -5.775  1.077   3.979   1.00 18.01 ? 18   GLU A O   1 
ATOM   145 C CB  . GLU A 1 18  ? -5.032  2.985   6.252   1.00 21.00 ? 18   GLU A CB  1 
ATOM   146 C CG  . GLU A 1 18  ? -4.056  2.124   7.036   1.00 23.24 ? 18   GLU A CG  1 
ATOM   147 C CD  . GLU A 1 18  ? -4.405  2.026   8.509   1.00 25.76 ? 18   GLU A CD  1 
ATOM   148 O OE1 . GLU A 1 18  ? -3.633  2.555   9.343   1.00 27.83 ? 18   GLU A OE1 1 
ATOM   149 O OE2 . GLU A 1 18  ? -5.439  1.413   8.828   1.00 25.90 ? 18   GLU A OE2 1 
ATOM   150 N N   . THR A 1 19  ? -3.529  1.185   3.772   1.00 15.88 ? 19   THR A N   1 
ATOM   151 C CA  . THR A 1 19  ? -3.391  -0.086  3.073   1.00 15.49 ? 19   THR A CA  1 
ATOM   152 C C   . THR A 1 19  ? -2.261  -0.913  3.648   1.00 16.49 ? 19   THR A C   1 
ATOM   153 O O   . THR A 1 19  ? -1.204  -0.376  3.982   1.00 15.47 ? 19   THR A O   1 
ATOM   154 C CB  . THR A 1 19  ? -3.095  0.185   1.575   1.00 17.47 ? 19   THR A CB  1 
ATOM   155 O OG1 . THR A 1 19  ? -4.137  1.012   1.043   1.00 16.23 ? 19   THR A OG1 1 
ATOM   156 C CG2 . THR A 1 19  ? -3.001  -1.125  0.781   1.00 16.30 ? 19   THR A CG2 1 
ATOM   157 N N   . LEU A 1 20  ? -2.477  -2.222  3.758   1.00 15.42 ? 20   LEU A N   1 
ATOM   158 C CA  . LEU A 1 20  ? -1.445  -3.105  4.293   1.00 15.44 ? 20   LEU A CA  1 
ATOM   159 C C   . LEU A 1 20  ? -0.504  -3.504  3.163   1.00 15.29 ? 20   LEU A C   1 
ATOM   160 O O   . LEU A 1 20  ? -0.947  -3.945  2.104   1.00 15.75 ? 20   LEU A O   1 
ATOM   161 C CB  . LEU A 1 20  ? -2.087  -4.347  4.918   1.00 15.17 ? 20   LEU A CB  1 
ATOM   162 C CG  . LEU A 1 20  ? -3.002  -4.004  6.103   1.00 15.86 ? 20   LEU A CG  1 
ATOM   163 C CD1 . LEU A 1 20  ? -3.826  -5.228  6.499   1.00 20.95 ? 20   LEU A CD1 1 
ATOM   164 C CD2 . LEU A 1 20  ? -2.169  -3.513  7.274   1.00 16.92 ? 20   LEU A CD2 1 
ATOM   165 N N   . VAL A 1 21  ? 0.789   -3.317  3.400   1.00 14.16 ? 21   VAL A N   1 
ATOM   166 C CA  . VAL A 1 21  ? 1.834   -3.614  2.433   1.00 14.70 ? 21   VAL A CA  1 
ATOM   167 C C   . VAL A 1 21  ? 2.844   -4.576  3.052   1.00 15.73 ? 21   VAL A C   1 
ATOM   168 O O   . VAL A 1 21  ? 3.647   -4.188  3.919   1.00 16.06 ? 21   VAL A O   1 
ATOM   169 C CB  . VAL A 1 21  ? 2.571   -2.306  2.015   1.00 17.16 ? 21   VAL A CB  1 
ATOM   170 C CG1 . VAL A 1 21  ? 3.706   -2.616  1.025   1.00 16.01 ? 21   VAL A CG1 1 
ATOM   171 C CG2 . VAL A 1 21  ? 1.573   -1.335  1.381   1.00 18.59 ? 21   VAL A CG2 1 
ATOM   172 N N   . PRO A 1 22  ? 2.811   -5.850  2.637   1.00 16.04 ? 22   PRO A N   1 
ATOM   173 C CA  . PRO A 1 22  ? 3.812   -6.806  3.124   1.00 17.64 ? 22   PRO A CA  1 
ATOM   174 C C   . PRO A 1 22  ? 5.220   -6.304  2.765   1.00 19.27 ? 22   PRO A C   1 
ATOM   175 O O   . PRO A 1 22  ? 5.429   -5.744  1.681   1.00 18.86 ? 22   PRO A O   1 
ATOM   176 C CB  . PRO A 1 22  ? 3.476   -8.082  2.361   1.00 19.54 ? 22   PRO A CB  1 
ATOM   177 C CG  . PRO A 1 22  ? 2.005   -7.938  2.048   1.00 19.03 ? 22   PRO A CG  1 
ATOM   178 C CD  . PRO A 1 22  ? 1.860   -6.491  1.706   1.00 16.96 ? 22   PRO A CD  1 
ATOM   179 N N   . ILE A 1 23  ? 6.177   -6.499  3.665   1.00 18.07 ? 23   ILE A N   1 
ATOM   180 C CA  . ILE A 1 23  ? 7.542   -6.073  3.392   1.00 22.35 ? 23   ILE A CA  1 
ATOM   181 C C   . ILE A 1 23  ? 8.057   -6.799  2.139   1.00 22.22 ? 23   ILE A C   1 
ATOM   182 O O   . ILE A 1 23  ? 8.761   -6.210  1.318   1.00 24.02 ? 23   ILE A O   1 
ATOM   183 C CB  . ILE A 1 23  ? 8.444   -6.349  4.621   1.00 23.95 ? 23   ILE A CB  1 
ATOM   184 C CG1 . ILE A 1 23  ? 8.104   -5.320  5.709   1.00 25.56 ? 23   ILE A CG1 1 
ATOM   185 C CG2 . ILE A 1 23  ? 9.936   -6.308  4.233   1.00 23.03 ? 23   ILE A CG2 1 
ATOM   186 C CD1 . ILE A 1 23  ? 8.794   -5.549  7.029   1.00 30.29 ? 23   ILE A CD1 1 
ATOM   187 N N   . LEU A 1 24  ? 7.674   -8.063  1.980   1.00 22.00 ? 24   LEU A N   1 
ATOM   188 C CA  . LEU A 1 24  ? 8.102   -8.866  0.829   1.00 24.05 ? 24   LEU A CA  1 
ATOM   189 C C   . LEU A 1 24  ? 7.529   -8.338  -0.489  1.00 24.44 ? 24   LEU A C   1 
ATOM   190 O O   . LEU A 1 24  ? 8.095   -8.564  -1.566  1.00 23.48 ? 24   LEU A O   1 
ATOM   191 C CB  . LEU A 1 24  ? 7.686   -10.320 1.020   1.00 25.43 ? 24   LEU A CB  1 
ATOM   192 C CG  . LEU A 1 24  ? 8.310   -11.344 0.070   1.00 28.83 ? 24   LEU A CG  1 
ATOM   193 C CD1 . LEU A 1 24  ? 9.840   -11.249 0.099   1.00 27.83 ? 24   LEU A CD1 1 
ATOM   194 C CD2 . LEU A 1 24  ? 7.861   -12.729 0.492   1.00 30.35 ? 24   LEU A CD2 1 
ATOM   195 N N   . GLN A 1 25  ? 6.402   -7.641  -0.401  1.00 21.92 ? 25   GLN A N   1 
ATOM   196 C CA  . GLN A 1 25  ? 5.781   -7.052  -1.579  1.00 21.95 ? 25   GLN A CA  1 
ATOM   197 C C   . GLN A 1 25  ? 6.559   -5.795  -1.981  1.00 21.71 ? 25   GLN A C   1 
ATOM   198 O O   . GLN A 1 25  ? 6.817   -5.565  -3.159  1.00 21.27 ? 25   GLN A O   1 
ATOM   199 C CB  . GLN A 1 25  ? 4.329   -6.679  -1.279  1.00 21.55 ? 25   GLN A CB  1 
ATOM   200 C CG  . GLN A 1 25  ? 3.613   -5.991  -2.437  1.00 22.94 ? 25   GLN A CG  1 
ATOM   201 C CD  . GLN A 1 25  ? 2.200   -5.580  -2.078  1.00 21.64 ? 25   GLN A CD  1 
ATOM   202 O OE1 . GLN A 1 25  ? 1.886   -4.398  -2.001  1.00 24.26 ? 25   GLN A OE1 1 
ATOM   203 N NE2 . GLN A 1 25  ? 1.346   -6.560  -1.849  1.00 17.52 ? 25   GLN A NE2 1 
ATOM   204 N N   . GLU A 1 26  ? 6.928   -4.978  -0.998  1.00 21.97 ? 26   GLU A N   1 
ATOM   205 C CA  . GLU A 1 26  ? 7.675   -3.746  -1.273  1.00 23.46 ? 26   GLU A CA  1 
ATOM   206 C C   . GLU A 1 26  ? 9.099   -4.116  -1.711  1.00 24.30 ? 26   GLU A C   1 
ATOM   207 O O   . GLU A 1 26  ? 9.680   -3.469  -2.595  1.00 22.15 ? 26   GLU A O   1 
ATOM   208 C CB  . GLU A 1 26  ? 7.735   -2.869  -0.009  1.00 22.56 ? 26   GLU A CB  1 
ATOM   209 C CG  . GLU A 1 26  ? 8.212   -1.426  -0.216  1.00 22.80 ? 26   GLU A CG  1 
ATOM   210 C CD  . GLU A 1 26  ? 7.159   -0.515  -0.849  1.00 23.99 ? 26   GLU A CD  1 
ATOM   211 O OE1 . GLU A 1 26  ? 7.459   0.686   -1.051  1.00 22.32 ? 26   GLU A OE1 1 
ATOM   212 O OE2 . GLU A 1 26  ? 6.031   -0.987  -1.135  1.00 23.13 ? 26   GLU A OE2 1 
ATOM   213 N N   . TYR A 1 27  ? 9.640   -5.165  -1.093  1.00 23.15 ? 27   TYR A N   1 
ATOM   214 C CA  . TYR A 1 27  ? 11.002  -5.628  -1.382  1.00 25.59 ? 27   TYR A CA  1 
ATOM   215 C C   . TYR A 1 27  ? 11.059  -7.114  -1.699  1.00 24.63 ? 27   TYR A C   1 
ATOM   216 O O   . TYR A 1 27  ? 11.354  -7.937  -0.830  1.00 23.39 ? 27   TYR A O   1 
ATOM   217 C CB  . TYR A 1 27  ? 11.925  -5.317  -0.200  1.00 24.71 ? 27   TYR A CB  1 
ATOM   218 C CG  . TYR A 1 27  ? 12.080  -3.836  0.052   1.00 26.53 ? 27   TYR A CG  1 
ATOM   219 C CD1 . TYR A 1 27  ? 11.388  -3.201  1.093   1.00 24.08 ? 27   TYR A CD1 1 
ATOM   220 C CD2 . TYR A 1 27  ? 12.866  -3.054  -0.794  1.00 25.20 ? 27   TYR A CD2 1 
ATOM   221 C CE1 . TYR A 1 27  ? 11.473  -1.822  1.279   1.00 26.17 ? 27   TYR A CE1 1 
ATOM   222 C CE2 . TYR A 1 27  ? 12.957  -1.676  -0.621  1.00 27.96 ? 27   TYR A CE2 1 
ATOM   223 C CZ  . TYR A 1 27  ? 12.260  -1.065  0.415   1.00 27.10 ? 27   TYR A CZ  1 
ATOM   224 O OH  . TYR A 1 27  ? 12.347  0.299   0.571   1.00 26.74 ? 27   TYR A OH  1 
ATOM   225 N N   . PRO A 1 28  ? 10.778  -7.475  -2.959  1.00 25.01 ? 28   PRO A N   1 
ATOM   226 C CA  . PRO A 1 28  ? 10.750  -8.868  -3.408  1.00 25.44 ? 28   PRO A CA  1 
ATOM   227 C C   . PRO A 1 28  ? 12.053  -9.632  -3.147  1.00 24.22 ? 28   PRO A C   1 
ATOM   228 O O   . PRO A 1 28  ? 12.047  -10.855 -3.096  1.00 23.52 ? 28   PRO A O   1 
ATOM   229 C CB  . PRO A 1 28  ? 10.436  -8.741  -4.903  1.00 28.32 ? 28   PRO A CB  1 
ATOM   230 C CG  . PRO A 1 28  ? 9.630   -7.465  -4.974  1.00 28.65 ? 28   PRO A CG  1 
ATOM   231 C CD  . PRO A 1 28  ? 10.416  -6.561  -4.061  1.00 25.97 ? 28   PRO A CD  1 
ATOM   232 N N   . ASP A 1 29  ? 13.159  -8.916  -2.963  1.00 24.70 ? 29   ASP A N   1 
ATOM   233 C CA  . ASP A 1 29  ? 14.452  -9.563  -2.711  1.00 26.37 ? 29   ASP A CA  1 
ATOM   234 C C   . ASP A 1 29  ? 14.677  -9.996  -1.258  1.00 25.17 ? 29   ASP A C   1 
ATOM   235 O O   . ASP A 1 29  ? 15.584  -10.780 -0.979  1.00 23.68 ? 29   ASP A O   1 
ATOM   236 C CB  . ASP A 1 29  ? 15.603  -8.644  -3.118  1.00 27.99 ? 29   ASP A CB  1 
ATOM   237 C CG  . ASP A 1 29  ? 15.617  -8.345  -4.604  1.00 31.26 ? 29   ASP A CG  1 
ATOM   238 O OD1 . ASP A 1 29  ? 15.434  -9.288  -5.401  1.00 32.06 ? 29   ASP A OD1 1 
ATOM   239 O OD2 . ASP A 1 29  ? 15.822  -7.167  -4.969  1.00 33.42 ? 29   ASP A OD2 1 
ATOM   240 N N   . GLU A 1 30  ? 13.863  -9.477  -0.339  1.00 25.08 ? 30   GLU A N   1 
ATOM   241 C CA  . GLU A 1 30  ? 13.981  -9.816  1.084   1.00 24.32 ? 30   GLU A CA  1 
ATOM   242 C C   . GLU A 1 30  ? 13.336  -11.177 1.366   1.00 23.89 ? 30   GLU A C   1 
ATOM   243 O O   . GLU A 1 30  ? 12.404  -11.296 2.161   1.00 23.38 ? 30   GLU A O   1 
ATOM   244 C CB  . GLU A 1 30  ? 13.317  -8.719  1.929   1.00 23.66 ? 30   GLU A CB  1 
ATOM   245 C CG  . GLU A 1 30  ? 14.105  -7.397  1.971   1.00 24.34 ? 30   GLU A CG  1 
ATOM   246 C CD  . GLU A 1 30  ? 15.411  -7.505  2.752   1.00 25.23 ? 30   GLU A CD  1 
ATOM   247 O OE1 . GLU A 1 30  ? 16.111  -6.478  2.896   1.00 26.86 ? 30   GLU A OE1 1 
ATOM   248 O OE2 . GLU A 1 30  ? 15.747  -8.613  3.228   1.00 24.81 ? 30   GLU A OE2 1 
ATOM   249 N N   . ILE A 1 31  ? 13.870  -12.212 0.728   1.00 23.08 ? 31   ILE A N   1 
ATOM   250 C CA  . ILE A 1 31  ? 13.323  -13.559 0.834   1.00 22.01 ? 31   ILE A CA  1 
ATOM   251 C C   . ILE A 1 31  ? 13.782  -14.443 1.989   1.00 21.36 ? 31   ILE A C   1 
ATOM   252 O O   . ILE A 1 31  ? 13.192  -15.490 2.225   1.00 21.95 ? 31   ILE A O   1 
ATOM   253 C CB  . ILE A 1 31  ? 13.616  -14.349 -0.464  1.00 24.53 ? 31   ILE A CB  1 
ATOM   254 C CG1 . ILE A 1 31  ? 15.128  -14.544 -0.614  1.00 25.27 ? 31   ILE A CG1 1 
ATOM   255 C CG2 . ILE A 1 31  ? 13.070  -13.593 -1.671  1.00 24.57 ? 31   ILE A CG2 1 
ATOM   256 C CD1 . ILE A 1 31  ? 15.533  -15.522 -1.732  1.00 27.35 ? 31   ILE A CD1 1 
ATOM   257 N N   . SER A 1 32  ? 14.811  -14.029 2.716   1.00 21.14 ? 32   SER A N   1 
ATOM   258 C CA  . SER A 1 32  ? 15.358  -14.880 3.768   1.00 23.95 ? 32   SER A CA  1 
ATOM   259 C C   . SER A 1 32  ? 14.997  -14.584 5.210   1.00 23.66 ? 32   SER A C   1 
ATOM   260 O O   . SER A 1 32  ? 14.763  -15.503 5.999   1.00 23.34 ? 32   SER A O   1 
ATOM   261 C CB  . SER A 1 32  ? 16.878  -14.885 3.682   1.00 25.19 ? 32   SER A CB  1 
ATOM   262 O OG  . SER A 1 32  ? 17.314  -15.157 2.363   1.00 29.17 ? 32   SER A OG  1 
ATOM   263 N N   . ASP A 1 33  ? 14.978  -13.310 5.565   1.00 22.10 ? 33   ASP A N   1 
ATOM   264 C CA  . ASP A 1 33  ? 14.724  -12.966 6.950   1.00 22.13 ? 33   ASP A CA  1 
ATOM   265 C C   . ASP A 1 33  ? 13.280  -12.870 7.386   1.00 20.81 ? 33   ASP A C   1 
ATOM   266 O O   . ASP A 1 33  ? 12.346  -12.915 6.588   1.00 20.28 ? 33   ASP A O   1 
ATOM   267 C CB  . ASP A 1 33  ? 15.466  -11.677 7.300   1.00 21.49 ? 33   ASP A CB  1 
ATOM   268 C CG  . ASP A 1 33  ? 16.966  -11.801 7.091   1.00 26.22 ? 33   ASP A CG  1 
ATOM   269 O OD1 . ASP A 1 33  ? 17.476  -12.943 7.100   1.00 27.52 ? 33   ASP A OD1 1 
ATOM   270 O OD2 . ASP A 1 33  ? 17.636  -10.762 6.925   1.00 27.02 ? 33   ASP A OD2 1 
ATOM   271 N N   . ILE A 1 34  ? 13.122  -12.785 8.698   1.00 20.63 ? 34   ILE A N   1 
ATOM   272 C CA  . ILE A 1 34  ? 11.827  -12.662 9.326   1.00 19.83 ? 34   ILE A CA  1 
ATOM   273 C C   . ILE A 1 34  ? 11.700  -11.184 9.685   1.00 19.24 ? 34   ILE A C   1 
ATOM   274 O O   . ILE A 1 34  ? 12.667  -10.570 10.153  1.00 21.04 ? 34   ILE A O   1 
ATOM   275 C CB  . ILE A 1 34  ? 11.783  -13.485 10.626  1.00 21.40 ? 34   ILE A CB  1 
ATOM   276 C CG1 . ILE A 1 34  ? 11.847  -14.981 10.300  1.00 24.77 ? 34   ILE A CG1 1 
ATOM   277 C CG2 . ILE A 1 34  ? 10.537  -13.115 11.431  1.00 23.72 ? 34   ILE A CG2 1 
ATOM   278 C CD1 . ILE A 1 34  ? 12.172  -15.841 11.519  1.00 27.86 ? 34   ILE A CD1 1 
ATOM   279 N N   . PHE A 1 35  ? 10.525  -10.611 9.457   1.00 18.66 ? 35   PHE A N   1 
ATOM   280 C CA  . PHE A 1 35  ? 10.313  -9.215  9.798   1.00 18.40 ? 35   PHE A CA  1 
ATOM   281 C C   . PHE A 1 35  ? 9.136   -9.063  10.754  1.00 18.84 ? 35   PHE A C   1 
ATOM   282 O O   . PHE A 1 35  ? 8.148   -9.780  10.638  1.00 20.30 ? 35   PHE A O   1 
ATOM   283 C CB  . PHE A 1 35  ? 10.023  -8.379  8.548   1.00 18.88 ? 35   PHE A CB  1 
ATOM   284 C CG  . PHE A 1 35  ? 11.156  -8.342  7.566   1.00 21.00 ? 35   PHE A CG  1 
ATOM   285 C CD1 . PHE A 1 35  ? 11.176  -9.203  6.479   1.00 21.45 ? 35   PHE A CD1 1 
ATOM   286 C CD2 . PHE A 1 35  ? 12.223  -7.470  7.756   1.00 21.08 ? 35   PHE A CD2 1 
ATOM   287 C CE1 . PHE A 1 35  ? 12.253  -9.203  5.588   1.00 21.63 ? 35   PHE A CE1 1 
ATOM   288 C CE2 . PHE A 1 35  ? 13.305  -7.458  6.876   1.00 21.68 ? 35   PHE A CE2 1 
ATOM   289 C CZ  . PHE A 1 35  ? 13.321  -8.327  5.792   1.00 21.14 ? 35   PHE A CZ  1 
ATOM   290 N N   . ARG A 1 36  ? 9.258   -8.134  11.700  1.00 18.80 ? 36   ARG A N   1 
ATOM   291 C CA  . ARG A 1 36  ? 8.178   -7.839  12.635  1.00 19.25 ? 36   ARG A CA  1 
ATOM   292 C C   . ARG A 1 36  ? 7.992   -6.332  12.572  1.00 18.57 ? 36   ARG A C   1 
ATOM   293 O O   . ARG A 1 36  ? 8.943   -5.589  12.816  1.00 18.19 ? 36   ARG A O   1 
ATOM   294 C CB  . ARG A 1 36  ? 8.549   -8.224  14.073  1.00 22.14 ? 36   ARG A CB  1 
ATOM   295 C CG  . ARG A 1 36  ? 9.008   -9.667  14.259  1.00 28.35 ? 36   ARG A CG  1 
ATOM   296 C CD  . ARG A 1 36  ? 7.922   -10.705 13.984  1.00 36.57 ? 36   ARG A CD  1 
ATOM   297 N NE  . ARG A 1 36  ? 8.423   -12.050 14.297  1.00 44.07 ? 36   ARG A NE  1 
ATOM   298 C CZ  . ARG A 1 36  ? 7.821   -13.189 13.963  1.00 46.07 ? 36   ARG A CZ  1 
ATOM   299 N NH1 . ARG A 1 36  ? 6.676   -13.175 13.292  1.00 49.57 ? 36   ARG A NH1 1 
ATOM   300 N NH2 . ARG A 1 36  ? 8.363   -14.349 14.308  1.00 47.19 ? 36   ARG A NH2 1 
ATOM   301 N N   . PRO A 1 37  ? 6.791   -5.862  12.184  1.00 18.28 ? 37   PRO A N   1 
ATOM   302 C CA  . PRO A 1 37  ? 5.680   -6.684  11.690  1.00 17.76 ? 37   PRO A CA  1 
ATOM   303 C C   . PRO A 1 37  ? 6.065   -7.165  10.287  1.00 17.75 ? 37   PRO A C   1 
ATOM   304 O O   . PRO A 1 37  ? 7.026   -6.659  9.705   1.00 18.67 ? 37   PRO A O   1 
ATOM   305 C CB  . PRO A 1 37  ? 4.514   -5.704  11.666  1.00 18.76 ? 37   PRO A CB  1 
ATOM   306 C CG  . PRO A 1 37  ? 5.183   -4.407  11.322  1.00 19.29 ? 37   PRO A CG  1 
ATOM   307 C CD  . PRO A 1 37  ? 6.432   -4.433  12.178  1.00 18.37 ? 37   PRO A CD  1 
ATOM   308 N N   . SER A 1 38  ? 5.329   -8.128  9.745   1.00 16.34 ? 38   SER A N   1 
ATOM   309 C CA  . SER A 1 38  ? 5.655   -8.634  8.412   1.00 16.39 ? 38   SER A CA  1 
ATOM   310 C C   . SER A 1 38  ? 5.085   -7.715  7.325   1.00 16.14 ? 38   SER A C   1 
ATOM   311 O O   . SER A 1 38  ? 5.438   -7.846  6.160   1.00 15.11 ? 38   SER A O   1 
ATOM   312 C CB  . SER A 1 38  ? 5.104   -10.047 8.239   1.00 16.14 ? 38   SER A CB  1 
ATOM   313 O OG  . SER A 1 38  ? 3.697   -10.013 8.286   1.00 17.71 ? 38   SER A OG  1 
ATOM   314 N N   . CYS A 1 39  ? 4.191   -6.801  7.709   1.00 16.81 ? 39   CYS A N   1 
ATOM   315 C CA  . CYS A 1 39  ? 3.606   -5.848  6.764   1.00 16.17 ? 39   CYS A CA  1 
ATOM   316 C C   . CYS A 1 39  ? 3.474   -4.494  7.472   1.00 16.71 ? 39   CYS A C   1 
ATOM   317 O O   . CYS A 1 39  ? 3.548   -4.427  8.700   1.00 18.24 ? 39   CYS A O   1 
ATOM   318 C CB  . CYS A 1 39  ? 2.225   -6.307  6.298   1.00 17.45 ? 39   CYS A CB  1 
ATOM   319 S SG  . CYS A 1 39  ? 0.908   -5.990  7.507   1.00 32.91 ? 39   CYS A SG  1 
ATOM   320 N N   . VAL A 1 40  ? 3.300   -3.426  6.700   1.00 16.28 ? 40   VAL A N   1 
ATOM   321 C CA  . VAL A 1 40  ? 3.135   -2.088  7.267   1.00 17.01 ? 40   VAL A CA  1 
ATOM   322 C C   . VAL A 1 40  ? 1.874   -1.459  6.696   1.00 16.68 ? 40   VAL A C   1 
ATOM   323 O O   . VAL A 1 40  ? 1.371   -1.903  5.671   1.00 18.83 ? 40   VAL A O   1 
ATOM   324 C CB  . VAL A 1 40  ? 4.359   -1.154  6.967   1.00 18.79 ? 40   VAL A CB  1 
ATOM   325 C CG1 . VAL A 1 40  ? 5.633   -1.778  7.524   1.00 18.80 ? 40   VAL A CG1 1 
ATOM   326 C CG2 . VAL A 1 40  ? 4.482   -0.895  5.456   1.00 18.16 ? 40   VAL A CG2 1 
ATOM   327 N N   . ALA A 1 41  ? 1.349   -0.448  7.382   1.00 15.79 ? 41   ALA A N   1 
ATOM   328 C CA  . ALA A 1 41  ? 0.149   0.246   6.933   1.00 16.63 ? 41   ALA A CA  1 
ATOM   329 C C   . ALA A 1 41  ? 0.546   1.652   6.497   1.00 17.20 ? 41   ALA A C   1 
ATOM   330 O O   . ALA A 1 41  ? 1.017   2.461   7.308   1.00 18.64 ? 41   ALA A O   1 
ATOM   331 C CB  . ALA A 1 41  ? -0.882  0.317   8.062   1.00 17.78 ? 41   ALA A CB  1 
ATOM   332 N N   . VAL A 1 42  ? 0.369   1.930   5.211   1.00 16.65 ? 42   VAL A N   1 
ATOM   333 C CA  . VAL A 1 42  ? 0.686   3.238   4.653   1.00 17.18 ? 42   VAL A CA  1 
ATOM   334 C C   . VAL A 1 42  ? -0.435  3.600   3.691   1.00 17.46 ? 42   VAL A C   1 
ATOM   335 O O   . VAL A 1 42  ? -1.291  2.767   3.369   1.00 17.69 ? 42   VAL A O   1 
ATOM   336 C CB  . VAL A 1 42  ? 2.044   3.223   3.898   1.00 17.25 ? 42   VAL A CB  1 
ATOM   337 C CG1 . VAL A 1 42  ? 3.181   2.892   4.867   1.00 18.50 ? 42   VAL A CG1 1 
ATOM   338 C CG2 . VAL A 1 42  ? 1.999   2.199   2.774   1.00 17.62 ? 42   VAL A CG2 1 
ATOM   339 N N   . LEU A 1 43  ? -0.441  4.838   3.222   1.00 17.57 ? 43   LEU A N   1 
ATOM   340 C CA  . LEU A 1 43  ? -1.491  5.269   2.314   1.00 18.83 ? 43   LEU A CA  1 
ATOM   341 C C   . LEU A 1 43  ? -1.240  4.794   0.888   1.00 17.58 ? 43   LEU A C   1 
ATOM   342 O O   . LEU A 1 43  ? -0.143  4.961   0.349   1.00 17.00 ? 43   LEU A O   1 
ATOM   343 C CB  . LEU A 1 43  ? -1.617  6.801   2.366   1.00 20.23 ? 43   LEU A CB  1 
ATOM   344 C CG  . LEU A 1 43  ? -2.019  7.377   3.731   1.00 22.69 ? 43   LEU A CG  1 
ATOM   345 C CD1 . LEU A 1 43  ? -1.986  8.897   3.677   1.00 27.01 ? 43   LEU A CD1 1 
ATOM   346 C CD2 . LEU A 1 43  ? -3.405  6.888   4.112   1.00 20.83 ? 43   LEU A CD2 1 
ATOM   347 N N   . ARG A 1 44  ? -2.251  4.161   0.292   1.00 17.60 ? 44   ARG A N   1 
ATOM   348 C CA  . ARG A 1 44  ? -2.152  3.681   -1.082  1.00 15.79 ? 44   ARG A CA  1 
ATOM   349 C C   . ARG A 1 44  ? -3.484  3.952   -1.771  1.00 17.32 ? 44   ARG A C   1 
ATOM   350 O O   . ARG A 1 44  ? -4.543  3.995   -1.127  1.00 19.15 ? 44   ARG A O   1 
ATOM   351 C CB  . ARG A 1 44  ? -1.831  2.172   -1.135  1.00 17.51 ? 44   ARG A CB  1 
ATOM   352 C CG  . ARG A 1 44  ? -0.433  1.781   -0.606  1.00 16.39 ? 44   ARG A CG  1 
ATOM   353 C CD  . ARG A 1 44  ? 0.674   2.270   -1.564  1.00 17.43 ? 44   ARG A CD  1 
ATOM   354 N NE  . ARG A 1 44  ? 2.043   2.099   -1.045  1.00 16.34 ? 44   ARG A NE  1 
ATOM   355 C CZ  . ARG A 1 44  ? 2.800   1.020   -1.226  1.00 17.54 ? 44   ARG A CZ  1 
ATOM   356 N NH1 . ARG A 1 44  ? 2.347   -0.020  -1.906  1.00 16.86 ? 44   ARG A NH1 1 
ATOM   357 N NH2 . ARG A 1 44  ? 4.040   0.995   -0.759  1.00 18.36 ? 44   ARG A NH2 1 
ATOM   358 N N   . CYS A 1 45  ? -3.432  4.132   -3.084  1.00 17.27 ? 45   CYS A N   1 
ATOM   359 C CA  . CYS A 1 45  ? -4.623  4.412   -3.861  1.00 17.35 ? 45   CYS A CA  1 
ATOM   360 C C   . CYS A 1 45  ? -5.531  3.198   -4.034  1.00 15.33 ? 45   CYS A C   1 
ATOM   361 O O   . CYS A 1 45  ? -5.090  2.143   -4.478  1.00 16.73 ? 45   CYS A O   1 
ATOM   362 C CB  . CYS A 1 45  ? -4.235  4.905   -5.264  1.00 18.45 ? 45   CYS A CB  1 
ATOM   363 S SG  . CYS A 1 45  ? -3.384  6.511   -5.293  1.00 20.48 ? 45   CYS A SG  1 
ATOM   364 N N   . SER A 1 46  ? -6.805  3.362   -3.696  1.00 14.62 ? 46   SER A N   1 
ATOM   365 C CA  . SER A 1 46  ? -7.764  2.286   -3.895  1.00 15.45 ? 46   SER A CA  1 
ATOM   366 C C   . SER A 1 46  ? -9.173  2.849   -3.928  1.00 15.51 ? 46   SER A C   1 
ATOM   367 O O   . SER A 1 46  ? -9.464  3.878   -3.305  1.00 16.82 ? 46   SER A O   1 
ATOM   368 C CB  . SER A 1 46  ? -7.641  1.214   -2.799  1.00 16.24 ? 46   SER A CB  1 
ATOM   369 O OG  . SER A 1 46  ? -8.054  1.691   -1.534  1.00 17.83 ? 46   SER A OG  1 
ATOM   370 N N   . GLY A 1 47  ? -10.041 2.179   -4.672  1.00 16.16 ? 47   GLY A N   1 
ATOM   371 C CA  . GLY A 1 47  ? -11.428 2.601   -4.771  1.00 16.70 ? 47   GLY A CA  1 
ATOM   372 C C   . GLY A 1 47  ? -12.017 2.030   -6.041  1.00 18.01 ? 47   GLY A C   1 
ATOM   373 O O   . GLY A 1 47  ? -11.276 1.578   -6.909  1.00 20.94 ? 47   GLY A O   1 
ATOM   374 N N   . CYS A 1 48  ? -13.340 2.046   -6.166  1.00 18.30 ? 48   CYS A N   1 
ATOM   375 C CA  . CYS A 1 48  ? -13.990 1.512   -7.359  1.00 19.49 ? 48   CYS A CA  1 
ATOM   376 C C   . CYS A 1 48  ? -14.351 2.646   -8.308  1.00 21.99 ? 48   CYS A C   1 
ATOM   377 O O   . CYS A 1 48  ? -15.290 3.388   -8.059  1.00 23.62 ? 48   CYS A O   1 
ATOM   378 C CB  . CYS A 1 48  ? -15.251 0.722   -6.971  1.00 23.86 ? 48   CYS A CB  1 
ATOM   379 S SG  . CYS A 1 48  ? -16.264 1.465   -5.638  1.00 32.91 ? 48   CYS A SG  1 
ATOM   380 N N   . CYS A 1 49  ? -13.600 2.770   -9.399  1.00 20.41 ? 49   CYS A N   1 
ATOM   381 C CA  . CYS A 1 49  ? -13.825 3.825   -10.386 1.00 20.94 ? 49   CYS A CA  1 
ATOM   382 C C   . CYS A 1 49  ? -15.210 3.776   -11.018 1.00 21.78 ? 49   CYS A C   1 
ATOM   383 O O   . CYS A 1 49  ? -15.733 2.695   -11.291 1.00 22.14 ? 49   CYS A O   1 
ATOM   384 C CB  . CYS A 1 49  ? -12.757 3.727   -11.477 1.00 22.53 ? 49   CYS A CB  1 
ATOM   385 S SG  . CYS A 1 49  ? -11.085 4.046   -10.838 1.00 23.00 ? 49   CYS A SG  1 
ATOM   386 N N   . THR A 1 50  ? -15.801 4.948   -11.257 1.00 22.12 ? 50   THR A N   1 
ATOM   387 C CA  . THR A 1 50  ? -17.128 5.016   -11.871 1.00 24.82 ? 50   THR A CA  1 
ATOM   388 C C   . THR A 1 50  ? -17.116 4.221   -13.179 1.00 23.88 ? 50   THR A C   1 
ATOM   389 O O   . THR A 1 50  ? -18.067 3.511   -13.489 1.00 25.26 ? 50   THR A O   1 
ATOM   390 C CB  . THR A 1 50  ? -17.535 6.477   -12.110 1.00 25.68 ? 50   THR A CB  1 
ATOM   391 O OG1 . THR A 1 50  ? -17.661 7.127   -10.839 1.00 28.69 ? 50   THR A OG1 1 
ATOM   392 C CG2 . THR A 1 50  ? -18.860 6.567   -12.855 1.00 27.23 ? 50   THR A CG2 1 
ATOM   393 N N   . ASP A 1 51  ? -16.034 4.337   -13.942 1.00 24.64 ? 51   ASP A N   1 
ATOM   394 C CA  . ASP A 1 51  ? -15.885 3.559   -15.172 1.00 24.66 ? 51   ASP A CA  1 
ATOM   395 C C   . ASP A 1 51  ? -15.205 2.290   -14.679 1.00 24.66 ? 51   ASP A C   1 
ATOM   396 O O   . ASP A 1 51  ? -14.027 2.326   -14.320 1.00 21.99 ? 51   ASP A O   1 
ATOM   397 C CB  . ASP A 1 51  ? -14.956 4.273   -16.162 1.00 26.70 ? 51   ASP A CB  1 
ATOM   398 C CG  . ASP A 1 51  ? -14.749 3.487   -17.445 1.00 28.14 ? 51   ASP A CG  1 
ATOM   399 O OD1 . ASP A 1 51  ? -14.817 2.236   -17.415 1.00 25.62 ? 51   ASP A OD1 1 
ATOM   400 O OD2 . ASP A 1 51  ? -14.491 4.133   -18.486 1.00 30.29 ? 51   ASP A OD2 1 
ATOM   401 N N   . GLU A 1 52  ? -15.938 1.178   -14.661 1.00 23.50 ? 52   GLU A N   1 
ATOM   402 C CA  . GLU A 1 52  ? -15.412 -0.096  -14.160 1.00 27.11 ? 52   GLU A CA  1 
ATOM   403 C C   . GLU A 1 52  ? -14.162 -0.650  -14.843 1.00 26.46 ? 52   GLU A C   1 
ATOM   404 O O   . GLU A 1 52  ? -13.528 -1.566  -14.320 1.00 26.99 ? 52   GLU A O   1 
ATOM   405 C CB  . GLU A 1 52  ? -16.501 -1.167  -14.203 1.00 28.66 ? 52   GLU A CB  1 
ATOM   406 C CG  . GLU A 1 52  ? -17.691 -0.878  -13.315 1.00 33.85 ? 52   GLU A CG  1 
ATOM   407 C CD  . GLU A 1 52  ? -18.712 -1.998  -13.345 1.00 36.78 ? 52   GLU A CD  1 
ATOM   408 O OE1 . GLU A 1 52  ? -19.788 -1.835  -12.739 1.00 37.65 ? 52   GLU A OE1 1 
ATOM   409 O OE2 . GLU A 1 52  ? -18.437 -3.041  -13.980 1.00 38.68 ? 52   GLU A OE2 1 
ATOM   410 N N   . SER A 1 53  ? -13.814 -0.113  -16.004 1.00 26.67 ? 53   SER A N   1 
ATOM   411 C CA  . SER A 1 53  ? -12.639 -0.589  -16.719 1.00 27.18 ? 53   SER A CA  1 
ATOM   412 C C   . SER A 1 53  ? -11.368 0.116   -16.258 1.00 28.27 ? 53   SER A C   1 
ATOM   413 O O   . SER A 1 53  ? -10.261 -0.347  -16.536 1.00 30.01 ? 53   SER A O   1 
ATOM   414 C CB  . SER A 1 53  ? -12.813 -0.387  -18.225 1.00 27.93 ? 53   SER A CB  1 
ATOM   415 O OG  . SER A 1 53  ? -12.885 0.990   -18.551 1.00 29.78 ? 53   SER A OG  1 
ATOM   416 N N   . LEU A 1 54  ? -11.525 1.229   -15.546 1.00 25.61 ? 54   LEU A N   1 
ATOM   417 C CA  . LEU A 1 54  ? -10.378 1.994   -15.073 1.00 24.22 ? 54   LEU A CA  1 
ATOM   418 C C   . LEU A 1 54  ? -9.880  1.526   -13.710 1.00 24.97 ? 54   LEU A C   1 
ATOM   419 O O   . LEU A 1 54  ? -10.649 1.003   -12.896 1.00 24.79 ? 54   LEU A O   1 
ATOM   420 C CB  . LEU A 1 54  ? -10.735 3.475   -15.010 1.00 23.66 ? 54   LEU A CB  1 
ATOM   421 C CG  . LEU A 1 54  ? -11.201 4.075   -16.338 1.00 25.45 ? 54   LEU A CG  1 
ATOM   422 C CD1 . LEU A 1 54  ? -11.428 5.558   -16.166 1.00 23.06 ? 54   LEU A CD1 1 
ATOM   423 C CD2 . LEU A 1 54  ? -10.161 3.812   -17.422 1.00 27.58 ? 54   LEU A CD2 1 
ATOM   424 N N   . LYS A 1 55  ? -8.586  1.733   -13.473 1.00 22.66 ? 55   LYS A N   1 
ATOM   425 C CA  . LYS A 1 55  ? -7.931  1.345   -12.233 1.00 21.99 ? 55   LYS A CA  1 
ATOM   426 C C   . LYS A 1 55  ? -7.571  2.568   -11.408 1.00 20.45 ? 55   LYS A C   1 
ATOM   427 O O   . LYS A 1 55  ? -7.103  3.571   -11.948 1.00 21.32 ? 55   LYS A O   1 
ATOM   428 C CB  . LYS A 1 55  ? -6.640  0.581   -12.545 1.00 24.14 ? 55   LYS A CB  1 
ATOM   429 C CG  . LYS A 1 55  ? -5.899  0.063   -11.311 1.00 29.98 ? 55   LYS A CG  1 
ATOM   430 C CD  . LYS A 1 55  ? -6.333  -1.355  -10.961 1.00 35.22 ? 55   LYS A CD  1 
ATOM   431 C CE  . LYS A 1 55  ? -5.923  -1.752  -9.544  1.00 37.62 ? 55   LYS A CE  1 
ATOM   432 N NZ  . LYS A 1 55  ? -4.547  -1.328  -9.203  1.00 41.10 ? 55   LYS A NZ  1 
ATOM   433 N N   . CYS A 1 56  ? -7.773  2.489   -10.097 1.00 19.77 ? 56   CYS A N   1 
ATOM   434 C CA  . CYS A 1 56  ? -7.420  3.596   -9.215  1.00 19.39 ? 56   CYS A CA  1 
ATOM   435 C C   . CYS A 1 56  ? -5.897  3.540   -9.104  1.00 20.40 ? 56   CYS A C   1 
ATOM   436 O O   . CYS A 1 56  ? -5.327  2.592   -8.547  1.00 19.61 ? 56   CYS A O   1 
ATOM   437 C CB  . CYS A 1 56  ? -8.068  3.403   -7.848  1.00 21.84 ? 56   CYS A CB  1 
ATOM   438 S SG  . CYS A 1 56  ? -7.746  4.726   -6.657  1.00 20.21 ? 56   CYS A SG  1 
ATOM   439 N N   . THR A 1 57  ? -5.240  4.563   -9.627  1.00 19.38 ? 57   THR A N   1 
ATOM   440 C CA  . THR A 1 57  ? -3.783  4.566   -9.659  1.00 22.24 ? 57   THR A CA  1 
ATOM   441 C C   . THR A 1 57  ? -3.168  5.853   -9.147  1.00 20.73 ? 57   THR A C   1 
ATOM   442 O O   . THR A 1 57  ? -3.761  6.922   -9.257  1.00 20.36 ? 57   THR A O   1 
ATOM   443 C CB  . THR A 1 57  ? -3.300  4.332   -11.096 1.00 24.60 ? 57   THR A CB  1 
ATOM   444 O OG1 . THR A 1 57  ? -3.357  5.560   -11.820 1.00 34.70 ? 57   THR A OG1 1 
ATOM   445 C CG2 . THR A 1 57  ? -4.216  3.353   -11.799 1.00 24.67 ? 57   THR A CG2 1 
ATOM   446 N N   . PRO A 1 58  ? -1.960  5.764   -8.568  1.00 20.37 ? 58   PRO A N   1 
ATOM   447 C CA  . PRO A 1 58  ? -1.303  6.950   -8.024  1.00 20.82 ? 58   PRO A CA  1 
ATOM   448 C C   . PRO A 1 58  ? -0.774  7.879   -9.118  1.00 21.26 ? 58   PRO A C   1 
ATOM   449 O O   . PRO A 1 58  ? -0.268  7.411   -10.139 1.00 22.07 ? 58   PRO A O   1 
ATOM   450 C CB  . PRO A 1 58  ? -0.167  6.361   -7.191  1.00 20.13 ? 58   PRO A CB  1 
ATOM   451 C CG  . PRO A 1 58  ? 0.236   5.164   -8.000  1.00 21.70 ? 58   PRO A CG  1 
ATOM   452 C CD  . PRO A 1 58  ? -1.118  4.562   -8.389  1.00 21.40 ? 58   PRO A CD  1 
ATOM   453 N N   . VAL A 1 59  ? -0.931  9.180   -8.906  1.00 23.27 ? 59   VAL A N   1 
ATOM   454 C CA  . VAL A 1 59  ? -0.408  10.186  -9.830  1.00 24.78 ? 59   VAL A CA  1 
ATOM   455 C C   . VAL A 1 59  ? 0.477   11.095  -8.981  1.00 27.74 ? 59   VAL A C   1 
ATOM   456 O O   . VAL A 1 59  ? 1.054   12.069  -9.468  1.00 29.12 ? 59   VAL A O   1 
ATOM   457 C CB  . VAL A 1 59  ? -1.521  11.029  -10.526 1.00 22.49 ? 59   VAL A CB  1 
ATOM   458 C CG1 . VAL A 1 59  ? -2.352  10.136  -11.431 1.00 24.39 ? 59   VAL A CG1 1 
ATOM   459 C CG2 . VAL A 1 59  ? -2.398  11.733  -9.503  1.00 23.01 ? 59   VAL A CG2 1 
ATOM   460 N N   . GLY A 1 60  ? 0.587   10.758  -7.701  1.00 26.15 ? 60   GLY A N   1 
ATOM   461 C CA  . GLY A 1 60  ? 1.426   11.524  -6.801  1.00 28.14 ? 60   GLY A CA  1 
ATOM   462 C C   . GLY A 1 60  ? 1.929   10.591  -5.716  1.00 29.91 ? 60   GLY A C   1 
ATOM   463 O O   . GLY A 1 60  ? 1.174   9.746   -5.237  1.00 28.78 ? 60   GLY A O   1 
ATOM   464 N N   . LYS A 1 61  ? 3.192   10.719  -5.325  1.00 28.63 ? 61   LYS A N   1 
ATOM   465 C CA  . LYS A 1 61  ? 3.714   9.851   -4.284  1.00 30.23 ? 61   LYS A CA  1 
ATOM   466 C C   . LYS A 1 61  ? 4.958   10.405  -3.597  1.00 31.00 ? 61   LYS A C   1 
ATOM   467 O O   . LYS A 1 61  ? 5.605   11.337  -4.088  1.00 28.27 ? 61   LYS A O   1 
ATOM   468 C CB  . LYS A 1 61  ? 4.001   8.461   -4.867  1.00 32.04 ? 61   LYS A CB  1 
ATOM   469 C CG  . LYS A 1 61  ? 5.126   8.406   -5.867  1.00 37.11 ? 61   LYS A CG  1 
ATOM   470 C CD  . LYS A 1 61  ? 4.819   7.469   -7.038  1.00 39.56 ? 61   LYS A CD  1 
ATOM   471 C CE  . LYS A 1 61  ? 4.564   6.042   -6.609  1.00 41.17 ? 61   LYS A CE  1 
ATOM   472 N NZ  . LYS A 1 61  ? 4.448   5.130   -7.794  1.00 41.08 ? 61   LYS A NZ  1 
ATOM   473 N N   . HIS A 1 62  ? 5.267   9.845   -2.436  1.00 29.21 ? 62   HIS A N   1 
ATOM   474 C CA  . HIS A 1 62  ? 6.445   10.247  -1.686  1.00 30.60 ? 62   HIS A CA  1 
ATOM   475 C C   . HIS A 1 62  ? 6.905   9.016   -0.911  1.00 30.40 ? 62   HIS A C   1 
ATOM   476 O O   . HIS A 1 62  ? 6.295   7.950   -1.011  1.00 28.87 ? 62   HIS A O   1 
ATOM   477 C CB  . HIS A 1 62  ? 6.129   11.413  -0.730  1.00 33.20 ? 62   HIS A CB  1 
ATOM   478 C CG  . HIS A 1 62  ? 5.208   11.058  0.396   1.00 37.49 ? 62   HIS A CG  1 
ATOM   479 N ND1 . HIS A 1 62  ? 5.230   11.716  1.605   1.00 40.35 ? 62   HIS A ND1 1 
ATOM   480 C CD2 . HIS A 1 62  ? 4.230   10.126  0.494   1.00 40.02 ? 62   HIS A CD2 1 
ATOM   481 C CE1 . HIS A 1 62  ? 4.307   11.206  2.403   1.00 40.99 ? 62   HIS A CE1 1 
ATOM   482 N NE2 . HIS A 1 62  ? 3.686   10.239  1.753   1.00 41.83 ? 62   HIS A NE2 1 
ATOM   483 N N   . THR A 1 63  ? 7.988   9.140   -0.161  1.00 29.55 ? 63   THR A N   1 
ATOM   484 C CA  . THR A 1 63  ? 8.472   7.995   0.593   1.00 29.66 ? 63   THR A CA  1 
ATOM   485 C C   . THR A 1 63  ? 8.417   8.310   2.069   1.00 29.62 ? 63   THR A C   1 
ATOM   486 O O   . THR A 1 63  ? 8.583   9.465   2.476   1.00 30.14 ? 63   THR A O   1 
ATOM   487 C CB  . THR A 1 63  ? 9.920   7.641   0.215   1.00 31.56 ? 63   THR A CB  1 
ATOM   488 O OG1 . THR A 1 63  ? 10.765  8.760   0.497   1.00 34.20 ? 63   THR A OG1 1 
ATOM   489 C CG2 . THR A 1 63  ? 10.022  7.296   -1.261  1.00 30.27 ? 63   THR A CG2 1 
ATOM   490 N N   . VAL A 1 64  ? 8.138   7.286   2.867   1.00 27.20 ? 64   VAL A N   1 
ATOM   491 C CA  . VAL A 1 64  ? 8.092   7.435   4.312   1.00 26.27 ? 64   VAL A CA  1 
ATOM   492 C C   . VAL A 1 64  ? 9.065   6.410   4.877   1.00 24.33 ? 64   VAL A C   1 
ATOM   493 O O   . VAL A 1 64  ? 9.221   5.326   4.313   1.00 24.71 ? 64   VAL A O   1 
ATOM   494 C CB  . VAL A 1 64  ? 6.681   7.172   4.880   1.00 26.71 ? 64   VAL A CB  1 
ATOM   495 C CG1 . VAL A 1 64  ? 5.760   8.340   4.535   1.00 29.68 ? 64   VAL A CG1 1 
ATOM   496 C CG2 . VAL A 1 64  ? 6.126   5.868   4.319   1.00 26.47 ? 64   VAL A CG2 1 
ATOM   497 N N   . ASP A 1 65  ? 9.735   6.770   5.967   1.00 24.07 ? 65   ASP A N   1 
ATOM   498 C CA  . ASP A 1 65  ? 10.705  5.888   6.617   1.00 24.10 ? 65   ASP A CA  1 
ATOM   499 C C   . ASP A 1 65  ? 10.057  5.280   7.850   1.00 22.52 ? 65   ASP A C   1 
ATOM   500 O O   . ASP A 1 65  ? 9.557   5.987   8.724   1.00 23.63 ? 65   ASP A O   1 
ATOM   501 C CB  . ASP A 1 65  ? 11.957  6.663   7.045   1.00 28.10 ? 65   ASP A CB  1 
ATOM   502 C CG  . ASP A 1 65  ? 12.761  7.185   5.869   1.00 32.80 ? 65   ASP A CG  1 
ATOM   503 O OD1 . ASP A 1 65  ? 13.048  6.407   4.938   1.00 35.18 ? 65   ASP A OD1 1 
ATOM   504 O OD2 . ASP A 1 65  ? 13.117  8.378   5.888   1.00 37.14 ? 65   ASP A OD2 1 
ATOM   505 N N   . ILE A 1 66  ? 10.095  3.960   7.926   1.00 22.37 ? 66   ILE A N   1 
ATOM   506 C CA  . ILE A 1 66  ? 9.472   3.236   9.024   1.00 21.46 ? 66   ILE A CA  1 
ATOM   507 C C   . ILE A 1 66  ? 10.468  2.369   9.796   1.00 19.69 ? 66   ILE A C   1 
ATOM   508 O O   . ILE A 1 66  ? 11.352  1.760   9.205   1.00 20.80 ? 66   ILE A O   1 
ATOM   509 C CB  . ILE A 1 66  ? 8.379   2.290   8.465   1.00 21.41 ? 66   ILE A CB  1 
ATOM   510 C CG1 . ILE A 1 66  ? 7.175   3.086   7.957   1.00 24.98 ? 66   ILE A CG1 1 
ATOM   511 C CG2 . ILE A 1 66  ? 7.989   1.271   9.509   1.00 29.60 ? 66   ILE A CG2 1 
ATOM   512 C CD1 . ILE A 1 66  ? 6.041   2.174   7.447   1.00 26.98 ? 66   ILE A CD1 1 
ATOM   513 N N   . GLN A 1 67  ? 10.317  2.305   11.114  1.00 19.58 ? 67   GLN A N   1 
ATOM   514 C CA  . GLN A 1 67  ? 11.173  1.436   11.915  1.00 20.13 ? 67   GLN A CA  1 
ATOM   515 C C   . GLN A 1 67  ? 10.623  0.016   11.812  1.00 19.74 ? 67   GLN A C   1 
ATOM   516 O O   . GLN A 1 67  ? 9.458   -0.211  12.123  1.00 21.04 ? 67   GLN A O   1 
ATOM   517 C CB  . GLN A 1 67  ? 11.139  1.814   13.387  1.00 21.74 ? 67   GLN A CB  1 
ATOM   518 C CG  . GLN A 1 67  ? 12.136  2.839   13.811  1.00 23.78 ? 67   GLN A CG  1 
ATOM   519 C CD  . GLN A 1 67  ? 12.552  2.627   15.258  1.00 22.95 ? 67   GLN A CD  1 
ATOM   520 O OE1 . GLN A 1 67  ? 11.725  2.674   16.173  1.00 21.88 ? 67   GLN A OE1 1 
ATOM   521 N NE2 . GLN A 1 67  ? 13.835  2.391   15.467  1.00 22.22 ? 67   GLN A NE2 1 
ATOM   522 N N   . ILE A 1 68  ? 11.465  -0.931  11.418  1.00 18.99 ? 68   ILE A N   1 
ATOM   523 C CA  . ILE A 1 68  ? 11.060  -2.334  11.290  1.00 20.98 ? 68   ILE A CA  1 
ATOM   524 C C   . ILE A 1 68  ? 12.071  -3.209  12.033  1.00 20.13 ? 68   ILE A C   1 
ATOM   525 O O   . ILE A 1 68  ? 13.240  -2.835  12.151  1.00 20.79 ? 68   ILE A O   1 
ATOM   526 C CB  . ILE A 1 68  ? 11.057  -2.754  9.806   1.00 23.17 ? 68   ILE A CB  1 
ATOM   527 C CG1 . ILE A 1 68  ? 10.071  -1.881  9.025   1.00 24.86 ? 68   ILE A CG1 1 
ATOM   528 C CG2 . ILE A 1 68  ? 10.703  -4.234  9.672   1.00 27.30 ? 68   ILE A CG2 1 
ATOM   529 C CD1 . ILE A 1 68  ? 8.631   -2.071  9.441   1.00 24.76 ? 68   ILE A CD1 1 
ATOM   530 N N   . MET A 1 69  ? 11.621  -4.351  12.552  1.00 18.23 ? 69   MET A N   1 
ATOM   531 C CA  . MET A 1 69  ? 12.523  -5.267  13.230  1.00 17.97 ? 69   MET A CA  1 
ATOM   532 C C   . MET A 1 69  ? 12.872  -6.399  12.266  1.00 19.10 ? 69   MET A C   1 
ATOM   533 O O   . MET A 1 69  ? 11.981  -7.050  11.700  1.00 19.16 ? 69   MET A O   1 
ATOM   534 C CB  . MET A 1 69  ? 11.879  -5.866  14.490  1.00 18.35 ? 69   MET A CB  1 
ATOM   535 C CG  . MET A 1 69  ? 12.798  -6.847  15.217  1.00 18.84 ? 69   MET A CG  1 
ATOM   536 S SD  . MET A 1 69  ? 11.959  -7.719  16.575  1.00 21.15 ? 69   MET A SD  1 
ATOM   537 C CE  . MET A 1 69  ? 11.765  -6.373  17.741  1.00 20.46 ? 69   MET A CE  1 
ATOM   538 N N   . ARG A 1 70  ? 14.168  -6.607  12.058  1.00 18.72 ? 70   ARG A N   1 
ATOM   539 C CA  . ARG A 1 70  ? 14.644  -7.672  11.200  1.00 18.36 ? 70   ARG A CA  1 
ATOM   540 C C   . ARG A 1 70  ? 15.122  -8.771  12.133  1.00 19.46 ? 70   ARG A C   1 
ATOM   541 O O   . ARG A 1 70  ? 15.924  -8.527  13.040  1.00 19.33 ? 70   ARG A O   1 
ATOM   542 C CB  . ARG A 1 70  ? 15.827  -7.218  10.335  1.00 19.98 ? 70   ARG A CB  1 
ATOM   543 C CG  . ARG A 1 70  ? 16.379  -8.346  9.456   1.00 21.28 ? 70   ARG A CG  1 
ATOM   544 C CD  . ARG A 1 70  ? 17.585  -7.880  8.645   1.00 22.04 ? 70   ARG A CD  1 
ATOM   545 N NE  . ARG A 1 70  ? 17.217  -6.822  7.707   1.00 21.95 ? 70   ARG A NE  1 
ATOM   546 C CZ  . ARG A 1 70  ? 16.883  -7.024  6.438   1.00 22.63 ? 70   ARG A CZ  1 
ATOM   547 N NH1 . ARG A 1 70  ? 16.882  -8.254  5.936   1.00 23.06 ? 70   ARG A NH1 1 
ATOM   548 N NH2 . ARG A 1 70  ? 16.516  -5.993  5.680   1.00 20.89 ? 70   ARG A NH2 1 
ATOM   549 N N   . VAL A 1 71  ? 14.623  -9.975  11.907  1.00 17.88 ? 71   VAL A N   1 
ATOM   550 C CA  . VAL A 1 71  ? 15.000  -11.096 12.738  1.00 20.72 ? 71   VAL A CA  1 
ATOM   551 C C   . VAL A 1 71  ? 15.742  -12.149 11.937  1.00 21.56 ? 71   VAL A C   1 
ATOM   552 O O   . VAL A 1 71  ? 15.255  -12.618 10.911  1.00 20.41 ? 71   VAL A O   1 
ATOM   553 C CB  . VAL A 1 71  ? 13.768  -11.747 13.392  1.00 20.15 ? 71   VAL A CB  1 
ATOM   554 C CG1 . VAL A 1 71  ? 14.202  -12.968 14.202  1.00 21.65 ? 71   VAL A CG1 1 
ATOM   555 C CG2 . VAL A 1 71  ? 13.062  -10.728 14.314  1.00 19.80 ? 71   VAL A CG2 1 
ATOM   556 N N   . ASN A 1 72  ? 16.922  -12.519 12.426  1.00 24.43 ? 72   ASN A N   1 
ATOM   557 C CA  . ASN A 1 72  ? 17.752  -13.537 11.784  1.00 26.98 ? 72   ASN A CA  1 
ATOM   558 C C   . ASN A 1 72  ? 17.064  -14.887 11.949  1.00 28.92 ? 72   ASN A C   1 
ATOM   559 O O   . ASN A 1 72  ? 16.878  -15.368 13.064  1.00 28.12 ? 72   ASN A O   1 
ATOM   560 C CB  . ASN A 1 72  ? 19.132  -13.572 12.447  1.00 28.79 ? 72   ASN A CB  1 
ATOM   561 C CG  . ASN A 1 72  ? 20.091  -14.532 11.754  1.00 29.70 ? 72   ASN A CG  1 
ATOM   562 O OD1 . ASN A 1 72  ? 19.754  -15.680 11.493  1.00 31.16 ? 72   ASN A OD1 1 
ATOM   563 N ND2 . ASN A 1 72  ? 21.293  -14.059 11.464  1.00 32.89 ? 72   ASN A ND2 1 
ATOM   564 N N   . PRO A 1 73  ? 16.673  -15.525 10.837  1.00 31.25 ? 73   PRO A N   1 
ATOM   565 C CA  . PRO A 1 73  ? 15.926  -16.782 10.918  1.00 33.68 ? 73   PRO A CA  1 
ATOM   566 C C   . PRO A 1 73  ? 16.660  -17.965 11.550  1.00 36.14 ? 73   PRO A C   1 
ATOM   567 O O   . PRO A 1 73  ? 16.022  -18.899 12.030  1.00 37.95 ? 73   PRO A O   1 
ATOM   568 C CB  . PRO A 1 73  ? 15.524  -17.037 9.464   1.00 33.27 ? 73   PRO A CB  1 
ATOM   569 C CG  . PRO A 1 73  ? 16.636  -16.411 8.696   1.00 32.22 ? 73   PRO A CG  1 
ATOM   570 C CD  . PRO A 1 73  ? 16.862  -15.114 9.435   1.00 33.72 ? 73   PRO A CD  1 
ATOM   571 N N   . ARG A 1 74  ? 17.986  -17.934 11.570  1.00 37.72 ? 74   ARG A N   1 
ATOM   572 C CA  . ARG A 1 74  ? 18.720  -19.045 12.168  1.00 41.27 ? 74   ARG A CA  1 
ATOM   573 C C   . ARG A 1 74  ? 19.087  -18.809 13.636  1.00 40.62 ? 74   ARG A C   1 
ATOM   574 O O   . ARG A 1 74  ? 18.988  -19.722 14.452  1.00 41.93 ? 74   ARG A O   1 
ATOM   575 C CB  . ARG A 1 74  ? 19.982  -19.367 11.354  1.00 43.37 ? 74   ARG A CB  1 
ATOM   576 C CG  . ARG A 1 74  ? 21.011  -18.252 11.278  1.00 48.63 ? 74   ARG A CG  1 
ATOM   577 C CD  . ARG A 1 74  ? 22.326  -18.751 10.677  1.00 53.24 ? 74   ARG A CD  1 
ATOM   578 N NE  . ARG A 1 74  ? 23.279  -17.664 10.465  1.00 56.01 ? 74   ARG A NE  1 
ATOM   579 C CZ  . ARG A 1 74  ? 23.131  -16.707 9.552   1.00 58.09 ? 74   ARG A CZ  1 
ATOM   580 N NH1 . ARG A 1 74  ? 22.064  -16.704 8.756   1.00 58.44 ? 74   ARG A NH1 1 
ATOM   581 N NH2 . ARG A 1 74  ? 24.042  -15.746 9.440   1.00 58.07 ? 74   ARG A NH2 1 
ATOM   582 N N   . THR A 1 75  ? 19.490  -17.586 13.976  1.00 40.03 ? 75   THR A N   1 
ATOM   583 C CA  . THR A 1 75  ? 19.865  -17.267 15.354  1.00 38.43 ? 75   THR A CA  1 
ATOM   584 C C   . THR A 1 75  ? 18.717  -16.628 16.147  1.00 37.39 ? 75   THR A C   1 
ATOM   585 O O   . THR A 1 75  ? 18.748  -16.597 17.372  1.00 35.97 ? 75   THR A O   1 
ATOM   586 C CB  . THR A 1 75  ? 21.066  -16.300 15.392  1.00 39.23 ? 75   THR A CB  1 
ATOM   587 O OG1 . THR A 1 75  ? 20.631  -14.981 15.038  1.00 37.46 ? 75   THR A OG1 1 
ATOM   588 C CG2 . THR A 1 75  ? 22.144  -16.746 14.414  1.00 38.38 ? 75   THR A CG2 1 
ATOM   589 N N   . GLN A 1 76  ? 17.710  -16.127 15.439  1.00 35.53 ? 76   GLN A N   1 
ATOM   590 C CA  . GLN A 1 76  ? 16.557  -15.465 16.051  1.00 34.50 ? 76   GLN A CA  1 
ATOM   591 C C   . GLN A 1 76  ? 16.912  -14.124 16.689  1.00 31.05 ? 76   GLN A C   1 
ATOM   592 O O   . GLN A 1 76  ? 16.124  -13.561 17.439  1.00 29.91 ? 76   GLN A O   1 
ATOM   593 C CB  . GLN A 1 76  ? 15.885  -16.368 17.094  1.00 38.58 ? 76   GLN A CB  1 
ATOM   594 C CG  . GLN A 1 76  ? 15.094  -17.529 16.496  1.00 43.27 ? 76   GLN A CG  1 
ATOM   595 C CD  . GLN A 1 76  ? 13.965  -17.071 15.583  1.00 46.79 ? 76   GLN A CD  1 
ATOM   596 O OE1 . GLN A 1 76  ? 13.023  -16.397 16.018  1.00 47.82 ? 76   GLN A OE1 1 
ATOM   597 N NE2 . GLN A 1 76  ? 14.054  -17.437 14.306  1.00 49.10 ? 76   GLN A NE2 1 
ATOM   598 N N   . SER A 1 77  ? 18.098  -13.613 16.381  1.00 29.07 ? 77   SER A N   1 
ATOM   599 C CA  . SER A 1 77  ? 18.533  -12.331 16.905  1.00 27.96 ? 77   SER A CA  1 
ATOM   600 C C   . SER A 1 77  ? 17.782  -11.200 16.211  1.00 25.76 ? 77   SER A C   1 
ATOM   601 O O   . SER A 1 77  ? 17.612  -11.224 14.995  1.00 25.96 ? 77   SER A O   1 
ATOM   602 C CB  . SER A 1 77  ? 20.036  -12.158 16.677  1.00 27.81 ? 77   SER A CB  1 
ATOM   603 O OG  . SER A 1 77  ? 20.453  -10.864 17.069  1.00 26.87 ? 77   SER A OG  1 
ATOM   604 N N   . SER A 1 78  ? 17.345  -10.209 16.984  1.00 24.72 ? 78   SER A N   1 
ATOM   605 C CA  . SER A 1 78  ? 16.614  -9.064  16.446  1.00 22.24 ? 78   SER A CA  1 
ATOM   606 C C   . SER A 1 78  ? 17.481  -7.814  16.299  1.00 22.16 ? 78   SER A C   1 
ATOM   607 O O   . SER A 1 78  ? 18.417  -7.594  17.068  1.00 20.28 ? 78   SER A O   1 
ATOM   608 C CB  . SER A 1 78  ? 15.438  -8.704  17.367  1.00 22.39 ? 78   SER A CB  1 
ATOM   609 O OG  . SER A 1 78  ? 14.471  -9.735  17.424  1.00 22.56 ? 78   SER A OG  1 
ATOM   610 N N   . LYS A 1 79  ? 17.142  -6.989  15.318  1.00 21.45 ? 79   LYS A N   1 
ATOM   611 C CA  . LYS A 1 79  ? 17.834  -5.726  15.093  1.00 23.10 ? 79   LYS A CA  1 
ATOM   612 C C   . LYS A 1 79  ? 16.861  -4.750  14.432  1.00 23.15 ? 79   LYS A C   1 
ATOM   613 O O   . LYS A 1 79  ? 16.149  -5.127  13.502  1.00 24.18 ? 79   LYS A O   1 
ATOM   614 C CB  . LYS A 1 79  ? 19.066  -5.929  14.209  1.00 26.19 ? 79   LYS A CB  1 
ATOM   615 C CG  . LYS A 1 79  ? 19.901  -4.668  14.069  1.00 32.53 ? 79   LYS A CG  1 
ATOM   616 C CD  . LYS A 1 79  ? 21.250  -4.932  13.420  1.00 37.03 ? 79   LYS A CD  1 
ATOM   617 C CE  . LYS A 1 79  ? 21.940  -3.615  13.110  1.00 41.09 ? 79   LYS A CE  1 
ATOM   618 N NZ  . LYS A 1 79  ? 21.983  -2.704  14.296  1.00 41.95 ? 79   LYS A NZ  1 
ATOM   619 N N   . MET A 1 80  ? 16.809  -3.513  14.922  1.00 21.18 ? 80   MET A N   1 
ATOM   620 C CA  . MET A 1 80  ? 15.908  -2.510  14.353  1.00 23.25 ? 80   MET A CA  1 
ATOM   621 C C   . MET A 1 80  ? 16.573  -1.822  13.172  1.00 24.42 ? 80   MET A C   1 
ATOM   622 O O   . MET A 1 80  ? 17.792  -1.610  13.161  1.00 24.40 ? 80   MET A O   1 
ATOM   623 C CB  . MET A 1 80  ? 15.553  -1.428  15.385  1.00 23.77 ? 80   MET A CB  1 
ATOM   624 C CG  . MET A 1 80  ? 14.988  -1.931  16.698  1.00 24.63 ? 80   MET A CG  1 
ATOM   625 S SD  . MET A 1 80  ? 13.558  -3.008  16.502  1.00 29.32 ? 80   MET A SD  1 
ATOM   626 C CE  . MET A 1 80  ? 12.520  -1.966  15.505  1.00 23.33 ? 80   MET A CE  1 
ATOM   627 N N   . GLU A 1 81  ? 15.773  -1.469  12.176  1.00 23.57 ? 81   GLU A N   1 
ATOM   628 C CA  . GLU A 1 81  ? 16.300  -0.761  11.023  1.00 25.12 ? 81   GLU A CA  1 
ATOM   629 C C   . GLU A 1 81  ? 15.217  0.118   10.429  1.00 25.86 ? 81   GLU A C   1 
ATOM   630 O O   . GLU A 1 81  ? 14.032  -0.060  10.711  1.00 24.98 ? 81   GLU A O   1 
ATOM   631 C CB  . GLU A 1 81  ? 16.830  -1.738  9.975   1.00 27.59 ? 81   GLU A CB  1 
ATOM   632 C CG  . GLU A 1 81  ? 15.794  -2.644  9.342   1.00 28.87 ? 81   GLU A CG  1 
ATOM   633 C CD  . GLU A 1 81  ? 16.424  -3.585  8.325   1.00 31.42 ? 81   GLU A CD  1 
ATOM   634 O OE1 . GLU A 1 81  ? 16.131  -3.459  7.113   1.00 31.82 ? 81   GLU A OE1 1 
ATOM   635 O OE2 . GLU A 1 81  ? 17.225  -4.450  8.741   1.00 31.05 ? 81   GLU A OE2 1 
ATOM   636 N N   . VAL A 1 82  ? 15.637  1.086   9.627   1.00 24.06 ? 82   VAL A N   1 
ATOM   637 C CA  . VAL A 1 82  ? 14.710  1.991   8.988   1.00 24.15 ? 82   VAL A CA  1 
ATOM   638 C C   . VAL A 1 82  ? 14.474  1.452   7.589   1.00 23.85 ? 82   VAL A C   1 
ATOM   639 O O   . VAL A 1 82  ? 15.419  1.126   6.866   1.00 23.17 ? 82   VAL A O   1 
ATOM   640 C CB  . VAL A 1 82  ? 15.293  3.414   8.933   1.00 25.66 ? 82   VAL A CB  1 
ATOM   641 C CG1 . VAL A 1 82  ? 14.339  4.355   8.203   1.00 26.18 ? 82   VAL A CG1 1 
ATOM   642 C CG2 . VAL A 1 82  ? 15.525  3.914   10.356  1.00 26.93 ? 82   VAL A CG2 1 
ATOM   643 N N   . MET A 1 83  ? 13.209  1.323   7.223   1.00 22.18 ? 83   MET A N   1 
ATOM   644 C CA  . MET A 1 83  ? 12.856  0.818   5.905   1.00 23.13 ? 83   MET A CA  1 
ATOM   645 C C   . MET A 1 83  ? 11.951  1.816   5.202   1.00 22.25 ? 83   MET A C   1 
ATOM   646 O O   . MET A 1 83  ? 10.985  2.322   5.786   1.00 20.52 ? 83   MET A O   1 
ATOM   647 C CB  . MET A 1 83  ? 12.147  -0.532  6.026   1.00 23.64 ? 83   MET A CB  1 
ATOM   648 C CG  . MET A 1 83  ? 11.904  -1.207  4.690   1.00 27.16 ? 83   MET A CG  1 
ATOM   649 S SD  . MET A 1 83  ? 11.272  -2.895  4.836   1.00 31.49 ? 83   MET A SD  1 
ATOM   650 C CE  . MET A 1 83  ? 12.717  -3.766  5.338   1.00 29.30 ? 83   MET A CE  1 
ATOM   651 N N   . LYS A 1 84  ? 12.269  2.096   3.940   1.00 23.20 ? 84   LYS A N   1 
ATOM   652 C CA  . LYS A 1 84  ? 11.495  3.046   3.151   1.00 23.00 ? 84   LYS A CA  1 
ATOM   653 C C   . LYS A 1 84  ? 10.322  2.394   2.444   1.00 20.80 ? 84   LYS A C   1 
ATOM   654 O O   . LYS A 1 84  ? 10.439  1.288   1.932   1.00 19.05 ? 84   LYS A O   1 
ATOM   655 C CB  . LYS A 1 84  ? 12.388  3.724   2.101   1.00 24.89 ? 84   LYS A CB  1 
ATOM   656 C CG  . LYS A 1 84  ? 13.430  4.653   2.703   1.00 32.64 ? 84   LYS A CG  1 
ATOM   657 C CD  . LYS A 1 84  ? 14.270  5.355   1.639   1.00 37.07 ? 84   LYS A CD  1 
ATOM   658 C CE  . LYS A 1 84  ? 15.295  6.261   2.304   1.00 39.03 ? 84   LYS A CE  1 
ATOM   659 N NZ  . LYS A 1 84  ? 16.111  5.510   3.316   1.00 42.35 ? 84   LYS A NZ  1 
ATOM   660 N N   . PHE A 1 85  ? 9.192   3.093   2.430   1.00 21.36 ? 85   PHE A N   1 
ATOM   661 C CA  . PHE A 1 85  ? 7.998   2.615   1.750   1.00 20.93 ? 85   PHE A CA  1 
ATOM   662 C C   . PHE A 1 85  ? 7.383   3.765   0.966   1.00 21.20 ? 85   PHE A C   1 
ATOM   663 O O   . PHE A 1 85  ? 7.379   4.910   1.427   1.00 22.04 ? 85   PHE A O   1 
ATOM   664 C CB  . PHE A 1 85  ? 6.953   2.091   2.736   1.00 22.37 ? 85   PHE A CB  1 
ATOM   665 C CG  . PHE A 1 85  ? 7.343   0.807   3.400   1.00 19.59 ? 85   PHE A CG  1 
ATOM   666 C CD1 . PHE A 1 85  ? 8.153   0.813   4.527   1.00 19.94 ? 85   PHE A CD1 1 
ATOM   667 C CD2 . PHE A 1 85  ? 6.926   -0.408  2.876   1.00 21.33 ? 85   PHE A CD2 1 
ATOM   668 C CE1 . PHE A 1 85  ? 8.547   -0.380  5.123   1.00 22.39 ? 85   PHE A CE1 1 
ATOM   669 C CE2 . PHE A 1 85  ? 7.313   -1.607  3.460   1.00 22.95 ? 85   PHE A CE2 1 
ATOM   670 C CZ  . PHE A 1 85  ? 8.125   -1.594  4.586   1.00 22.61 ? 85   PHE A CZ  1 
ATOM   671 N N   . THR A 1 86  ? 6.893   3.449   -0.227  1.00 21.23 ? 86   THR A N   1 
ATOM   672 C CA  . THR A 1 86  ? 6.221   4.429   -1.067  1.00 21.93 ? 86   THR A CA  1 
ATOM   673 C C   . THR A 1 86  ? 4.824   4.662   -0.502  1.00 22.72 ? 86   THR A C   1 
ATOM   674 O O   . THR A 1 86  ? 4.140   3.720   -0.093  1.00 21.91 ? 86   THR A O   1 
ATOM   675 C CB  . THR A 1 86  ? 6.064   3.913   -2.497  1.00 24.53 ? 86   THR A CB  1 
ATOM   676 O OG1 . THR A 1 86  ? 7.350   3.846   -3.114  1.00 24.94 ? 86   THR A OG1 1 
ATOM   677 C CG2 . THR A 1 86  ? 5.134   4.825   -3.307  1.00 23.77 ? 86   THR A CG2 1 
ATOM   678 N N   . GLU A 1 87  ? 4.411   5.920   -0.454  1.00 21.30 ? 87   GLU A N   1 
ATOM   679 C CA  . GLU A 1 87  ? 3.085   6.267   0.020   1.00 22.17 ? 87   GLU A CA  1 
ATOM   680 C C   . GLU A 1 87  ? 2.489   7.100   -1.098  1.00 23.75 ? 87   GLU A C   1 
ATOM   681 O O   . GLU A 1 87  ? 3.195   7.908   -1.713  1.00 23.99 ? 87   GLU A O   1 
ATOM   682 C CB  . GLU A 1 87  ? 3.169   7.079   1.314   1.00 24.42 ? 87   GLU A CB  1 
ATOM   683 C CG  . GLU A 1 87  ? 1.826   7.417   1.899   1.00 27.09 ? 87   GLU A CG  1 
ATOM   684 C CD  . GLU A 1 87  ? 1.903   7.746   3.370   1.00 28.13 ? 87   GLU A CD  1 
ATOM   685 O OE1 . GLU A 1 87  ? 2.299   8.882   3.709   1.00 29.21 ? 87   GLU A OE1 1 
ATOM   686 O OE2 . GLU A 1 87  ? 1.572   6.857   4.182   1.00 27.17 ? 87   GLU A OE2 1 
ATOM   687 N N   . HIS A 1 88  ? 1.206   6.893   -1.372  1.00 21.77 ? 88   HIS A N   1 
ATOM   688 C CA  . HIS A 1 88  ? 0.517   7.614   -2.432  1.00 22.49 ? 88   HIS A CA  1 
ATOM   689 C C   . HIS A 1 88  ? -0.135  8.867   -1.882  1.00 22.74 ? 88   HIS A C   1 
ATOM   690 O O   . HIS A 1 88  ? -0.791  8.825   -0.844  1.00 23.99 ? 88   HIS A O   1 
ATOM   691 C CB  . HIS A 1 88  ? -0.538  6.707   -3.079  1.00 20.58 ? 88   HIS A CB  1 
ATOM   692 C CG  . HIS A 1 88  ? 0.035   5.509   -3.763  1.00 21.63 ? 88   HIS A CG  1 
ATOM   693 N ND1 . HIS A 1 88  ? -0.746  4.477   -4.240  1.00 20.12 ? 88   HIS A ND1 1 
ATOM   694 C CD2 . HIS A 1 88  ? 1.317   5.177   -4.055  1.00 19.67 ? 88   HIS A CD2 1 
ATOM   695 C CE1 . HIS A 1 88  ? 0.029   3.564   -4.798  1.00 22.35 ? 88   HIS A CE1 1 
ATOM   696 N NE2 . HIS A 1 88  ? 1.285   3.965   -4.699  1.00 19.60 ? 88   HIS A NE2 1 
ATOM   697 N N   . THR A 1 89  ? 0.053   9.983   -2.580  1.00 23.59 ? 89   THR A N   1 
ATOM   698 C CA  . THR A 1 89  ? -0.522  11.253  -2.151  1.00 25.75 ? 89   THR A CA  1 
ATOM   699 C C   . THR A 1 89  ? -1.680  11.732  -3.028  1.00 23.83 ? 89   THR A C   1 
ATOM   700 O O   . THR A 1 89  ? -2.494  12.541  -2.587  1.00 26.20 ? 89   THR A O   1 
ATOM   701 C CB  . THR A 1 89  ? 0.545   12.354  -2.120  1.00 25.31 ? 89   THR A CB  1 
ATOM   702 O OG1 . THR A 1 89  ? 1.135   12.475  -3.417  1.00 27.63 ? 89   THR A OG1 1 
ATOM   703 C CG2 . THR A 1 89  ? 1.625   12.017  -1.101  1.00 30.03 ? 89   THR A CG2 1 
ATOM   704 N N   . ALA A 1 90  ? -1.754  11.240  -4.259  1.00 22.30 ? 90   ALA A N   1 
ATOM   705 C CA  . ALA A 1 90  ? -2.822  11.636  -5.176  1.00 24.23 ? 90   ALA A CA  1 
ATOM   706 C C   . ALA A 1 90  ? -3.169  10.449  -6.054  1.00 22.80 ? 90   ALA A C   1 
ATOM   707 O O   . ALA A 1 90  ? -2.294  9.687   -6.444  1.00 23.67 ? 90   ALA A O   1 
ATOM   708 C CB  . ALA A 1 90  ? -2.372  12.824  -6.046  1.00 24.24 ? 90   ALA A CB  1 
ATOM   709 N N   . CYS A 1 91  ? -4.446  10.314  -6.390  1.00 21.03 ? 91   CYS A N   1 
ATOM   710 C CA  . CYS A 1 91  ? -4.896  9.178   -7.185  1.00 21.11 ? 91   CYS A CA  1 
ATOM   711 C C   . CYS A 1 91  ? -5.855  9.575   -8.297  1.00 21.79 ? 91   CYS A C   1 
ATOM   712 O O   . CYS A 1 91  ? -6.584  10.555  -8.176  1.00 23.22 ? 91   CYS A O   1 
ATOM   713 C CB  . CYS A 1 91  ? -5.640  8.183   -6.286  1.00 20.75 ? 91   CYS A CB  1 
ATOM   714 S SG  . CYS A 1 91  ? -4.831  7.797   -4.712  1.00 24.96 ? 91   CYS A SG  1 
ATOM   715 N N   . GLU A 1 92  ? -5.865  8.788   -9.364  1.00 20.65 ? 92   GLU A N   1 
ATOM   716 C CA  . GLU A 1 92  ? -6.772  9.014   -10.473 1.00 22.24 ? 92   GLU A CA  1 
ATOM   717 C C   . GLU A 1 92  ? -7.184  7.683   -11.056 1.00 21.16 ? 92   GLU A C   1 
ATOM   718 O O   . GLU A 1 92  ? -6.462  6.692   -10.947 1.00 22.56 ? 92   GLU A O   1 
ATOM   719 C CB  . GLU A 1 92  ? -6.107  9.852   -11.574 1.00 25.05 ? 92   GLU A CB  1 
ATOM   720 C CG  . GLU A 1 92  ? -5.859  11.302  -11.177 1.00 30.50 ? 92   GLU A CG  1 
ATOM   721 C CD  . GLU A 1 92  ? -5.384  12.169  -12.340 1.00 34.01 ? 92   GLU A CD  1 
ATOM   722 O OE1 . GLU A 1 92  ? -5.062  13.356  -12.099 1.00 37.80 ? 92   GLU A OE1 1 
ATOM   723 O OE2 . GLU A 1 92  ? -5.333  11.667  -13.484 1.00 34.70 ? 92   GLU A OE2 1 
ATOM   724 N N   . CYS A 1 93  ? -8.367  7.656   -11.657 1.00 21.68 ? 93   CYS A N   1 
ATOM   725 C CA  . CYS A 1 93  ? -8.850  6.466   -12.324 1.00 21.41 ? 93   CYS A CA  1 
ATOM   726 C C   . CYS A 1 93  ? -8.220  6.498   -13.710 1.00 22.66 ? 93   CYS A C   1 
ATOM   727 O O   . CYS A 1 93  ? -8.532  7.373   -14.517 1.00 23.17 ? 93   CYS A O   1 
ATOM   728 C CB  . CYS A 1 93  ? -10.368 6.498   -12.408 1.00 21.14 ? 93   CYS A CB  1 
ATOM   729 S SG  . CYS A 1 93  ? -11.053 6.076   -10.782 1.00 24.64 ? 93   CYS A SG  1 
ATOM   730 N N   . ARG A 1 94  ? -7.337  5.540   -13.968 1.00 23.84 ? 94   ARG A N   1 
ATOM   731 C CA  . ARG A 1 94  ? -6.611  5.476   -15.230 1.00 26.73 ? 94   ARG A CA  1 
ATOM   732 C C   . ARG A 1 94  ? -6.801  4.173   -16.000 1.00 27.01 ? 94   ARG A C   1 
ATOM   733 O O   . ARG A 1 94  ? -7.051  3.106   -15.419 1.00 24.10 ? 94   ARG A O   1 
ATOM   734 C CB  . ARG A 1 94  ? -5.118  5.694   -14.961 1.00 29.43 ? 94   ARG A CB  1 
ATOM   735 C CG  . ARG A 1 94  ? -4.764  7.061   -14.368 1.00 34.16 ? 94   ARG A CG  1 
ATOM   736 C CD  . ARG A 1 94  ? -5.086  8.177   -15.348 1.00 38.45 ? 94   ARG A CD  1 
ATOM   737 N NE  . ARG A 1 94  ? -4.616  9.499   -14.921 1.00 43.55 ? 94   ARG A NE  1 
ATOM   738 C CZ  . ARG A 1 94  ? -3.347  9.897   -14.967 1.00 45.72 ? 94   ARG A CZ  1 
ATOM   739 N NH1 . ARG A 1 94  ? -2.408  9.076   -15.416 1.00 47.31 ? 94   ARG A NH1 1 
ATOM   740 N NH2 . ARG A 1 94  ? -3.015  11.125  -14.581 1.00 46.36 ? 94   ARG A NH2 1 
ATOM   741 N N   . PRO A 1 95  ? -6.674  4.240   -17.334 1.00 27.50 ? 95   PRO A N   1 
ATOM   742 C CA  . PRO A 1 95  ? -6.831  3.037   -18.152 1.00 28.95 ? 95   PRO A CA  1 
ATOM   743 C C   . PRO A 1 95  ? -5.624  2.121   -18.064 1.00 30.55 ? 95   PRO A C   1 
ATOM   744 O O   . PRO A 1 95  ? -4.487  2.588   -17.966 1.00 30.67 ? 95   PRO A O   1 
ATOM   745 C CB  . PRO A 1 95  ? -7.038  3.605   -19.559 1.00 28.34 ? 95   PRO A CB  1 
ATOM   746 C CG  . PRO A 1 95  ? -6.201  4.840   -19.537 1.00 28.81 ? 95   PRO A CG  1 
ATOM   747 C CD  . PRO A 1 95  ? -6.508  5.439   -18.177 1.00 29.31 ? 95   PRO A CD  1 
ATOM   748 N N   . ARG A 1 96  ? -5.880  0.819   -18.066 1.00 32.34 ? 96   ARG A N   1 
ATOM   749 C CA  . ARG A 1 96  ? -4.822  -0.183  -18.025 1.00 35.82 ? 96   ARG A CA  1 
ATOM   750 C C   . ARG A 1 96  ? -4.610  -0.606  -19.469 1.00 37.75 ? 96   ARG A C   1 
ATOM   751 O O   . ARG A 1 96  ? -5.358  -1.429  -20.001 1.00 37.11 ? 96   ARG A O   1 
ATOM   752 C CB  . ARG A 1 96  ? -5.250  -1.394  -17.204 1.00 38.75 ? 96   ARG A CB  1 
ATOM   753 C CG  . ARG A 1 96  ? -4.248  -2.538  -17.220 1.00 44.29 ? 96   ARG A CG  1 
ATOM   754 C CD  . ARG A 1 96  ? -4.798  -3.768  -16.506 1.00 48.87 ? 96   ARG A CD  1 
ATOM   755 N NE  . ARG A 1 96  ? -4.963  -3.548  -15.071 1.00 52.71 ? 96   ARG A NE  1 
ATOM   756 C CZ  . ARG A 1 96  ? -3.954  -3.370  -14.222 1.00 54.20 ? 96   ARG A CZ  1 
ATOM   757 N NH1 . ARG A 1 96  ? -2.700  -3.386  -14.658 1.00 56.18 ? 96   ARG A NH1 1 
ATOM   758 N NH2 . ARG A 1 96  ? -4.196  -3.173  -12.935 1.00 55.53 ? 96   ARG A NH2 1 
ATOM   759 N N   . ARG A 1 97  ? -3.597  -0.032  -20.108 1.00 37.05 ? 97   ARG A N   1 
ATOM   760 C CA  . ARG A 1 97  ? -3.318  -0.346  -21.504 1.00 39.38 ? 97   ARG A CA  1 
ATOM   761 C C   . ARG A 1 97  ? -3.019  -1.826  -21.707 1.00 40.38 ? 97   ARG A C   1 
ATOM   762 O O   . ARG A 1 97  ? -2.346  -2.455  -20.888 1.00 40.93 ? 97   ARG A O   1 
ATOM   763 C CB  . ARG A 1 97  ? -2.135  0.493   -21.996 1.00 37.95 ? 97   ARG A CB  1 
ATOM   764 C CG  . ARG A 1 97  ? -1.896  0.410   -23.491 1.00 39.52 ? 97   ARG A CG  1 
ATOM   765 C CD  . ARG A 1 97  ? -0.724  1.290   -23.888 1.00 38.76 ? 97   ARG A CD  1 
ATOM   766 N NE  . ARG A 1 97  ? 0.539   0.764   -23.390 1.00 39.25 ? 97   ARG A NE  1 
ATOM   767 C CZ  . ARG A 1 97  ? 1.261   -0.161  -24.018 1.00 40.78 ? 97   ARG A CZ  1 
ATOM   768 N NH1 . ARG A 1 97  ? 0.845   -0.661  -25.176 1.00 38.31 ? 97   ARG A NH1 1 
ATOM   769 N NH2 . ARG A 1 97  ? 2.398   -0.589  -23.484 1.00 40.87 ? 97   ARG A NH2 1 
ATOM   770 N N   . LYS A 1 98  ? -3.523  -2.390  -22.799 1.00 43.42 ? 98   LYS A N   1 
ATOM   771 C CA  . LYS A 1 98  ? -3.256  -3.794  -23.086 1.00 45.97 ? 98   LYS A CA  1 
ATOM   772 C C   . LYS A 1 98  ? -1.826  -3.942  -23.617 1.00 47.10 ? 98   LYS A C   1 
ATOM   773 O O   . LYS A 1 98  ? -1.512  -3.486  -24.716 1.00 47.53 ? 98   LYS A O   1 
ATOM   774 C CB  . LYS A 1 98  ? -4.270  -4.339  -24.100 1.00 46.92 ? 98   LYS A CB  1 
ATOM   775 C CG  . LYS A 1 98  ? -4.383  -3.542  -25.391 1.00 49.62 ? 98   LYS A CG  1 
ATOM   776 C CD  . LYS A 1 98  ? -5.534  -4.072  -26.248 1.00 51.34 ? 98   LYS A CD  1 
ATOM   777 C CE  . LYS A 1 98  ? -5.707  -3.269  -27.534 1.00 51.48 ? 98   LYS A CE  1 
ATOM   778 N NZ  . LYS A 1 98  ? -4.548  -3.441  -28.457 1.00 52.62 ? 98   LYS A NZ  1 
ATOM   779 N N   . GLN A 1 99  ? -0.965  -4.562  -22.814 1.00 47.64 ? 99   GLN A N   1 
ATOM   780 C CA  . GLN A 1 99  ? 0.434   -4.779  -23.174 1.00 49.33 ? 99   GLN A CA  1 
ATOM   781 C C   . GLN A 1 99  ? 0.546   -5.863  -24.248 1.00 50.75 ? 99   GLN A C   1 
ATOM   782 O O   . GLN A 1 99  ? -0.324  -6.730  -24.363 1.00 49.88 ? 99   GLN A O   1 
ATOM   783 C CB  . GLN A 1 99  ? 1.231   -5.201  -21.930 1.00 48.76 ? 99   GLN A CB  1 
ATOM   784 C CG  . GLN A 1 99  ? 1.094   -4.248  -20.746 1.00 48.10 ? 99   GLN A CG  1 
ATOM   785 C CD  . GLN A 1 99  ? 1.837   -2.936  -20.947 1.00 47.89 ? 99   GLN A CD  1 
ATOM   786 O OE1 . GLN A 1 99  ? 1.401   -1.881  -20.472 1.00 45.98 ? 99   GLN A OE1 1 
ATOM   787 N NE2 . GLN A 1 99  ? 2.975   -2.997  -21.637 1.00 46.90 ? 99   GLN A NE2 1 
ATOM   788 N N   . GLY A 1 100 ? 1.617   -5.812  -25.035 1.00 51.98 ? 100  GLY A N   1 
ATOM   789 C CA  . GLY A 1 100 ? 1.799   -6.808  -26.076 1.00 53.76 ? 100  GLY A CA  1 
ATOM   790 C C   . GLY A 1 100 ? 0.916   -6.562  -27.284 1.00 54.98 ? 100  GLY A C   1 
ATOM   791 O O   . GLY A 1 100 ? 0.378   -5.441  -27.413 1.00 56.35 ? 100  GLY A O   1 
HETATM 792 C C   . TRS B 2 .   ? -11.636 -2.933  -6.306  1.00 59.97 ? 1173 TRS A C   1 
HETATM 793 C C1  . TRS B 2 .   ? -10.615 -2.116  -5.465  1.00 60.24 ? 1173 TRS A C1  1 
HETATM 794 C C2  . TRS B 2 .   ? -12.434 -1.936  -6.899  1.00 58.88 ? 1173 TRS A C2  1 
HETATM 795 C C3  . TRS B 2 .   ? -12.379 -3.864  -5.359  1.00 59.99 ? 1173 TRS A C3  1 
HETATM 796 N N   . TRS B 2 .   ? -10.916 -3.735  -7.327  1.00 60.32 ? 1173 TRS A N   1 
HETATM 797 O O1  . TRS B 2 .   ? -9.667  -2.766  -4.782  1.00 61.62 ? 1173 TRS A O1  1 
HETATM 798 O O2  . TRS B 2 .   ? -13.488 -2.329  -7.763  1.00 57.05 ? 1173 TRS A O2  1 
HETATM 799 O O3  . TRS B 2 .   ? -13.161 -3.434  -4.276  1.00 60.68 ? 1173 TRS A O3  1 
HETATM 800 O O   . HOH C 3 .   ? 16.118  -5.677  -7.022  1.00 36.09 ? 1001 HOH A O   1 
HETATM 801 O O   . HOH C 3 .   ? 0.787   6.612   6.556   1.00 31.64 ? 1002 HOH A O   1 
HETATM 802 O O   . HOH C 3 .   ? -1.022  3.912   8.885   1.00 32.03 ? 1003 HOH A O   1 
HETATM 803 O O   . HOH C 3 .   ? -1.536  5.444   7.014   1.00 44.03 ? 1004 HOH A O   1 
HETATM 804 O O   . HOH C 3 .   ? -18.905 3.183   0.969   1.00 17.97 ? 1005 HOH A O   1 
HETATM 805 O O   . HOH C 3 .   ? -4.929  -3.463  2.704   1.00 16.25 ? 1006 HOH A O   1 
HETATM 806 O O   . HOH C 3 .   ? 6.641   -9.585  4.302   1.00 20.35 ? 1007 HOH A O   1 
HETATM 807 O O   . HOH C 3 .   ? -8.614  -0.023  -6.144  1.00 20.31 ? 1008 HOH A O   1 
HETATM 808 O O   . HOH C 3 .   ? 4.834   -0.860  -20.876 1.00 23.20 ? 1009 HOH A O   1 
HETATM 809 O O   . HOH C 3 .   ? 8.397   -11.961 7.909   1.00 21.07 ? 1010 HOH A O   1 
HETATM 810 O O   . HOH C 3 .   ? 11.082  -12.492 4.258   1.00 23.30 ? 1011 HOH A O   1 
HETATM 811 O O   . HOH C 3 .   ? 3.583   -9.389  11.723  1.00 21.49 ? 1012 HOH A O   1 
HETATM 812 O O   . HOH C 3 .   ? -14.091 6.517   -13.665 1.00 23.18 ? 1013 HOH A O   1 
HETATM 813 O O   . HOH C 3 .   ? 15.860  -11.297 3.695   1.00 22.33 ? 1014 HOH A O   1 
HETATM 814 O O   . HOH C 3 .   ? -6.554  0.152   0.284   1.00 25.51 ? 1015 HOH A O   1 
HETATM 815 O O   . HOH C 3 .   ? -11.716 0.633   -10.294 1.00 22.06 ? 1016 HOH A O   1 
HETATM 816 O O   . HOH C 3 .   ? 4.160   -2.446  -2.565  1.00 20.03 ? 1017 HOH A O   1 
HETATM 817 O O   . HOH C 3 .   ? 16.205  2.126   13.433  1.00 23.92 ? 1018 HOH A O   1 
HETATM 818 O O   . HOH C 3 .   ? -0.654  -3.630  -0.761  1.00 20.75 ? 1019 HOH A O   1 
HETATM 819 O O   . HOH C 3 .   ? -15.688 0.148   -10.334 1.00 23.67 ? 1020 HOH A O   1 
HETATM 820 O O   . HOH C 3 .   ? -8.167  1.497   5.252   0.50 20.91 ? 1021 HOH A O   1 
HETATM 821 O O   . HOH C 3 .   ? -6.652  -1.800  4.054   1.00 34.54 ? 1022 HOH A O   1 
HETATM 822 O O   . HOH C 3 .   ? 6.072   -6.844  -5.458  1.00 32.16 ? 1023 HOH A O   1 
HETATM 823 O O   . HOH C 3 .   ? 18.513  -11.430 3.754   1.00 36.32 ? 1024 HOH A O   1 
HETATM 824 O O   . HOH C 3 .   ? 1.800   -9.211  -2.046  1.00 48.24 ? 1025 HOH A O   1 
HETATM 825 O O   . HOH C 3 .   ? -5.125  -4.103  0.094   1.00 19.74 ? 1026 HOH A O   1 
HETATM 826 O O   . HOH C 3 .   ? 4.313   -11.184 4.181   1.00 30.06 ? 1027 HOH A O   1 
HETATM 827 O O   . HOH C 3 .   ? -27.225 10.754  -0.745  1.00 30.96 ? 1028 HOH A O   1 
HETATM 828 O O   . HOH C 3 .   ? -6.585  10.702  -2.048  1.00 32.44 ? 1029 HOH A O   1 
HETATM 829 O O   . HOH C 3 .   ? 16.159  -17.988 5.832   1.00 29.71 ? 1030 HOH A O   1 
HETATM 830 O O   . HOH C 3 .   ? -14.167 10.839  -2.389  1.00 27.57 ? 1031 HOH A O   1 
HETATM 831 O O   . HOH C 3 .   ? -9.085  4.368   5.583   1.00 39.97 ? 1032 HOH A O   1 
HETATM 832 O O   . HOH C 3 .   ? 7.011   -12.125 10.934  1.00 25.44 ? 1033 HOH A O   1 
HETATM 833 O O   . HOH C 3 .   ? -7.190  5.919   5.339   1.00 22.65 ? 1034 HOH A O   1 
HETATM 834 O O   . HOH C 3 .   ? -8.826  7.898   3.070   1.00 34.29 ? 1035 HOH A O   1 
HETATM 835 O O   . HOH C 3 .   ? -19.716 4.928   -9.142  1.00 42.71 ? 1036 HOH A O   1 
HETATM 836 O O   . HOH C 3 .   ? -8.448  0.006   -18.441 1.00 40.47 ? 1037 HOH A O   1 
HETATM 837 O O   . HOH C 3 .   ? -16.967 5.026   -6.885  1.00 32.05 ? 1038 HOH A O   1 
HETATM 838 O O   . HOH C 3 .   ? -16.304 7.085   -8.122  1.00 38.14 ? 1039 HOH A O   1 
HETATM 839 O O   . HOH C 3 .   ? 18.538  -4.585  10.942  1.00 38.36 ? 1040 HOH A O   1 
HETATM 840 O O   . HOH C 3 .   ? 15.883  -1.298  5.750   1.00 40.45 ? 1041 HOH A O   1 
HETATM 841 O O   . HOH C 3 .   ? 20.743  -6.211  17.371  1.00 28.85 ? 1042 HOH A O   1 
HETATM 842 O O   . HOH C 3 .   ? -2.579  1.436   -5.255  1.00 27.99 ? 1043 HOH A O   1 
HETATM 843 O O   . HOH C 3 .   ? -6.499  11.519  -4.833  1.00 30.71 ? 1044 HOH A O   1 
HETATM 844 O O   . HOH C 3 .   ? 2.608   -9.823  5.738   1.00 25.72 ? 1045 HOH A O   1 
HETATM 845 O O   . HOH C 3 .   ? -5.969  -0.081  -5.992  1.00 42.10 ? 1046 HOH A O   1 
HETATM 846 O O   . HOH C 3 .   ? 14.700  1.191   2.684   1.00 29.08 ? 1047 HOH A O   1 
HETATM 847 O O   . HOH C 3 .   ? -14.491 7.627   -10.985 1.00 28.19 ? 1048 HOH A O   1 
HETATM 848 O O   . HOH C 3 .   ? -0.965  -1.878  -18.729 1.00 39.06 ? 1049 HOH A O   1 
HETATM 849 O O   . HOH C 3 .   ? -3.026  1.027   -7.689  1.00 39.82 ? 1050 HOH A O   1 
HETATM 850 O O   . HOH C 3 .   ? 4.861   -4.336  -23.027 1.00 49.21 ? 1051 HOH A O   1 
HETATM 851 O O   . HOH C 3 .   ? 3.930   -10.324 -0.358  1.00 36.21 ? 1052 HOH A O   1 
HETATM 852 O O   . HOH C 3 .   ? -13.611 6.734   -7.992  1.00 20.45 ? 1053 HOH A O   1 
HETATM 853 O O   . HOH C 3 .   ? -0.253  -1.376  -2.281  1.00 30.63 ? 1054 HOH A O   1 
HETATM 854 O O   . HOH C 3 .   ? 15.951  -5.609  -1.215  1.00 35.83 ? 1055 HOH A O   1 
HETATM 855 O O   . HOH C 3 .   ? -9.241  0.349   -9.006  1.00 22.14 ? 1056 HOH A O   1 
HETATM 856 O O   . HOH C 3 .   ? 13.905  -5.926  -2.718  1.00 26.59 ? 1057 HOH A O   1 
HETATM 857 O O   . HOH C 3 .   ? 20.723  -9.243  14.545  1.00 39.11 ? 1058 HOH A O   1 
HETATM 858 O O   . HOH C 3 .   ? 21.904  -11.250 19.245  1.00 31.72 ? 1059 HOH A O   1 
HETATM 859 O O   . HOH C 3 .   ? -18.511 1.456   -15.790 1.00 40.59 ? 1060 HOH A O   1 
HETATM 860 O O   . HOH C 3 .   ? -8.737  -2.238  -9.370  1.00 42.43 ? 1061 HOH A O   1 
HETATM 861 O O   . HOH C 3 .   ? 18.896  -6.833  3.015   1.00 41.04 ? 1062 HOH A O   1 
HETATM 862 O O   . HOH C 3 .   ? -14.705 11.222  2.805   1.00 43.28 ? 1063 HOH A O   1 
HETATM 863 O O   . HOH C 3 .   ? 7.142   -10.277 -3.460  1.00 39.48 ? 1064 HOH A O   1 
HETATM 864 O O   . HOH C 3 .   ? 18.384  -12.440 1.330   1.00 46.35 ? 1065 HOH A O   1 
HETATM 865 O O   . HOH C 3 .   ? -29.774 7.640   4.050   1.00 31.91 ? 1066 HOH A O   1 
HETATM 866 O O   . HOH C 3 .   ? 15.751  -11.790 -5.285  1.00 31.60 ? 1067 HOH A O   1 
HETATM 867 O O   . HOH C 3 .   ? 18.631  -9.104  12.656  1.00 30.66 ? 1068 HOH A O   1 
HETATM 868 O O   . HOH C 3 .   ? 18.648  -2.220  16.945  0.50 22.91 ? 1069 HOH A O   1 
HETATM 869 O O   . HOH C 3 .   ? -21.716 7.255   -9.904  1.00 45.57 ? 1070 HOH A O   1 
HETATM 870 O O   . HOH C 3 .   ? -5.172  -6.430  3.341   1.00 29.76 ? 1071 HOH A O   1 
HETATM 871 O O   . HOH C 3 .   ? 18.622  1.363   9.315   1.00 34.87 ? 1072 HOH A O   1 
HETATM 872 O O   . HOH C 3 .   ? 4.787   12.495  -6.946  1.00 32.09 ? 1073 HOH A O   1 
HETATM 873 O O   . HOH C 3 .   ? -23.472 11.864  5.431   1.00 43.52 ? 1074 HOH A O   1 
HETATM 874 O O   . HOH C 3 .   ? 3.126   -11.674 1.655   1.00 34.95 ? 1075 HOH A O   1 
HETATM 875 O O   . HOH C 3 .   ? 18.904  0.231   15.592  1.00 42.23 ? 1076 HOH A O   1 
HETATM 876 O O   . HOH C 3 .   ? 19.460  -17.325 6.868   1.00 56.20 ? 1077 HOH A O   1 
HETATM 877 O O   . HOH C 3 .   ? -14.127 6.788   -18.604 1.00 40.66 ? 1078 HOH A O   1 
HETATM 878 O O   . HOH C 3 .   ? -10.308 9.930   -11.088 1.00 38.89 ? 1079 HOH A O   1 
HETATM 879 O O   . HOH C 3 .   ? 16.572  2.993   5.077   1.00 62.59 ? 1080 HOH A O   1 
HETATM 880 O O   . HOH C 3 .   ? -13.331 -1.395  -10.374 1.00 44.20 ? 1081 HOH A O   1 
HETATM 881 O O   . HOH C 3 .   ? 19.321  4.157   8.395   1.00 48.91 ? 1082 HOH A O   1 
HETATM 882 O O   . HOH C 3 .   ? -16.324 9.599   -7.621  1.00 42.50 ? 1083 HOH A O   1 
HETATM 883 O O   . HOH C 3 .   ? 9.833   1.548   -1.801  1.00 40.43 ? 1084 HOH A O   1 
HETATM 884 O O   . HOH C 3 .   ? 8.854   9.279   7.009   1.00 41.85 ? 1085 HOH A O   1 
HETATM 885 O O   . HOH C 3 .   ? 7.357   -7.650  20.741  1.00 59.57 ? 1086 HOH A O   1 
HETATM 886 O O   . HOH C 3 .   ? 8.138   -7.586  18.103  1.00 44.76 ? 1087 HOH A O   1 
HETATM 887 O O   . HOH C 3 .   ? 15.742  5.003   13.465  1.00 46.55 ? 1088 HOH A O   1 
HETATM 888 O O   . HOH C 3 .   ? 8.541   6.052   -4.589  1.00 48.56 ? 1089 HOH A O   1 
HETATM 889 O O   . HOH C 3 .   ? -2.582  -0.666  -3.502  1.00 47.80 ? 1090 HOH A O   1 
HETATM 890 O O   . HOH C 3 .   ? -6.262  8.043   6.232   1.00 44.87 ? 1091 HOH A O   1 
HETATM 891 O O   . HOH C 3 .   ? 8.308   -1.654  -4.378  1.00 46.85 ? 1092 HOH A O   1 
HETATM 892 O O   . HOH C 3 .   ? 19.178  -18.457 19.515  1.00 51.40 ? 1093 HOH A O   1 
HETATM 893 O O   . HOH C 3 .   ? 7.695   13.201  -4.033  1.00 41.42 ? 1094 HOH A O   1 
HETATM 894 O O   . HOH C 3 .   ? 2.604   3.281   9.462   1.00 37.26 ? 1095 HOH A O   1 
HETATM 895 O O   . HOH C 3 .   ? 9.820   -12.132 -3.677  1.00 40.07 ? 1096 HOH A O   1 
HETATM 896 O O   . HOH C 3 .   ? -19.329 5.687   3.210   1.00 39.13 ? 1097 HOH A O   1 
HETATM 897 O O   . HOH C 3 .   ? -1.264  -7.091  -0.864  1.00 42.26 ? 1098 HOH A O   1 
HETATM 898 O O   . HOH C 3 .   ? -8.245  -2.879  -14.022 1.00 55.46 ? 1099 HOH A O   1 
HETATM 899 O O   . HOH C 3 .   ? 17.424  6.595   11.808  1.00 43.93 ? 1100 HOH A O   1 
HETATM 900 O O   . HOH C 3 .   ? 4.343   0.454   -4.868  1.00 61.94 ? 1101 HOH A O   1 
HETATM 901 O O   . HOH C 3 .   ? -14.016 8.019   -15.842 1.00 44.17 ? 1102 HOH A O   1 
HETATM 902 O O   . HOH C 3 .   ? 10.255  -16.069 14.603  1.00 55.61 ? 1103 HOH A O   1 
HETATM 903 O O   . HOH C 3 .   ? -10.799 1.753   -20.359 1.00 56.23 ? 1104 HOH A O   1 
HETATM 904 O O   . HOH C 3 .   ? -31.871 6.050   8.340   1.00 40.43 ? 1105 HOH A O   1 
HETATM 905 O O   . HOH C 3 .   ? 18.797  2.210   12.285  1.00 48.53 ? 1106 HOH A O   1 
HETATM 906 O O   . HOH C 3 .   ? 19.804  -10.231 5.714   1.00 50.44 ? 1107 HOH A O   1 
HETATM 907 O O   . HOH C 3 .   ? -24.298 8.566   8.058   1.00 45.41 ? 1108 HOH A O   1 
HETATM 908 O O   . HOH C 3 .   ? 15.005  1.395   -0.034  1.00 46.76 ? 1109 HOH A O   1 
HETATM 909 O O   . HOH C 3 .   ? -5.079  -1.748  -2.744  1.00 51.00 ? 1110 HOH A O   1 
HETATM 910 O O   . HOH C 3 .   ? -23.883 12.872  2.412   1.00 53.49 ? 1111 HOH A O   1 
HETATM 911 O O   . HOH C 3 .   ? 6.664   0.915   -4.070  1.00 48.15 ? 1112 HOH A O   1 
HETATM 912 O O   . HOH C 3 .   ? -14.011 10.730  -7.596  1.00 50.48 ? 1113 HOH A O   1 
HETATM 913 O O   . HOH C 3 .   ? 9.734   11.484  -0.796  1.00 49.52 ? 1114 HOH A O   1 
HETATM 914 O O   . HOH C 3 .   ? 5.253   -11.764 -2.396  1.00 45.69 ? 1115 HOH A O   1 
HETATM 915 O O   . HOH C 3 .   ? 0.422   11.459  3.314   1.00 47.55 ? 1116 HOH A O   1 
HETATM 916 O O   . HOH C 3 .   ? -18.099 10.414  -4.853  1.00 41.86 ? 1117 HOH A O   1 
HETATM 917 O O   . HOH C 3 .   ? -2.127  -6.485  1.666   1.00 39.68 ? 1118 HOH A O   1 
HETATM 918 O O   . HOH C 3 .   ? -3.615  6.930   7.682   1.00 52.07 ? 1119 HOH A O   1 
HETATM 919 O O   . HOH C 3 .   ? -0.146  11.884  -14.378 1.00 44.84 ? 1120 HOH A O   1 
HETATM 920 O O   . HOH C 3 .   ? 1.527   11.808  -12.458 1.00 45.33 ? 1121 HOH A O   1 
HETATM 921 O O   . HOH C 3 .   ? -19.005 6.842   5.525   1.00 50.76 ? 1122 HOH A O   1 
HETATM 922 O O   . HOH C 3 .   ? -5.727  13.558  -8.052  1.00 41.10 ? 1123 HOH A O   1 
HETATM 923 O O   . HOH C 3 .   ? 0.269   14.562  -8.087  1.00 59.92 ? 1124 HOH A O   1 
HETATM 924 O O   . HOH C 3 .   ? -18.569 3.224   -18.044 1.00 52.93 ? 1125 HOH A O   1 
HETATM 925 O O   . HOH C 3 .   ? -1.924  10.701  0.741   1.00 36.54 ? 1126 HOH A O   1 
HETATM 926 O O   . HOH C 3 .   ? 22.575  -13.367 14.669  1.00 48.81 ? 1127 HOH A O   1 
HETATM 927 O O   . HOH C 3 .   ? 20.083  -7.088  10.877  1.00 43.97 ? 1128 HOH A O   1 
HETATM 928 O O   . HOH C 3 .   ? -6.052  10.291  4.654   1.00 52.76 ? 1129 HOH A O   1 
HETATM 929 O O   . HOH C 3 .   ? -10.665 12.458  -3.440  1.00 52.83 ? 1130 HOH A O   1 
HETATM 930 O O   . HOH C 3 .   ? 5.419   -11.718 20.315  1.00 62.63 ? 1131 HOH A O   1 
HETATM 931 O O   . HOH C 3 .   ? -12.629 8.923   -9.214  1.00 50.95 ? 1132 HOH A O   1 
HETATM 932 O O   . HOH C 3 .   ? -19.243 9.206   -10.351 1.00 52.83 ? 1133 HOH A O   1 
HETATM 933 O O   . HOH C 3 .   ? 7.596   3.960   -7.294  1.00 58.16 ? 1134 HOH A O   1 
HETATM 934 O O   . HOH C 3 .   ? -21.117 14.786  -0.616  1.00 57.68 ? 1135 HOH A O   1 
HETATM 935 O O   . HOH C 3 .   ? -8.986  8.306   -17.190 1.00 54.78 ? 1136 HOH A O   1 
HETATM 936 O O   . HOH C 3 .   ? 21.123  -7.824  8.222   1.00 62.82 ? 1137 HOH A O   1 
HETATM 937 O O   . HOH C 3 .   ? 13.957  -4.319  -4.675  1.00 51.46 ? 1138 HOH A O   1 
HETATM 938 O O   . HOH C 3 .   ? -11.893 9.743   -6.959  1.00 49.48 ? 1139 HOH A O   1 
HETATM 939 O O   . HOH C 3 .   ? -9.919  10.154  3.734   1.00 45.74 ? 1140 HOH A O   1 
HETATM 940 O O   . HOH C 3 .   ? -8.770  10.330  1.143   1.00 49.80 ? 1141 HOH A O   1 
HETATM 941 O O   . HOH C 3 .   ? 20.331  -13.935 4.484   1.00 44.45 ? 1142 HOH A O   1 
HETATM 942 O O   . HOH C 3 .   ? -17.889 9.484   5.390   1.00 49.22 ? 1143 HOH A O   1 
HETATM 943 O O   . HOH C 3 .   ? -2.168  15.658  -8.297  1.00 55.12 ? 1144 HOH A O   1 
HETATM 944 O O   . HOH C 3 .   ? 3.544   -4.955  -6.575  1.00 59.84 ? 1145 HOH A O   1 
HETATM 945 O O   . HOH C 3 .   ? -3.122  -4.555  -1.612  1.00 47.27 ? 1146 HOH A O   1 
HETATM 946 O O   . HOH C 3 .   ? 18.102  -7.270  -0.819  1.00 55.24 ? 1147 HOH A O   1 
HETATM 947 O O   . HOH C 3 .   ? 8.225   8.596   -4.113  1.00 40.62 ? 1148 HOH A O   1 
HETATM 948 O O   . HOH C 3 .   ? 2.889   8.498   -9.456  1.00 48.06 ? 1149 HOH A O   1 
HETATM 949 O O   . HOH C 3 .   ? 4.898   -2.687  -5.091  1.00 58.41 ? 1150 HOH A O   1 
HETATM 950 O O   . HOH C 3 .   ? -10.400 -2.334  -12.703 1.00 53.84 ? 1151 HOH A O   1 
HETATM 951 O O   . HOH C 3 .   ? 19.766  -11.672 8.873   1.00 52.18 ? 1152 HOH A O   1 
HETATM 952 O O   . HOH C 3 .   ? -7.064  0.693   -22.720 1.00 55.86 ? 1153 HOH A O   1 
HETATM 953 O O   . HOH C 3 .   ? 17.493  5.710   6.767   1.00 52.56 ? 1154 HOH A O   1 
HETATM 954 O O   . HOH C 3 .   ? 16.950  7.497   8.714   1.00 58.79 ? 1155 HOH A O   1 
HETATM 955 O O   . HOH C 3 .   ? -3.221  -1.372  -11.424 1.00 54.52 ? 1156 HOH A O   1 
HETATM 956 O O   . HOH C 3 .   ? -12.921 3.320   -20.835 1.00 59.80 ? 1157 HOH A O   1 
HETATM 957 O O   . HOH C 3 .   ? -16.362 8.771   -14.969 1.00 51.64 ? 1158 HOH A O   1 
HETATM 958 O O   . HOH C 3 .   ? -17.983 6.820   -16.278 1.00 48.85 ? 1159 HOH A O   1 
HETATM 959 O O   . HOH C 3 .   ? 7.558   -12.432 16.523  1.00 45.15 ? 1160 HOH A O   1 
HETATM 960 O O   . HOH C 3 .   ? -32.395 8.531   6.505   1.00 56.91 ? 1161 HOH A O   1 
HETATM 961 O O   . HOH C 3 .   ? 8.517   11.583  5.148   1.00 49.86 ? 1162 HOH A O   1 
HETATM 962 O O   . HOH C 3 .   ? -13.471 11.339  0.343   1.00 61.67 ? 1163 HOH A O   1 
HETATM 963 O O   . HOH C 3 .   ? -7.514  -5.357  3.293   1.00 42.28 ? 1164 HOH A O   1 
HETATM 964 O O   . HOH C 3 .   ? 0.230   -6.047  -5.620  1.00 58.35 ? 1165 HOH A O   1 
HETATM 965 O O   . HOH C 3 .   ? 7.109   -10.517 18.024  1.00 51.90 ? 1166 HOH A O   1 
HETATM 966 O O   . HOH C 3 .   ? -5.094  -0.774  -24.434 1.00 50.22 ? 1167 HOH A O   1 
HETATM 967 O O   . HOH C 3 .   ? -6.834  -6.109  -0.639  0.50 37.63 ? 1168 HOH A O   1 
HETATM 968 O O   . HOH C 3 .   ? -17.634 5.327   -4.741  1.00 47.34 ? 1169 HOH A O   1 
HETATM 969 O O   . HOH C 3 .   ? 22.569  -7.335  15.675  1.00 49.95 ? 1170 HOH A O   1 
HETATM 970 O O   . HOH C 3 .   ? 15.575  -1.466  3.017   1.00 38.26 ? 1171 HOH A O   1 
HETATM 971 O O   . HOH C 3 .   ? 15.730  -3.698  1.653   1.00 43.82 ? 1172 HOH A O   1 
# 
